data_1TXJ
# 
_entry.id   1TXJ 
# 
_audit_conform.dict_name       mmcif_pdbx.dic 
_audit_conform.dict_version    5.386 
_audit_conform.dict_location   http://mmcif.pdb.org/dictionaries/ascii/mmcif_pdbx.dic 
# 
loop_
_database_2.database_id 
_database_2.database_code 
_database_2.pdbx_database_accession 
_database_2.pdbx_DOI 
PDB   1TXJ         pdb_00001txj 10.2210/pdb1txj/pdb 
RCSB  RCSB023004   ?            ?                   
WWPDB D_1000023004 ?            ?                   
# 
loop_
_pdbx_audit_revision_history.ordinal 
_pdbx_audit_revision_history.data_content_type 
_pdbx_audit_revision_history.major_revision 
_pdbx_audit_revision_history.minor_revision 
_pdbx_audit_revision_history.revision_date 
1 'Structure model' 1 0 2004-07-20 
2 'Structure model' 1 1 2008-04-30 
3 'Structure model' 1 2 2011-07-13 
4 'Structure model' 1 3 2024-02-14 
# 
_pdbx_audit_revision_details.ordinal             1 
_pdbx_audit_revision_details.revision_ordinal    1 
_pdbx_audit_revision_details.data_content_type   'Structure model' 
_pdbx_audit_revision_details.provider            repository 
_pdbx_audit_revision_details.type                'Initial release' 
_pdbx_audit_revision_details.description         ? 
_pdbx_audit_revision_details.details             ? 
# 
loop_
_pdbx_audit_revision_group.ordinal 
_pdbx_audit_revision_group.revision_ordinal 
_pdbx_audit_revision_group.data_content_type 
_pdbx_audit_revision_group.group 
1 2 'Structure model' 'Version format compliance' 
2 3 'Structure model' 'Version format compliance' 
3 4 'Structure model' 'Data collection'           
4 4 'Structure model' 'Database references'       
# 
loop_
_pdbx_audit_revision_category.ordinal 
_pdbx_audit_revision_category.revision_ordinal 
_pdbx_audit_revision_category.data_content_type 
_pdbx_audit_revision_category.category 
1 4 'Structure model' chem_comp_atom 
2 4 'Structure model' chem_comp_bond 
3 4 'Structure model' database_2     
# 
loop_
_pdbx_audit_revision_item.ordinal 
_pdbx_audit_revision_item.revision_ordinal 
_pdbx_audit_revision_item.data_content_type 
_pdbx_audit_revision_item.item 
1 4 'Structure model' '_database_2.pdbx_DOI'                
2 4 'Structure model' '_database_2.pdbx_database_accession' 
# 
_pdbx_database_status.status_code                     REL 
_pdbx_database_status.entry_id                        1TXJ 
_pdbx_database_status.recvd_initial_deposition_date   2004-07-05 
_pdbx_database_status.deposit_site                    RCSB 
_pdbx_database_status.process_site                    RCSB 
_pdbx_database_status.status_code_sf                  REL 
_pdbx_database_status.status_code_mr                  ? 
_pdbx_database_status.SG_entry                        Y 
_pdbx_database_status.pdb_format_compatible           Y 
_pdbx_database_status.status_code_cs                  ? 
_pdbx_database_status.status_code_nmr_data            ? 
_pdbx_database_status.methods_development_category    ? 
# 
loop_
_audit_author.name 
_audit_author.pdbx_ordinal 
'Walker, J.R.'                         1  
'Vedadi, M.'                           2  
'Sharma, S.'                           3  
'Houston, S.'                          4  
'Lew, J.'                              5  
'Amani, M.'                            6  
'Wasney, G.'                           7  
'Skarina, T.'                          8  
'Bray, J.'                             9  
'Sundstrom, M.'                        10 
'Arrowsmith, C.'                       11 
'Edwards, A.'                          12 
'Hui, R.'                              13 
'Structural Genomics Consortium (SGC)' 14 
# 
_citation.id                        primary 
_citation.title                     
'Genome-scale protein expression and structural biology of Plasmodium falciparum and related Apicomplexan organisms.' 
_citation.journal_abbrev            Mol.Biochem.Parasitol. 
_citation.journal_volume            151 
_citation.page_first                100 
_citation.page_last                 110 
_citation.year                      2007 
_citation.journal_id_ASTM           MBIPDP 
_citation.country                   NE 
_citation.journal_id_ISSN           0166-6851 
_citation.journal_id_CSD            2085 
_citation.book_publisher            ? 
_citation.pdbx_database_id_PubMed   17125854 
_citation.pdbx_database_id_DOI      10.1016/j.molbiopara.2006.10.011 
# 
loop_
_citation_author.citation_id 
_citation_author.name 
_citation_author.ordinal 
_citation_author.identifier_ORCID 
primary 'Vedadi, M.'       1  ? 
primary 'Lew, J.'          2  ? 
primary 'Artz, J.'         3  ? 
primary 'Amani, M.'        4  ? 
primary 'Zhao, Y.'         5  ? 
primary 'Dong, A.'         6  ? 
primary 'Wasney, G.A.'     7  ? 
primary 'Gao, M.'          8  ? 
primary 'Hills, T.'        9  ? 
primary 'Brokx, S.'        10 ? 
primary 'Qiu, W.'          11 ? 
primary 'Sharma, S.'       12 ? 
primary 'Diassiti, A.'     13 ? 
primary 'Alam, Z.'         14 ? 
primary 'Melone, M.'       15 ? 
primary 'Mulichak, A.'     16 ? 
primary 'Wernimont, A.'    17 ? 
primary 'Bray, J.'         18 ? 
primary 'Loppnau, P.'      19 ? 
primary 'Plotnikova, O.'   20 ? 
primary 'Newberry, K.'     21 ? 
primary 'Sundararajan, E.' 22 ? 
primary 'Houston, S.'      23 ? 
primary 'Walker, J.'       24 ? 
primary 'Tempel, W.'       25 ? 
primary 'Bochkarev, A.'    26 ? 
primary 'Kozieradzki, I.'  27 ? 
primary 'Edwards, A.'      28 ? 
primary 'Arrowsmith, C.'   29 ? 
primary 'Roos, D.'         30 ? 
primary 'Kain, K.'         31 ? 
primary 'Hui, R.'          32 ? 
# 
loop_
_entity.id 
_entity.type 
_entity.src_method 
_entity.pdbx_description 
_entity.formula_weight 
_entity.pdbx_number_of_molecules 
_entity.pdbx_ec 
_entity.pdbx_mutation 
_entity.pdbx_fragment 
_entity.details 
1 polymer man 'translationally controlled tumour-associated protein (TCTP) from Plasmodium knowlesi, PKN_PFE0545c' 19876.139 1   ? 
? ? ? 
2 water   nat water                                                                                                18.015    118 ? 
? ? ? 
# 
_entity_poly.entity_id                      1 
_entity_poly.type                           'polypeptide(L)' 
_entity_poly.nstd_linkage                   no 
_entity_poly.nstd_monomer                   no 
_entity_poly.pdbx_seq_one_letter_code       
;MKVYKDVFTNDEVCSDSYNQEDPFGIADFREIAFEVKSNKRIKGNDDYGIADNSEEAVDGMGADVEQVIDIVDSFQLTST
SLSKKEYSVYIKNYMQKILKYLEEKKPDRVDVFKTKAQPLIKHILTNFDDFEFYMGESLDMDAGLTYSYYKGEEVTPRFV
YISDGLYEEKF
;
_entity_poly.pdbx_seq_one_letter_code_can   
;MKVYKDVFTNDEVCSDSYNQEDPFGIADFREIAFEVKSNKRIKGNDDYGIADNSEEAVDGMGADVEQVIDIVDSFQLTST
SLSKKEYSVYIKNYMQKILKYLEEKKPDRVDVFKTKAQPLIKHILTNFDDFEFYMGESLDMDAGLTYSYYKGEEVTPRFV
YISDGLYEEKF
;
_entity_poly.pdbx_strand_id                 A 
_entity_poly.pdbx_target_identifier         ? 
# 
_pdbx_entity_nonpoly.entity_id   2 
_pdbx_entity_nonpoly.name        water 
_pdbx_entity_nonpoly.comp_id     HOH 
# 
loop_
_entity_poly_seq.entity_id 
_entity_poly_seq.num 
_entity_poly_seq.mon_id 
_entity_poly_seq.hetero 
1 1   MET n 
1 2   LYS n 
1 3   VAL n 
1 4   TYR n 
1 5   LYS n 
1 6   ASP n 
1 7   VAL n 
1 8   PHE n 
1 9   THR n 
1 10  ASN n 
1 11  ASP n 
1 12  GLU n 
1 13  VAL n 
1 14  CYS n 
1 15  SER n 
1 16  ASP n 
1 17  SER n 
1 18  TYR n 
1 19  ASN n 
1 20  GLN n 
1 21  GLU n 
1 22  ASP n 
1 23  PRO n 
1 24  PHE n 
1 25  GLY n 
1 26  ILE n 
1 27  ALA n 
1 28  ASP n 
1 29  PHE n 
1 30  ARG n 
1 31  GLU n 
1 32  ILE n 
1 33  ALA n 
1 34  PHE n 
1 35  GLU n 
1 36  VAL n 
1 37  LYS n 
1 38  SER n 
1 39  ASN n 
1 40  LYS n 
1 41  ARG n 
1 42  ILE n 
1 43  LYS n 
1 44  GLY n 
1 45  ASN n 
1 46  ASP n 
1 47  ASP n 
1 48  TYR n 
1 49  GLY n 
1 50  ILE n 
1 51  ALA n 
1 52  ASP n 
1 53  ASN n 
1 54  SER n 
1 55  GLU n 
1 56  GLU n 
1 57  ALA n 
1 58  VAL n 
1 59  ASP n 
1 60  GLY n 
1 61  MET n 
1 62  GLY n 
1 63  ALA n 
1 64  ASP n 
1 65  VAL n 
1 66  GLU n 
1 67  GLN n 
1 68  VAL n 
1 69  ILE n 
1 70  ASP n 
1 71  ILE n 
1 72  VAL n 
1 73  ASP n 
1 74  SER n 
1 75  PHE n 
1 76  GLN n 
1 77  LEU n 
1 78  THR n 
1 79  SER n 
1 80  THR n 
1 81  SER n 
1 82  LEU n 
1 83  SER n 
1 84  LYS n 
1 85  LYS n 
1 86  GLU n 
1 87  TYR n 
1 88  SER n 
1 89  VAL n 
1 90  TYR n 
1 91  ILE n 
1 92  LYS n 
1 93  ASN n 
1 94  TYR n 
1 95  MET n 
1 96  GLN n 
1 97  LYS n 
1 98  ILE n 
1 99  LEU n 
1 100 LYS n 
1 101 TYR n 
1 102 LEU n 
1 103 GLU n 
1 104 GLU n 
1 105 LYS n 
1 106 LYS n 
1 107 PRO n 
1 108 ASP n 
1 109 ARG n 
1 110 VAL n 
1 111 ASP n 
1 112 VAL n 
1 113 PHE n 
1 114 LYS n 
1 115 THR n 
1 116 LYS n 
1 117 ALA n 
1 118 GLN n 
1 119 PRO n 
1 120 LEU n 
1 121 ILE n 
1 122 LYS n 
1 123 HIS n 
1 124 ILE n 
1 125 LEU n 
1 126 THR n 
1 127 ASN n 
1 128 PHE n 
1 129 ASP n 
1 130 ASP n 
1 131 PHE n 
1 132 GLU n 
1 133 PHE n 
1 134 TYR n 
1 135 MET n 
1 136 GLY n 
1 137 GLU n 
1 138 SER n 
1 139 LEU n 
1 140 ASP n 
1 141 MET n 
1 142 ASP n 
1 143 ALA n 
1 144 GLY n 
1 145 LEU n 
1 146 THR n 
1 147 TYR n 
1 148 SER n 
1 149 TYR n 
1 150 TYR n 
1 151 LYS n 
1 152 GLY n 
1 153 GLU n 
1 154 GLU n 
1 155 VAL n 
1 156 THR n 
1 157 PRO n 
1 158 ARG n 
1 159 PHE n 
1 160 VAL n 
1 161 TYR n 
1 162 ILE n 
1 163 SER n 
1 164 ASP n 
1 165 GLY n 
1 166 LEU n 
1 167 TYR n 
1 168 GLU n 
1 169 GLU n 
1 170 LYS n 
1 171 PHE n 
# 
_entity_src_gen.entity_id                          1 
_entity_src_gen.pdbx_src_id                        1 
_entity_src_gen.pdbx_alt_source_flag               sample 
_entity_src_gen.pdbx_seq_type                      ? 
_entity_src_gen.pdbx_beg_seq_num                   ? 
_entity_src_gen.pdbx_end_seq_num                   ? 
_entity_src_gen.gene_src_common_name               ? 
_entity_src_gen.gene_src_genus                     Plasmodium 
_entity_src_gen.pdbx_gene_src_gene                 ? 
_entity_src_gen.gene_src_species                   ? 
_entity_src_gen.gene_src_strain                    ? 
_entity_src_gen.gene_src_tissue                    ? 
_entity_src_gen.gene_src_tissue_fraction           ? 
_entity_src_gen.gene_src_details                   ? 
_entity_src_gen.pdbx_gene_src_fragment             ? 
_entity_src_gen.pdbx_gene_src_scientific_name      'Plasmodium knowlesi' 
_entity_src_gen.pdbx_gene_src_ncbi_taxonomy_id     5850 
_entity_src_gen.pdbx_gene_src_variant              ? 
_entity_src_gen.pdbx_gene_src_cell_line            ? 
_entity_src_gen.pdbx_gene_src_atcc                 ? 
_entity_src_gen.pdbx_gene_src_organ                ? 
_entity_src_gen.pdbx_gene_src_organelle            ? 
_entity_src_gen.pdbx_gene_src_cell                 ? 
_entity_src_gen.pdbx_gene_src_cellular_location    ? 
_entity_src_gen.host_org_common_name               ? 
_entity_src_gen.pdbx_host_org_scientific_name      'Escherichia coli' 
_entity_src_gen.pdbx_host_org_ncbi_taxonomy_id     562 
_entity_src_gen.host_org_genus                     Escherichia 
_entity_src_gen.pdbx_host_org_gene                 ? 
_entity_src_gen.pdbx_host_org_organ                ? 
_entity_src_gen.host_org_species                   ? 
_entity_src_gen.pdbx_host_org_tissue               ? 
_entity_src_gen.pdbx_host_org_tissue_fraction      ? 
_entity_src_gen.pdbx_host_org_strain               ? 
_entity_src_gen.pdbx_host_org_variant              ? 
_entity_src_gen.pdbx_host_org_cell_line            ? 
_entity_src_gen.pdbx_host_org_atcc                 ? 
_entity_src_gen.pdbx_host_org_culture_collection   ? 
_entity_src_gen.pdbx_host_org_cell                 ? 
_entity_src_gen.pdbx_host_org_organelle            ? 
_entity_src_gen.pdbx_host_org_cellular_location    ? 
_entity_src_gen.pdbx_host_org_vector_type          plasmid 
_entity_src_gen.pdbx_host_org_vector               ? 
_entity_src_gen.host_org_details                   ? 
_entity_src_gen.expression_system_id               ? 
_entity_src_gen.plasmid_name                       p11 
_entity_src_gen.plasmid_details                    ? 
_entity_src_gen.pdbx_description                   ? 
# 
loop_
_chem_comp.id 
_chem_comp.type 
_chem_comp.mon_nstd_flag 
_chem_comp.name 
_chem_comp.pdbx_synonyms 
_chem_comp.formula 
_chem_comp.formula_weight 
ALA 'L-peptide linking' y ALANINE         ? 'C3 H7 N O2'     89.093  
ARG 'L-peptide linking' y ARGININE        ? 'C6 H15 N4 O2 1' 175.209 
ASN 'L-peptide linking' y ASPARAGINE      ? 'C4 H8 N2 O3'    132.118 
ASP 'L-peptide linking' y 'ASPARTIC ACID' ? 'C4 H7 N O4'     133.103 
CYS 'L-peptide linking' y CYSTEINE        ? 'C3 H7 N O2 S'   121.158 
GLN 'L-peptide linking' y GLUTAMINE       ? 'C5 H10 N2 O3'   146.144 
GLU 'L-peptide linking' y 'GLUTAMIC ACID' ? 'C5 H9 N O4'     147.129 
GLY 'peptide linking'   y GLYCINE         ? 'C2 H5 N O2'     75.067  
HIS 'L-peptide linking' y HISTIDINE       ? 'C6 H10 N3 O2 1' 156.162 
HOH non-polymer         . WATER           ? 'H2 O'           18.015  
ILE 'L-peptide linking' y ISOLEUCINE      ? 'C6 H13 N O2'    131.173 
LEU 'L-peptide linking' y LEUCINE         ? 'C6 H13 N O2'    131.173 
LYS 'L-peptide linking' y LYSINE          ? 'C6 H15 N2 O2 1' 147.195 
MET 'L-peptide linking' y METHIONINE      ? 'C5 H11 N O2 S'  149.211 
PHE 'L-peptide linking' y PHENYLALANINE   ? 'C9 H11 N O2'    165.189 
PRO 'L-peptide linking' y PROLINE         ? 'C5 H9 N O2'     115.130 
SER 'L-peptide linking' y SERINE          ? 'C3 H7 N O3'     105.093 
THR 'L-peptide linking' y THREONINE       ? 'C4 H9 N O3'     119.119 
TYR 'L-peptide linking' y TYROSINE        ? 'C9 H11 N O3'    181.189 
VAL 'L-peptide linking' y VALINE          ? 'C5 H11 N O2'    117.146 
# 
loop_
_pdbx_poly_seq_scheme.asym_id 
_pdbx_poly_seq_scheme.entity_id 
_pdbx_poly_seq_scheme.seq_id 
_pdbx_poly_seq_scheme.mon_id 
_pdbx_poly_seq_scheme.ndb_seq_num 
_pdbx_poly_seq_scheme.pdb_seq_num 
_pdbx_poly_seq_scheme.auth_seq_num 
_pdbx_poly_seq_scheme.pdb_mon_id 
_pdbx_poly_seq_scheme.auth_mon_id 
_pdbx_poly_seq_scheme.pdb_strand_id 
_pdbx_poly_seq_scheme.pdb_ins_code 
_pdbx_poly_seq_scheme.hetero 
A 1 1   MET 1   1   1   MET MET A . n 
A 1 2   LYS 2   2   2   LYS LYS A . n 
A 1 3   VAL 3   3   3   VAL VAL A . n 
A 1 4   TYR 4   4   4   TYR TYR A . n 
A 1 5   LYS 5   5   5   LYS LYS A . n 
A 1 6   ASP 6   6   6   ASP ASP A . n 
A 1 7   VAL 7   7   7   VAL VAL A . n 
A 1 8   PHE 8   8   8   PHE PHE A . n 
A 1 9   THR 9   9   9   THR THR A . n 
A 1 10  ASN 10  10  10  ASN ASN A . n 
A 1 11  ASP 11  11  11  ASP ASP A . n 
A 1 12  GLU 12  12  12  GLU GLU A . n 
A 1 13  VAL 13  13  13  VAL VAL A . n 
A 1 14  CYS 14  14  14  CYS CYS A . n 
A 1 15  SER 15  15  15  SER SER A . n 
A 1 16  ASP 16  16  16  ASP ASP A . n 
A 1 17  SER 17  17  17  SER SER A . n 
A 1 18  TYR 18  18  18  TYR TYR A . n 
A 1 19  ASN 19  19  19  ASN ASN A . n 
A 1 20  GLN 20  20  20  GLN GLN A . n 
A 1 21  GLU 21  21  21  GLU GLU A . n 
A 1 22  ASP 22  22  22  ASP ASP A . n 
A 1 23  PRO 23  23  23  PRO PRO A . n 
A 1 24  PHE 24  24  24  PHE PHE A . n 
A 1 25  GLY 25  25  25  GLY GLY A . n 
A 1 26  ILE 26  26  26  ILE ILE A . n 
A 1 27  ALA 27  27  27  ALA ALA A . n 
A 1 28  ASP 28  28  28  ASP ASP A . n 
A 1 29  PHE 29  29  29  PHE PHE A . n 
A 1 30  ARG 30  30  30  ARG ARG A . n 
A 1 31  GLU 31  31  31  GLU GLU A . n 
A 1 32  ILE 32  32  32  ILE ILE A . n 
A 1 33  ALA 33  33  33  ALA ALA A . n 
A 1 34  PHE 34  34  34  PHE PHE A . n 
A 1 35  GLU 35  35  35  GLU GLU A . n 
A 1 36  VAL 36  36  36  VAL VAL A . n 
A 1 37  LYS 37  37  37  LYS LYS A . n 
A 1 38  SER 38  38  38  SER SER A . n 
A 1 39  ASN 39  39  39  ASN ASN A . n 
A 1 40  LYS 40  40  40  LYS LYS A . n 
A 1 41  ARG 41  41  41  ARG ARG A . n 
A 1 42  ILE 42  42  42  ILE ILE A . n 
A 1 43  LYS 43  43  43  LYS LYS A . n 
A 1 44  GLY 44  44  44  GLY GLY A . n 
A 1 45  ASN 45  45  45  ASN ASN A . n 
A 1 46  ASP 46  46  ?   ?   ?   A . n 
A 1 47  ASP 47  47  ?   ?   ?   A . n 
A 1 48  TYR 48  48  ?   ?   ?   A . n 
A 1 49  GLY 49  49  ?   ?   ?   A . n 
A 1 50  ILE 50  50  ?   ?   ?   A . n 
A 1 51  ALA 51  51  ?   ?   ?   A . n 
A 1 52  ASP 52  52  ?   ?   ?   A . n 
A 1 53  ASN 53  53  ?   ?   ?   A . n 
A 1 54  SER 54  54  ?   ?   ?   A . n 
A 1 55  GLU 55  55  ?   ?   ?   A . n 
A 1 56  GLU 56  56  ?   ?   ?   A . n 
A 1 57  ALA 57  57  ?   ?   ?   A . n 
A 1 58  VAL 58  58  ?   ?   ?   A . n 
A 1 59  ASP 59  59  ?   ?   ?   A . n 
A 1 60  GLY 60  60  60  GLY GLY A . n 
A 1 61  MET 61  61  61  MET MET A . n 
A 1 62  GLY 62  62  62  GLY GLY A . n 
A 1 63  ALA 63  63  63  ALA ALA A . n 
A 1 64  ASP 64  64  64  ASP ASP A . n 
A 1 65  VAL 65  65  65  VAL VAL A . n 
A 1 66  GLU 66  66  66  GLU GLU A . n 
A 1 67  GLN 67  67  67  GLN GLN A . n 
A 1 68  VAL 68  68  68  VAL VAL A . n 
A 1 69  ILE 69  69  69  ILE ILE A . n 
A 1 70  ASP 70  70  70  ASP ASP A . n 
A 1 71  ILE 71  71  71  ILE ILE A . n 
A 1 72  VAL 72  72  72  VAL VAL A . n 
A 1 73  ASP 73  73  73  ASP ASP A . n 
A 1 74  SER 74  74  74  SER SER A . n 
A 1 75  PHE 75  75  75  PHE PHE A . n 
A 1 76  GLN 76  76  76  GLN GLN A . n 
A 1 77  LEU 77  77  77  LEU LEU A . n 
A 1 78  THR 78  78  78  THR THR A . n 
A 1 79  SER 79  79  79  SER SER A . n 
A 1 80  THR 80  80  80  THR THR A . n 
A 1 81  SER 81  81  81  SER SER A . n 
A 1 82  LEU 82  82  82  LEU LEU A . n 
A 1 83  SER 83  83  83  SER SER A . n 
A 1 84  LYS 84  84  84  LYS LYS A . n 
A 1 85  LYS 85  85  85  LYS LYS A . n 
A 1 86  GLU 86  86  86  GLU GLU A . n 
A 1 87  TYR 87  87  87  TYR TYR A . n 
A 1 88  SER 88  88  88  SER SER A . n 
A 1 89  VAL 89  89  89  VAL VAL A . n 
A 1 90  TYR 90  90  90  TYR TYR A . n 
A 1 91  ILE 91  91  91  ILE ILE A . n 
A 1 92  LYS 92  92  92  LYS LYS A . n 
A 1 93  ASN 93  93  93  ASN ASN A . n 
A 1 94  TYR 94  94  94  TYR TYR A . n 
A 1 95  MET 95  95  95  MET MET A . n 
A 1 96  GLN 96  96  96  GLN GLN A . n 
A 1 97  LYS 97  97  97  LYS LYS A . n 
A 1 98  ILE 98  98  98  ILE ILE A . n 
A 1 99  LEU 99  99  99  LEU LEU A . n 
A 1 100 LYS 100 100 100 LYS LYS A . n 
A 1 101 TYR 101 101 101 TYR TYR A . n 
A 1 102 LEU 102 102 102 LEU LEU A . n 
A 1 103 GLU 103 103 103 GLU GLU A . n 
A 1 104 GLU 104 104 104 GLU GLU A . n 
A 1 105 LYS 105 105 105 LYS LYS A . n 
A 1 106 LYS 106 106 106 LYS LYS A . n 
A 1 107 PRO 107 107 107 PRO PRO A . n 
A 1 108 ASP 108 108 108 ASP ASP A . n 
A 1 109 ARG 109 109 109 ARG ARG A . n 
A 1 110 VAL 110 110 110 VAL VAL A . n 
A 1 111 ASP 111 111 111 ASP ASP A . n 
A 1 112 VAL 112 112 112 VAL VAL A . n 
A 1 113 PHE 113 113 113 PHE PHE A . n 
A 1 114 LYS 114 114 114 LYS LYS A . n 
A 1 115 THR 115 115 115 THR THR A . n 
A 1 116 LYS 116 116 116 LYS LYS A . n 
A 1 117 ALA 117 117 117 ALA ALA A . n 
A 1 118 GLN 118 118 118 GLN GLN A . n 
A 1 119 PRO 119 119 119 PRO PRO A . n 
A 1 120 LEU 120 120 120 LEU LEU A . n 
A 1 121 ILE 121 121 121 ILE ILE A . n 
A 1 122 LYS 122 122 122 LYS LYS A . n 
A 1 123 HIS 123 123 123 HIS HIS A . n 
A 1 124 ILE 124 124 124 ILE ILE A . n 
A 1 125 LEU 125 125 125 LEU LEU A . n 
A 1 126 THR 126 126 126 THR THR A . n 
A 1 127 ASN 127 127 127 ASN ASN A . n 
A 1 128 PHE 128 128 128 PHE PHE A . n 
A 1 129 ASP 129 129 129 ASP ASP A . n 
A 1 130 ASP 130 130 130 ASP ASP A . n 
A 1 131 PHE 131 131 131 PHE PHE A . n 
A 1 132 GLU 132 132 132 GLU GLU A . n 
A 1 133 PHE 133 133 133 PHE PHE A . n 
A 1 134 TYR 134 134 134 TYR TYR A . n 
A 1 135 MET 135 135 135 MET MET A . n 
A 1 136 GLY 136 136 136 GLY GLY A . n 
A 1 137 GLU 137 137 137 GLU GLU A . n 
A 1 138 SER 138 138 138 SER SER A . n 
A 1 139 LEU 139 139 139 LEU LEU A . n 
A 1 140 ASP 140 140 140 ASP ASP A . n 
A 1 141 MET 141 141 141 MET MET A . n 
A 1 142 ASP 142 142 142 ASP ASP A . n 
A 1 143 ALA 143 143 143 ALA ALA A . n 
A 1 144 GLY 144 144 144 GLY GLY A . n 
A 1 145 LEU 145 145 145 LEU LEU A . n 
A 1 146 THR 146 146 146 THR THR A . n 
A 1 147 TYR 147 147 147 TYR TYR A . n 
A 1 148 SER 148 148 148 SER SER A . n 
A 1 149 TYR 149 149 149 TYR TYR A . n 
A 1 150 TYR 150 150 150 TYR TYR A . n 
A 1 151 LYS 151 151 151 LYS LYS A . n 
A 1 152 GLY 152 152 152 GLY GLY A . n 
A 1 153 GLU 153 153 153 GLU GLU A . n 
A 1 154 GLU 154 154 154 GLU GLU A . n 
A 1 155 VAL 155 155 155 VAL VAL A . n 
A 1 156 THR 156 156 156 THR THR A . n 
A 1 157 PRO 157 157 157 PRO PRO A . n 
A 1 158 ARG 158 158 158 ARG ARG A . n 
A 1 159 PHE 159 159 159 PHE PHE A . n 
A 1 160 VAL 160 160 160 VAL VAL A . n 
A 1 161 TYR 161 161 161 TYR TYR A . n 
A 1 162 ILE 162 162 162 ILE ILE A . n 
A 1 163 SER 163 163 163 SER SER A . n 
A 1 164 ASP 164 164 164 ASP ASP A . n 
A 1 165 GLY 165 165 165 GLY GLY A . n 
A 1 166 LEU 166 166 166 LEU LEU A . n 
A 1 167 TYR 167 167 167 TYR TYR A . n 
A 1 168 GLU 168 168 168 GLU GLU A . n 
A 1 169 GLU 169 169 169 GLU GLU A . n 
A 1 170 LYS 170 170 170 LYS LYS A . n 
A 1 171 PHE 171 171 171 PHE PHE A . n 
# 
loop_
_pdbx_nonpoly_scheme.asym_id 
_pdbx_nonpoly_scheme.entity_id 
_pdbx_nonpoly_scheme.mon_id 
_pdbx_nonpoly_scheme.ndb_seq_num 
_pdbx_nonpoly_scheme.pdb_seq_num 
_pdbx_nonpoly_scheme.auth_seq_num 
_pdbx_nonpoly_scheme.pdb_mon_id 
_pdbx_nonpoly_scheme.auth_mon_id 
_pdbx_nonpoly_scheme.pdb_strand_id 
_pdbx_nonpoly_scheme.pdb_ins_code 
B 2 HOH 1   172 1   HOH TIP A . 
B 2 HOH 2   173 2   HOH TIP A . 
B 2 HOH 3   174 3   HOH TIP A . 
B 2 HOH 4   175 4   HOH TIP A . 
B 2 HOH 5   176 5   HOH TIP A . 
B 2 HOH 6   177 6   HOH TIP A . 
B 2 HOH 7   178 7   HOH TIP A . 
B 2 HOH 8   179 8   HOH TIP A . 
B 2 HOH 9   180 9   HOH TIP A . 
B 2 HOH 10  181 10  HOH TIP A . 
B 2 HOH 11  182 11  HOH TIP A . 
B 2 HOH 12  183 12  HOH TIP A . 
B 2 HOH 13  184 13  HOH TIP A . 
B 2 HOH 14  185 14  HOH TIP A . 
B 2 HOH 15  186 15  HOH TIP A . 
B 2 HOH 16  187 16  HOH TIP A . 
B 2 HOH 17  188 17  HOH TIP A . 
B 2 HOH 18  189 18  HOH TIP A . 
B 2 HOH 19  190 19  HOH TIP A . 
B 2 HOH 20  191 20  HOH TIP A . 
B 2 HOH 21  192 21  HOH TIP A . 
B 2 HOH 22  193 22  HOH TIP A . 
B 2 HOH 23  194 23  HOH TIP A . 
B 2 HOH 24  195 24  HOH TIP A . 
B 2 HOH 25  196 25  HOH TIP A . 
B 2 HOH 26  197 26  HOH TIP A . 
B 2 HOH 27  198 27  HOH TIP A . 
B 2 HOH 28  199 28  HOH TIP A . 
B 2 HOH 29  200 29  HOH TIP A . 
B 2 HOH 30  201 30  HOH TIP A . 
B 2 HOH 31  202 31  HOH TIP A . 
B 2 HOH 32  203 32  HOH TIP A . 
B 2 HOH 33  204 33  HOH TIP A . 
B 2 HOH 34  205 34  HOH TIP A . 
B 2 HOH 35  206 35  HOH TIP A . 
B 2 HOH 36  207 36  HOH TIP A . 
B 2 HOH 37  208 37  HOH TIP A . 
B 2 HOH 38  209 38  HOH TIP A . 
B 2 HOH 39  210 39  HOH TIP A . 
B 2 HOH 40  211 40  HOH TIP A . 
B 2 HOH 41  212 41  HOH TIP A . 
B 2 HOH 42  213 42  HOH TIP A . 
B 2 HOH 43  214 43  HOH TIP A . 
B 2 HOH 44  215 44  HOH TIP A . 
B 2 HOH 45  216 45  HOH TIP A . 
B 2 HOH 46  217 46  HOH TIP A . 
B 2 HOH 47  218 47  HOH TIP A . 
B 2 HOH 48  219 48  HOH TIP A . 
B 2 HOH 49  220 49  HOH TIP A . 
B 2 HOH 50  221 50  HOH TIP A . 
B 2 HOH 51  222 51  HOH TIP A . 
B 2 HOH 52  223 52  HOH TIP A . 
B 2 HOH 53  224 53  HOH TIP A . 
B 2 HOH 54  225 54  HOH TIP A . 
B 2 HOH 55  226 55  HOH TIP A . 
B 2 HOH 56  227 56  HOH TIP A . 
B 2 HOH 57  228 57  HOH TIP A . 
B 2 HOH 58  229 58  HOH TIP A . 
B 2 HOH 59  230 59  HOH TIP A . 
B 2 HOH 60  231 60  HOH TIP A . 
B 2 HOH 61  232 61  HOH TIP A . 
B 2 HOH 62  233 62  HOH TIP A . 
B 2 HOH 63  234 63  HOH TIP A . 
B 2 HOH 64  235 64  HOH TIP A . 
B 2 HOH 65  236 65  HOH TIP A . 
B 2 HOH 66  237 66  HOH TIP A . 
B 2 HOH 67  238 67  HOH TIP A . 
B 2 HOH 68  239 68  HOH TIP A . 
B 2 HOH 69  240 69  HOH TIP A . 
B 2 HOH 70  241 70  HOH TIP A . 
B 2 HOH 71  242 71  HOH TIP A . 
B 2 HOH 72  243 72  HOH TIP A . 
B 2 HOH 73  244 73  HOH TIP A . 
B 2 HOH 74  245 74  HOH TIP A . 
B 2 HOH 75  246 75  HOH TIP A . 
B 2 HOH 76  247 76  HOH TIP A . 
B 2 HOH 77  248 77  HOH TIP A . 
B 2 HOH 78  249 78  HOH TIP A . 
B 2 HOH 79  250 79  HOH TIP A . 
B 2 HOH 80  251 80  HOH TIP A . 
B 2 HOH 81  252 81  HOH TIP A . 
B 2 HOH 82  253 82  HOH TIP A . 
B 2 HOH 83  254 83  HOH TIP A . 
B 2 HOH 84  255 84  HOH TIP A . 
B 2 HOH 85  256 85  HOH TIP A . 
B 2 HOH 86  257 86  HOH TIP A . 
B 2 HOH 87  258 87  HOH TIP A . 
B 2 HOH 88  259 88  HOH TIP A . 
B 2 HOH 89  260 89  HOH TIP A . 
B 2 HOH 90  261 90  HOH TIP A . 
B 2 HOH 91  262 91  HOH TIP A . 
B 2 HOH 92  263 92  HOH TIP A . 
B 2 HOH 93  264 93  HOH TIP A . 
B 2 HOH 94  265 94  HOH TIP A . 
B 2 HOH 95  266 95  HOH TIP A . 
B 2 HOH 96  267 96  HOH TIP A . 
B 2 HOH 97  268 97  HOH TIP A . 
B 2 HOH 98  269 98  HOH TIP A . 
B 2 HOH 99  270 99  HOH TIP A . 
B 2 HOH 100 271 100 HOH TIP A . 
B 2 HOH 101 272 101 HOH TIP A . 
B 2 HOH 102 273 102 HOH TIP A . 
B 2 HOH 103 274 103 HOH TIP A . 
B 2 HOH 104 275 104 HOH TIP A . 
B 2 HOH 105 276 105 HOH TIP A . 
B 2 HOH 106 277 106 HOH TIP A . 
B 2 HOH 107 278 107 HOH TIP A . 
B 2 HOH 108 279 108 HOH TIP A . 
B 2 HOH 109 280 109 HOH TIP A . 
B 2 HOH 110 281 110 HOH TIP A . 
B 2 HOH 111 282 111 HOH TIP A . 
B 2 HOH 112 283 112 HOH TIP A . 
B 2 HOH 113 284 113 HOH TIP A . 
B 2 HOH 114 285 114 HOH TIP A . 
B 2 HOH 115 286 115 HOH TIP A . 
B 2 HOH 116 287 116 HOH TIP A . 
B 2 HOH 117 288 117 HOH TIP A . 
B 2 HOH 118 289 118 HOH TIP A . 
# 
loop_
_software.name 
_software.classification 
_software.version 
_software.citation_id 
_software.pdbx_ordinal 
CNS       refinement       1.1 ? 1 
d*TREK    'data reduction' .   ? 2 
SCALEPACK 'data scaling'   .   ? 3 
SOLVE     phasing          .   ? 4 
# 
_cell.entry_id           1TXJ 
_cell.length_a           86.633 
_cell.length_b           86.633 
_cell.length_c           55.636 
_cell.angle_alpha        90.00 
_cell.angle_beta         90.00 
_cell.angle_gamma        120.00 
_cell.Z_PDB              6 
_cell.pdbx_unique_axis   ? 
_cell.length_a_esd       ? 
_cell.length_b_esd       ? 
_cell.length_c_esd       ? 
_cell.angle_alpha_esd    ? 
_cell.angle_beta_esd     ? 
_cell.angle_gamma_esd    ? 
# 
_symmetry.entry_id                         1TXJ 
_symmetry.space_group_name_H-M             'P 65' 
_symmetry.pdbx_full_space_group_name_H-M   ? 
_symmetry.cell_setting                     ? 
_symmetry.Int_Tables_number                170 
_symmetry.space_group_name_Hall            ? 
# 
_exptl.entry_id          1TXJ 
_exptl.method            'X-RAY DIFFRACTION' 
_exptl.crystals_number   1 
# 
_exptl_crystal.id                    1 
_exptl_crystal.density_meas          ? 
_exptl_crystal.density_Matthews      3.31 
_exptl_crystal.density_percent_sol   62.83 
_exptl_crystal.description           ? 
_exptl_crystal.F_000                 ? 
_exptl_crystal.preparation           ? 
# 
_exptl_crystal_grow.crystal_id      1 
_exptl_crystal_grow.method          'VAPOR DIFFUSION, HANGING DROP' 
_exptl_crystal_grow.temp            298.0 
_exptl_crystal_grow.temp_details    ? 
_exptl_crystal_grow.pH              7.5 
_exptl_crystal_grow.pdbx_details    'sodium citrate, HEPES, pH 7.5, VAPOR DIFFUSION, HANGING DROP, temperature 298.0K' 
_exptl_crystal_grow.pdbx_pH_range   . 
# 
_diffrn.id                     1 
_diffrn.ambient_temp           100 
_diffrn.ambient_temp_details   ? 
_diffrn.crystal_id             1 
# 
_diffrn_detector.diffrn_id              1 
_diffrn_detector.detector               'IMAGE PLATE' 
_diffrn_detector.type                   'RIGAKU RAXIS IV' 
_diffrn_detector.pdbx_collection_date   2004-04-25 
_diffrn_detector.details                ? 
# 
_diffrn_radiation.diffrn_id                        1 
_diffrn_radiation.wavelength_id                    1 
_diffrn_radiation.pdbx_monochromatic_or_laue_m_l   M 
_diffrn_radiation.monochromator                    'Confocal Multilayer Optics' 
_diffrn_radiation.pdbx_diffrn_protocol             MAD 
_diffrn_radiation.pdbx_scattering_type             x-ray 
# 
_diffrn_radiation_wavelength.id           1 
_diffrn_radiation_wavelength.wavelength   1.5418 
_diffrn_radiation_wavelength.wt           1.0 
# 
_diffrn_source.diffrn_id                   1 
_diffrn_source.source                      'ROTATING ANODE' 
_diffrn_source.type                        'RIGAKU RU300' 
_diffrn_source.pdbx_synchrotron_site       ? 
_diffrn_source.pdbx_synchrotron_beamline   ? 
_diffrn_source.pdbx_wavelength             1.5418 
_diffrn_source.pdbx_wavelength_list        1.5418 
# 
_reflns.entry_id                     1TXJ 
_reflns.observed_criterion_sigma_I   -3 
_reflns.observed_criterion_sigma_F   0 
_reflns.d_resolution_low             20.0 
_reflns.d_resolution_high            2.0 
_reflns.number_obs                   16150 
_reflns.number_all                   16150 
_reflns.percent_possible_obs         99.70 
_reflns.pdbx_Rmerge_I_obs            0.043 
_reflns.pdbx_Rsym_value              ? 
_reflns.pdbx_netI_over_sigmaI        54.1 
_reflns.B_iso_Wilson_estimate        26.1 
_reflns.pdbx_redundancy              7.7 
_reflns.R_free_details               ? 
_reflns.limit_h_max                  ? 
_reflns.limit_h_min                  ? 
_reflns.limit_k_max                  ? 
_reflns.limit_k_min                  ? 
_reflns.limit_l_max                  ? 
_reflns.limit_l_min                  ? 
_reflns.observed_criterion_F_max     ? 
_reflns.observed_criterion_F_min     ? 
_reflns.pdbx_chi_squared             ? 
_reflns.pdbx_scaling_rejects         ? 
_reflns.pdbx_diffrn_id               1 
_reflns.pdbx_ordinal                 1 
# 
_reflns_shell.d_res_high             2.00 
_reflns_shell.d_res_low              2.07 
_reflns_shell.percent_possible_all   100.0 
_reflns_shell.Rmerge_I_obs           0.314 
_reflns_shell.pdbx_Rsym_value        ? 
_reflns_shell.meanI_over_sigI_obs    8.3 
_reflns_shell.pdbx_redundancy        7.3 
_reflns_shell.percent_possible_obs   ? 
_reflns_shell.number_unique_all      1618 
_reflns_shell.number_measured_all    ? 
_reflns_shell.number_measured_obs    ? 
_reflns_shell.number_unique_obs      ? 
_reflns_shell.pdbx_chi_squared       ? 
_reflns_shell.pdbx_diffrn_id         ? 
_reflns_shell.pdbx_ordinal           1 
# 
_refine.entry_id                                 1TXJ 
_refine.ls_number_reflns_obs                     16129 
_refine.ls_number_reflns_all                     16129 
_refine.pdbx_ls_sigma_I                          ? 
_refine.pdbx_ls_sigma_F                          0.0 
_refine.pdbx_data_cutoff_high_absF               1173452.91 
_refine.pdbx_data_cutoff_low_absF                0.000000 
_refine.pdbx_data_cutoff_high_rms_absF           ? 
_refine.ls_d_res_low                             19.86 
_refine.ls_d_res_high                            2.00 
_refine.ls_percent_reflns_obs                    99.6 
_refine.ls_R_factor_obs                          0.199 
_refine.ls_R_factor_all                          ? 
_refine.ls_R_factor_R_work                       0.199 
_refine.ls_R_factor_R_free                       0.234 
_refine.ls_R_factor_R_free_error                 0.008 
_refine.ls_R_factor_R_free_error_details         ? 
_refine.ls_percent_reflns_R_free                 5.1 
_refine.ls_number_reflns_R_free                  817 
_refine.ls_number_parameters                     ? 
_refine.ls_number_restraints                     ? 
_refine.occupancy_min                            ? 
_refine.occupancy_max                            ? 
_refine.correlation_coeff_Fo_to_Fc               ? 
_refine.correlation_coeff_Fo_to_Fc_free          ? 
_refine.B_iso_mean                               40.8 
_refine.aniso_B[1][1]                            6.72 
_refine.aniso_B[2][2]                            6.72 
_refine.aniso_B[3][3]                            -13.44 
_refine.aniso_B[1][2]                            3.66 
_refine.aniso_B[1][3]                            0.00 
_refine.aniso_B[2][3]                            0.00 
_refine.solvent_model_details                    'FLAT MODEL' 
_refine.solvent_model_param_ksol                 0.544394 
_refine.solvent_model_param_bsol                 83.3957 
_refine.pdbx_solvent_vdw_probe_radii             ? 
_refine.pdbx_solvent_ion_probe_radii             ? 
_refine.pdbx_solvent_shrinkage_radii             ? 
_refine.pdbx_ls_cross_valid_method               THROUGHOUT 
_refine.details                                  ? 
_refine.pdbx_starting_model                      ? 
_refine.pdbx_method_to_determine_struct          MAD 
_refine.pdbx_isotropic_thermal_model             RESTRAINED 
_refine.pdbx_stereochemistry_target_values       'Engh & Huber' 
_refine.pdbx_stereochem_target_val_spec_case     ? 
_refine.pdbx_R_Free_selection_details            RANDOM 
_refine.pdbx_overall_ESU_R                       ? 
_refine.pdbx_overall_ESU_R_Free                  ? 
_refine.overall_SU_ML                            ? 
_refine.overall_SU_B                             ? 
_refine.ls_redundancy_reflns_obs                 ? 
_refine.B_iso_min                                ? 
_refine.B_iso_max                                ? 
_refine.overall_SU_R_Cruickshank_DPI             ? 
_refine.overall_SU_R_free                        ? 
_refine.ls_wR_factor_R_free                      ? 
_refine.ls_wR_factor_R_work                      ? 
_refine.overall_FOM_free_R_set                   ? 
_refine.overall_FOM_work_R_set                   ? 
_refine.pdbx_overall_phase_error                 ? 
_refine.pdbx_refine_id                           'X-RAY DIFFRACTION' 
_refine.pdbx_diffrn_id                           1 
_refine.pdbx_TLS_residual_ADP_flag               ? 
_refine.pdbx_overall_SU_R_free_Cruickshank_DPI   ? 
_refine.pdbx_overall_SU_R_Blow_DPI               ? 
_refine.pdbx_overall_SU_R_free_Blow_DPI          ? 
# 
_refine_analyze.entry_id                        1TXJ 
_refine_analyze.Luzzati_coordinate_error_obs    0.22 
_refine_analyze.Luzzati_sigma_a_obs             0.15 
_refine_analyze.Luzzati_d_res_low_obs           5.00 
_refine_analyze.Luzzati_coordinate_error_free   0.27 
_refine_analyze.Luzzati_sigma_a_free            0.18 
_refine_analyze.Luzzati_d_res_low_free          ? 
_refine_analyze.number_disordered_residues      ? 
_refine_analyze.occupancy_sum_hydrogen          ? 
_refine_analyze.occupancy_sum_non_hydrogen      ? 
_refine_analyze.pdbx_Luzzati_d_res_high_obs     ? 
_refine_analyze.pdbx_refine_id                  'X-RAY DIFFRACTION' 
# 
_refine_hist.pdbx_refine_id                   'X-RAY DIFFRACTION' 
_refine_hist.cycle_id                         LAST 
_refine_hist.pdbx_number_atoms_protein        1294 
_refine_hist.pdbx_number_atoms_nucleic_acid   0 
_refine_hist.pdbx_number_atoms_ligand         0 
_refine_hist.number_atoms_solvent             118 
_refine_hist.number_atoms_total               1412 
_refine_hist.d_res_high                       2.00 
_refine_hist.d_res_low                        19.86 
# 
loop_
_refine_ls_restr.type 
_refine_ls_restr.dev_ideal 
_refine_ls_restr.dev_ideal_target 
_refine_ls_restr.weight 
_refine_ls_restr.number 
_refine_ls_restr.pdbx_refine_id 
_refine_ls_restr.pdbx_restraint_function 
c_bond_d           0.012 ?    ? ? 'X-RAY DIFFRACTION' ? 
c_angle_deg        1.5   ?    ? ? 'X-RAY DIFFRACTION' ? 
c_dihedral_angle_d 23.2  ?    ? ? 'X-RAY DIFFRACTION' ? 
c_improper_angle_d 1.02  ?    ? ? 'X-RAY DIFFRACTION' ? 
c_mcbond_it        1.64  1.50 ? ? 'X-RAY DIFFRACTION' ? 
c_mcangle_it       2.54  2.00 ? ? 'X-RAY DIFFRACTION' ? 
c_scbond_it        2.33  2.00 ? ? 'X-RAY DIFFRACTION' ? 
c_scangle_it       3.53  2.50 ? ? 'X-RAY DIFFRACTION' ? 
# 
_refine_ls_shell.pdbx_total_number_of_bins_used   6 
_refine_ls_shell.d_res_high                       2.00 
_refine_ls_shell.d_res_low                        2.13 
_refine_ls_shell.number_reflns_R_work             2522 
_refine_ls_shell.R_factor_R_work                  0.227 
_refine_ls_shell.percent_reflns_obs               99.7 
_refine_ls_shell.R_factor_R_free                  0.274 
_refine_ls_shell.R_factor_R_free_error            0.023 
_refine_ls_shell.percent_reflns_R_free            5.3 
_refine_ls_shell.number_reflns_R_free             141 
_refine_ls_shell.number_reflns_obs                ? 
_refine_ls_shell.redundancy_reflns_obs            ? 
_refine_ls_shell.number_reflns_all                ? 
_refine_ls_shell.R_factor_all                     ? 
_refine_ls_shell.pdbx_refine_id                   'X-RAY DIFFRACTION' 
# 
loop_
_pdbx_xplor_file.serial_no 
_pdbx_xplor_file.param_file 
_pdbx_xplor_file.topol_file 
_pdbx_xplor_file.pdbx_refine_id 
1 PROTEIN_REP.PARAM PROTEIN.TOP 'X-RAY DIFFRACTION' 
2 WATER_REP.PARAM   WATER.TOP   'X-RAY DIFFRACTION' 
# 
_struct.entry_id                  1TXJ 
_struct.title                     
'Crystal structure of translationally controlled tumour-associated protein (TCTP) from Plasmodium knowlesi' 
_struct.pdbx_model_details        ? 
_struct.pdbx_CASP_flag            ? 
_struct.pdbx_model_type_details   ? 
# 
_struct_keywords.entry_id        1TXJ 
_struct_keywords.pdbx_keywords   'STRUCTURAL GENOMICS, UNKNOWN FUNCTION' 
_struct_keywords.text            
;Structural Genomics Consortium, SGC, guanine nucleotide-free chaperones, guanine nucleotide exchange factor, beta-sandwich, helix-turn-helix, STRUCTURAL GENOMICS, UNKNOWN FUNCTION
;
# 
loop_
_struct_asym.id 
_struct_asym.pdbx_blank_PDB_chainid_flag 
_struct_asym.pdbx_modified 
_struct_asym.entity_id 
_struct_asym.details 
A N N 1 ? 
B N N 2 ? 
# 
_struct_ref.id                         1 
_struct_ref.db_name                    UNP 
_struct_ref.db_code                    TCTP_PLAKN 
_struct_ref.pdbx_db_accession          P84152 
_struct_ref.entity_id                  1 
_struct_ref.pdbx_align_begin           1 
_struct_ref.pdbx_seq_one_letter_code   ? 
_struct_ref.pdbx_db_isoform            ? 
# 
_struct_ref_seq.align_id                      1 
_struct_ref_seq.ref_id                        1 
_struct_ref_seq.pdbx_PDB_id_code              1TXJ 
_struct_ref_seq.pdbx_strand_id                A 
_struct_ref_seq.seq_align_beg                 1 
_struct_ref_seq.pdbx_seq_align_beg_ins_code   ? 
_struct_ref_seq.seq_align_end                 171 
_struct_ref_seq.pdbx_seq_align_end_ins_code   ? 
_struct_ref_seq.pdbx_db_accession             P84152 
_struct_ref_seq.db_align_beg                  1 
_struct_ref_seq.pdbx_db_align_beg_ins_code    ? 
_struct_ref_seq.db_align_end                  171 
_struct_ref_seq.pdbx_db_align_end_ins_code    ? 
_struct_ref_seq.pdbx_auth_seq_align_beg       1 
_struct_ref_seq.pdbx_auth_seq_align_end       171 
# 
_pdbx_struct_assembly.id                   1 
_pdbx_struct_assembly.details              author_defined_assembly 
_pdbx_struct_assembly.method_details       ? 
_pdbx_struct_assembly.oligomeric_details   monomeric 
_pdbx_struct_assembly.oligomeric_count     1 
# 
_pdbx_struct_assembly_gen.assembly_id       1 
_pdbx_struct_assembly_gen.oper_expression   1 
_pdbx_struct_assembly_gen.asym_id_list      A,B 
# 
_pdbx_struct_oper_list.id                   1 
_pdbx_struct_oper_list.type                 'identity operation' 
_pdbx_struct_oper_list.name                 1_555 
_pdbx_struct_oper_list.symmetry_operation   x,y,z 
_pdbx_struct_oper_list.matrix[1][1]         1.0000000000 
_pdbx_struct_oper_list.matrix[1][2]         0.0000000000 
_pdbx_struct_oper_list.matrix[1][3]         0.0000000000 
_pdbx_struct_oper_list.vector[1]            0.0000000000 
_pdbx_struct_oper_list.matrix[2][1]         0.0000000000 
_pdbx_struct_oper_list.matrix[2][2]         1.0000000000 
_pdbx_struct_oper_list.matrix[2][3]         0.0000000000 
_pdbx_struct_oper_list.vector[2]            0.0000000000 
_pdbx_struct_oper_list.matrix[3][1]         0.0000000000 
_pdbx_struct_oper_list.matrix[3][2]         0.0000000000 
_pdbx_struct_oper_list.matrix[3][3]         1.0000000000 
_pdbx_struct_oper_list.vector[3]            0.0000000000 
# 
loop_
_struct_conf.conf_type_id 
_struct_conf.id 
_struct_conf.pdbx_PDB_helix_id 
_struct_conf.beg_label_comp_id 
_struct_conf.beg_label_asym_id 
_struct_conf.beg_label_seq_id 
_struct_conf.pdbx_beg_PDB_ins_code 
_struct_conf.end_label_comp_id 
_struct_conf.end_label_asym_id 
_struct_conf.end_label_seq_id 
_struct_conf.pdbx_end_PDB_ins_code 
_struct_conf.beg_auth_comp_id 
_struct_conf.beg_auth_asym_id 
_struct_conf.beg_auth_seq_id 
_struct_conf.end_auth_comp_id 
_struct_conf.end_auth_asym_id 
_struct_conf.end_auth_seq_id 
_struct_conf.pdbx_PDB_helix_class 
_struct_conf.details 
_struct_conf.pdbx_PDB_helix_length 
HELX_P HELX_P1 1 ASP A 22  ? ARG A 30  ? ASP A 22  ARG A 30  5 ? 9  
HELX_P HELX_P2 2 ASP A 70  ? GLN A 76  ? ASP A 70  GLN A 76  1 ? 7  
HELX_P HELX_P3 3 SER A 83  ? LYS A 106 ? SER A 83  LYS A 106 1 ? 24 
HELX_P HELX_P4 4 ARG A 109 ? ASN A 127 ? ARG A 109 ASN A 127 1 ? 19 
HELX_P HELX_P5 5 PHE A 128 ? PHE A 131 ? PHE A 128 PHE A 131 5 ? 4  
# 
_struct_conf_type.id          HELX_P 
_struct_conf_type.criteria    ? 
_struct_conf_type.reference   ? 
# 
loop_
_struct_sheet.id 
_struct_sheet.type 
_struct_sheet.number_strands 
_struct_sheet.details 
A ? 3 ? 
B ? 5 ? 
C ? 2 ? 
# 
loop_
_struct_sheet_order.sheet_id 
_struct_sheet_order.range_id_1 
_struct_sheet_order.range_id_2 
_struct_sheet_order.offset 
_struct_sheet_order.sense 
A 1 2 ? anti-parallel 
A 2 3 ? anti-parallel 
B 1 2 ? anti-parallel 
B 2 3 ? anti-parallel 
B 3 4 ? anti-parallel 
B 4 5 ? anti-parallel 
C 1 2 ? anti-parallel 
# 
loop_
_struct_sheet_range.sheet_id 
_struct_sheet_range.id 
_struct_sheet_range.beg_label_comp_id 
_struct_sheet_range.beg_label_asym_id 
_struct_sheet_range.beg_label_seq_id 
_struct_sheet_range.pdbx_beg_PDB_ins_code 
_struct_sheet_range.end_label_comp_id 
_struct_sheet_range.end_label_asym_id 
_struct_sheet_range.end_label_seq_id 
_struct_sheet_range.pdbx_end_PDB_ins_code 
_struct_sheet_range.beg_auth_comp_id 
_struct_sheet_range.beg_auth_asym_id 
_struct_sheet_range.beg_auth_seq_id 
_struct_sheet_range.end_auth_comp_id 
_struct_sheet_range.end_auth_asym_id 
_struct_sheet_range.end_auth_seq_id 
A 1 GLU A 12  ? SER A 15  ? GLU A 12  SER A 15  
A 2 LYS A 2   ? ASP A 6   ? LYS A 2   ASP A 6   
A 3 LEU A 166 ? LYS A 170 ? LEU A 166 LYS A 170 
B 1 ALA A 33  ? LYS A 37  ? ALA A 33  LYS A 37  
B 2 ARG A 158 ? ILE A 162 ? ARG A 158 ILE A 162 
B 3 THR A 146 ? TYR A 149 ? THR A 146 TYR A 149 
B 4 GLU A 132 ? MET A 135 ? GLU A 132 MET A 135 
B 5 THR A 78  ? THR A 80  ? THR A 78  THR A 80  
C 1 LYS A 40  ? ILE A 42  ? LYS A 40  ILE A 42  
C 2 GLN A 67  ? ILE A 69  ? GLN A 67  ILE A 69  
# 
loop_
_pdbx_struct_sheet_hbond.sheet_id 
_pdbx_struct_sheet_hbond.range_id_1 
_pdbx_struct_sheet_hbond.range_id_2 
_pdbx_struct_sheet_hbond.range_1_label_atom_id 
_pdbx_struct_sheet_hbond.range_1_label_comp_id 
_pdbx_struct_sheet_hbond.range_1_label_asym_id 
_pdbx_struct_sheet_hbond.range_1_label_seq_id 
_pdbx_struct_sheet_hbond.range_1_PDB_ins_code 
_pdbx_struct_sheet_hbond.range_1_auth_atom_id 
_pdbx_struct_sheet_hbond.range_1_auth_comp_id 
_pdbx_struct_sheet_hbond.range_1_auth_asym_id 
_pdbx_struct_sheet_hbond.range_1_auth_seq_id 
_pdbx_struct_sheet_hbond.range_2_label_atom_id 
_pdbx_struct_sheet_hbond.range_2_label_comp_id 
_pdbx_struct_sheet_hbond.range_2_label_asym_id 
_pdbx_struct_sheet_hbond.range_2_label_seq_id 
_pdbx_struct_sheet_hbond.range_2_PDB_ins_code 
_pdbx_struct_sheet_hbond.range_2_auth_atom_id 
_pdbx_struct_sheet_hbond.range_2_auth_comp_id 
_pdbx_struct_sheet_hbond.range_2_auth_asym_id 
_pdbx_struct_sheet_hbond.range_2_auth_seq_id 
A 1 2 O CYS A 14  ? O CYS A 14  N TYR A 4   ? N TYR A 4   
A 2 3 N LYS A 5   ? N LYS A 5   O TYR A 167 ? O TYR A 167 
B 1 2 N VAL A 36  ? N VAL A 36  O PHE A 159 ? O PHE A 159 
B 2 3 O VAL A 160 ? O VAL A 160 N TYR A 147 ? N TYR A 147 
B 3 4 O SER A 148 ? O SER A 148 N GLU A 132 ? N GLU A 132 
B 4 5 O PHE A 133 ? O PHE A 133 N THR A 80  ? N THR A 80  
C 1 2 N ARG A 41  ? N ARG A 41  O VAL A 68  ? O VAL A 68  
# 
_pdbx_validate_torsion.id              1 
_pdbx_validate_torsion.PDB_model_num   1 
_pdbx_validate_torsion.auth_comp_id    PHE 
_pdbx_validate_torsion.auth_asym_id    A 
_pdbx_validate_torsion.auth_seq_id     24 
_pdbx_validate_torsion.PDB_ins_code    ? 
_pdbx_validate_torsion.label_alt_id    ? 
_pdbx_validate_torsion.phi             58.37 
_pdbx_validate_torsion.psi             19.32 
# 
_pdbx_SG_project.id                    1 
_pdbx_SG_project.project_name          ? 
_pdbx_SG_project.full_name_of_center   'Structural Genomics Consortium' 
_pdbx_SG_project.initial_of_center     SGC 
# 
_pdbx_database_remark.id     999 
_pdbx_database_remark.text   
;SEQUENCE
THE SEQUENCE OF THE PROTEIN CAN BE FOUND IN THE
PLASMODB Pk_353f04q1c.
;
# 
loop_
_pdbx_unobs_or_zero_occ_residues.id 
_pdbx_unobs_or_zero_occ_residues.PDB_model_num 
_pdbx_unobs_or_zero_occ_residues.polymer_flag 
_pdbx_unobs_or_zero_occ_residues.occupancy_flag 
_pdbx_unobs_or_zero_occ_residues.auth_asym_id 
_pdbx_unobs_or_zero_occ_residues.auth_comp_id 
_pdbx_unobs_or_zero_occ_residues.auth_seq_id 
_pdbx_unobs_or_zero_occ_residues.PDB_ins_code 
_pdbx_unobs_or_zero_occ_residues.label_asym_id 
_pdbx_unobs_or_zero_occ_residues.label_comp_id 
_pdbx_unobs_or_zero_occ_residues.label_seq_id 
1  1 Y 1 A ASP 46 ? A ASP 46 
2  1 Y 1 A ASP 47 ? A ASP 47 
3  1 Y 1 A TYR 48 ? A TYR 48 
4  1 Y 1 A GLY 49 ? A GLY 49 
5  1 Y 1 A ILE 50 ? A ILE 50 
6  1 Y 1 A ALA 51 ? A ALA 51 
7  1 Y 1 A ASP 52 ? A ASP 52 
8  1 Y 1 A ASN 53 ? A ASN 53 
9  1 Y 1 A SER 54 ? A SER 54 
10 1 Y 1 A GLU 55 ? A GLU 55 
11 1 Y 1 A GLU 56 ? A GLU 56 
12 1 Y 1 A ALA 57 ? A ALA 57 
13 1 Y 1 A VAL 58 ? A VAL 58 
14 1 Y 1 A ASP 59 ? A ASP 59 
# 
loop_
_chem_comp_atom.comp_id 
_chem_comp_atom.atom_id 
_chem_comp_atom.type_symbol 
_chem_comp_atom.pdbx_aromatic_flag 
_chem_comp_atom.pdbx_stereo_config 
_chem_comp_atom.pdbx_ordinal 
ALA N    N N N 1   
ALA CA   C N S 2   
ALA C    C N N 3   
ALA O    O N N 4   
ALA CB   C N N 5   
ALA OXT  O N N 6   
ALA H    H N N 7   
ALA H2   H N N 8   
ALA HA   H N N 9   
ALA HB1  H N N 10  
ALA HB2  H N N 11  
ALA HB3  H N N 12  
ALA HXT  H N N 13  
ARG N    N N N 14  
ARG CA   C N S 15  
ARG C    C N N 16  
ARG O    O N N 17  
ARG CB   C N N 18  
ARG CG   C N N 19  
ARG CD   C N N 20  
ARG NE   N N N 21  
ARG CZ   C N N 22  
ARG NH1  N N N 23  
ARG NH2  N N N 24  
ARG OXT  O N N 25  
ARG H    H N N 26  
ARG H2   H N N 27  
ARG HA   H N N 28  
ARG HB2  H N N 29  
ARG HB3  H N N 30  
ARG HG2  H N N 31  
ARG HG3  H N N 32  
ARG HD2  H N N 33  
ARG HD3  H N N 34  
ARG HE   H N N 35  
ARG HH11 H N N 36  
ARG HH12 H N N 37  
ARG HH21 H N N 38  
ARG HH22 H N N 39  
ARG HXT  H N N 40  
ASN N    N N N 41  
ASN CA   C N S 42  
ASN C    C N N 43  
ASN O    O N N 44  
ASN CB   C N N 45  
ASN CG   C N N 46  
ASN OD1  O N N 47  
ASN ND2  N N N 48  
ASN OXT  O N N 49  
ASN H    H N N 50  
ASN H2   H N N 51  
ASN HA   H N N 52  
ASN HB2  H N N 53  
ASN HB3  H N N 54  
ASN HD21 H N N 55  
ASN HD22 H N N 56  
ASN HXT  H N N 57  
ASP N    N N N 58  
ASP CA   C N S 59  
ASP C    C N N 60  
ASP O    O N N 61  
ASP CB   C N N 62  
ASP CG   C N N 63  
ASP OD1  O N N 64  
ASP OD2  O N N 65  
ASP OXT  O N N 66  
ASP H    H N N 67  
ASP H2   H N N 68  
ASP HA   H N N 69  
ASP HB2  H N N 70  
ASP HB3  H N N 71  
ASP HD2  H N N 72  
ASP HXT  H N N 73  
CYS N    N N N 74  
CYS CA   C N R 75  
CYS C    C N N 76  
CYS O    O N N 77  
CYS CB   C N N 78  
CYS SG   S N N 79  
CYS OXT  O N N 80  
CYS H    H N N 81  
CYS H2   H N N 82  
CYS HA   H N N 83  
CYS HB2  H N N 84  
CYS HB3  H N N 85  
CYS HG   H N N 86  
CYS HXT  H N N 87  
GLN N    N N N 88  
GLN CA   C N S 89  
GLN C    C N N 90  
GLN O    O N N 91  
GLN CB   C N N 92  
GLN CG   C N N 93  
GLN CD   C N N 94  
GLN OE1  O N N 95  
GLN NE2  N N N 96  
GLN OXT  O N N 97  
GLN H    H N N 98  
GLN H2   H N N 99  
GLN HA   H N N 100 
GLN HB2  H N N 101 
GLN HB3  H N N 102 
GLN HG2  H N N 103 
GLN HG3  H N N 104 
GLN HE21 H N N 105 
GLN HE22 H N N 106 
GLN HXT  H N N 107 
GLU N    N N N 108 
GLU CA   C N S 109 
GLU C    C N N 110 
GLU O    O N N 111 
GLU CB   C N N 112 
GLU CG   C N N 113 
GLU CD   C N N 114 
GLU OE1  O N N 115 
GLU OE2  O N N 116 
GLU OXT  O N N 117 
GLU H    H N N 118 
GLU H2   H N N 119 
GLU HA   H N N 120 
GLU HB2  H N N 121 
GLU HB3  H N N 122 
GLU HG2  H N N 123 
GLU HG3  H N N 124 
GLU HE2  H N N 125 
GLU HXT  H N N 126 
GLY N    N N N 127 
GLY CA   C N N 128 
GLY C    C N N 129 
GLY O    O N N 130 
GLY OXT  O N N 131 
GLY H    H N N 132 
GLY H2   H N N 133 
GLY HA2  H N N 134 
GLY HA3  H N N 135 
GLY HXT  H N N 136 
HIS N    N N N 137 
HIS CA   C N S 138 
HIS C    C N N 139 
HIS O    O N N 140 
HIS CB   C N N 141 
HIS CG   C Y N 142 
HIS ND1  N Y N 143 
HIS CD2  C Y N 144 
HIS CE1  C Y N 145 
HIS NE2  N Y N 146 
HIS OXT  O N N 147 
HIS H    H N N 148 
HIS H2   H N N 149 
HIS HA   H N N 150 
HIS HB2  H N N 151 
HIS HB3  H N N 152 
HIS HD1  H N N 153 
HIS HD2  H N N 154 
HIS HE1  H N N 155 
HIS HE2  H N N 156 
HIS HXT  H N N 157 
HOH O    O N N 158 
HOH H1   H N N 159 
HOH H2   H N N 160 
ILE N    N N N 161 
ILE CA   C N S 162 
ILE C    C N N 163 
ILE O    O N N 164 
ILE CB   C N S 165 
ILE CG1  C N N 166 
ILE CG2  C N N 167 
ILE CD1  C N N 168 
ILE OXT  O N N 169 
ILE H    H N N 170 
ILE H2   H N N 171 
ILE HA   H N N 172 
ILE HB   H N N 173 
ILE HG12 H N N 174 
ILE HG13 H N N 175 
ILE HG21 H N N 176 
ILE HG22 H N N 177 
ILE HG23 H N N 178 
ILE HD11 H N N 179 
ILE HD12 H N N 180 
ILE HD13 H N N 181 
ILE HXT  H N N 182 
LEU N    N N N 183 
LEU CA   C N S 184 
LEU C    C N N 185 
LEU O    O N N 186 
LEU CB   C N N 187 
LEU CG   C N N 188 
LEU CD1  C N N 189 
LEU CD2  C N N 190 
LEU OXT  O N N 191 
LEU H    H N N 192 
LEU H2   H N N 193 
LEU HA   H N N 194 
LEU HB2  H N N 195 
LEU HB3  H N N 196 
LEU HG   H N N 197 
LEU HD11 H N N 198 
LEU HD12 H N N 199 
LEU HD13 H N N 200 
LEU HD21 H N N 201 
LEU HD22 H N N 202 
LEU HD23 H N N 203 
LEU HXT  H N N 204 
LYS N    N N N 205 
LYS CA   C N S 206 
LYS C    C N N 207 
LYS O    O N N 208 
LYS CB   C N N 209 
LYS CG   C N N 210 
LYS CD   C N N 211 
LYS CE   C N N 212 
LYS NZ   N N N 213 
LYS OXT  O N N 214 
LYS H    H N N 215 
LYS H2   H N N 216 
LYS HA   H N N 217 
LYS HB2  H N N 218 
LYS HB3  H N N 219 
LYS HG2  H N N 220 
LYS HG3  H N N 221 
LYS HD2  H N N 222 
LYS HD3  H N N 223 
LYS HE2  H N N 224 
LYS HE3  H N N 225 
LYS HZ1  H N N 226 
LYS HZ2  H N N 227 
LYS HZ3  H N N 228 
LYS HXT  H N N 229 
MET N    N N N 230 
MET CA   C N S 231 
MET C    C N N 232 
MET O    O N N 233 
MET CB   C N N 234 
MET CG   C N N 235 
MET SD   S N N 236 
MET CE   C N N 237 
MET OXT  O N N 238 
MET H    H N N 239 
MET H2   H N N 240 
MET HA   H N N 241 
MET HB2  H N N 242 
MET HB3  H N N 243 
MET HG2  H N N 244 
MET HG3  H N N 245 
MET HE1  H N N 246 
MET HE2  H N N 247 
MET HE3  H N N 248 
MET HXT  H N N 249 
PHE N    N N N 250 
PHE CA   C N S 251 
PHE C    C N N 252 
PHE O    O N N 253 
PHE CB   C N N 254 
PHE CG   C Y N 255 
PHE CD1  C Y N 256 
PHE CD2  C Y N 257 
PHE CE1  C Y N 258 
PHE CE2  C Y N 259 
PHE CZ   C Y N 260 
PHE OXT  O N N 261 
PHE H    H N N 262 
PHE H2   H N N 263 
PHE HA   H N N 264 
PHE HB2  H N N 265 
PHE HB3  H N N 266 
PHE HD1  H N N 267 
PHE HD2  H N N 268 
PHE HE1  H N N 269 
PHE HE2  H N N 270 
PHE HZ   H N N 271 
PHE HXT  H N N 272 
PRO N    N N N 273 
PRO CA   C N S 274 
PRO C    C N N 275 
PRO O    O N N 276 
PRO CB   C N N 277 
PRO CG   C N N 278 
PRO CD   C N N 279 
PRO OXT  O N N 280 
PRO H    H N N 281 
PRO HA   H N N 282 
PRO HB2  H N N 283 
PRO HB3  H N N 284 
PRO HG2  H N N 285 
PRO HG3  H N N 286 
PRO HD2  H N N 287 
PRO HD3  H N N 288 
PRO HXT  H N N 289 
SER N    N N N 290 
SER CA   C N S 291 
SER C    C N N 292 
SER O    O N N 293 
SER CB   C N N 294 
SER OG   O N N 295 
SER OXT  O N N 296 
SER H    H N N 297 
SER H2   H N N 298 
SER HA   H N N 299 
SER HB2  H N N 300 
SER HB3  H N N 301 
SER HG   H N N 302 
SER HXT  H N N 303 
THR N    N N N 304 
THR CA   C N S 305 
THR C    C N N 306 
THR O    O N N 307 
THR CB   C N R 308 
THR OG1  O N N 309 
THR CG2  C N N 310 
THR OXT  O N N 311 
THR H    H N N 312 
THR H2   H N N 313 
THR HA   H N N 314 
THR HB   H N N 315 
THR HG1  H N N 316 
THR HG21 H N N 317 
THR HG22 H N N 318 
THR HG23 H N N 319 
THR HXT  H N N 320 
TYR N    N N N 321 
TYR CA   C N S 322 
TYR C    C N N 323 
TYR O    O N N 324 
TYR CB   C N N 325 
TYR CG   C Y N 326 
TYR CD1  C Y N 327 
TYR CD2  C Y N 328 
TYR CE1  C Y N 329 
TYR CE2  C Y N 330 
TYR CZ   C Y N 331 
TYR OH   O N N 332 
TYR OXT  O N N 333 
TYR H    H N N 334 
TYR H2   H N N 335 
TYR HA   H N N 336 
TYR HB2  H N N 337 
TYR HB3  H N N 338 
TYR HD1  H N N 339 
TYR HD2  H N N 340 
TYR HE1  H N N 341 
TYR HE2  H N N 342 
TYR HH   H N N 343 
TYR HXT  H N N 344 
VAL N    N N N 345 
VAL CA   C N S 346 
VAL C    C N N 347 
VAL O    O N N 348 
VAL CB   C N N 349 
VAL CG1  C N N 350 
VAL CG2  C N N 351 
VAL OXT  O N N 352 
VAL H    H N N 353 
VAL H2   H N N 354 
VAL HA   H N N 355 
VAL HB   H N N 356 
VAL HG11 H N N 357 
VAL HG12 H N N 358 
VAL HG13 H N N 359 
VAL HG21 H N N 360 
VAL HG22 H N N 361 
VAL HG23 H N N 362 
VAL HXT  H N N 363 
# 
loop_
_chem_comp_bond.comp_id 
_chem_comp_bond.atom_id_1 
_chem_comp_bond.atom_id_2 
_chem_comp_bond.value_order 
_chem_comp_bond.pdbx_aromatic_flag 
_chem_comp_bond.pdbx_stereo_config 
_chem_comp_bond.pdbx_ordinal 
ALA N   CA   sing N N 1   
ALA N   H    sing N N 2   
ALA N   H2   sing N N 3   
ALA CA  C    sing N N 4   
ALA CA  CB   sing N N 5   
ALA CA  HA   sing N N 6   
ALA C   O    doub N N 7   
ALA C   OXT  sing N N 8   
ALA CB  HB1  sing N N 9   
ALA CB  HB2  sing N N 10  
ALA CB  HB3  sing N N 11  
ALA OXT HXT  sing N N 12  
ARG N   CA   sing N N 13  
ARG N   H    sing N N 14  
ARG N   H2   sing N N 15  
ARG CA  C    sing N N 16  
ARG CA  CB   sing N N 17  
ARG CA  HA   sing N N 18  
ARG C   O    doub N N 19  
ARG C   OXT  sing N N 20  
ARG CB  CG   sing N N 21  
ARG CB  HB2  sing N N 22  
ARG CB  HB3  sing N N 23  
ARG CG  CD   sing N N 24  
ARG CG  HG2  sing N N 25  
ARG CG  HG3  sing N N 26  
ARG CD  NE   sing N N 27  
ARG CD  HD2  sing N N 28  
ARG CD  HD3  sing N N 29  
ARG NE  CZ   sing N N 30  
ARG NE  HE   sing N N 31  
ARG CZ  NH1  sing N N 32  
ARG CZ  NH2  doub N N 33  
ARG NH1 HH11 sing N N 34  
ARG NH1 HH12 sing N N 35  
ARG NH2 HH21 sing N N 36  
ARG NH2 HH22 sing N N 37  
ARG OXT HXT  sing N N 38  
ASN N   CA   sing N N 39  
ASN N   H    sing N N 40  
ASN N   H2   sing N N 41  
ASN CA  C    sing N N 42  
ASN CA  CB   sing N N 43  
ASN CA  HA   sing N N 44  
ASN C   O    doub N N 45  
ASN C   OXT  sing N N 46  
ASN CB  CG   sing N N 47  
ASN CB  HB2  sing N N 48  
ASN CB  HB3  sing N N 49  
ASN CG  OD1  doub N N 50  
ASN CG  ND2  sing N N 51  
ASN ND2 HD21 sing N N 52  
ASN ND2 HD22 sing N N 53  
ASN OXT HXT  sing N N 54  
ASP N   CA   sing N N 55  
ASP N   H    sing N N 56  
ASP N   H2   sing N N 57  
ASP CA  C    sing N N 58  
ASP CA  CB   sing N N 59  
ASP CA  HA   sing N N 60  
ASP C   O    doub N N 61  
ASP C   OXT  sing N N 62  
ASP CB  CG   sing N N 63  
ASP CB  HB2  sing N N 64  
ASP CB  HB3  sing N N 65  
ASP CG  OD1  doub N N 66  
ASP CG  OD2  sing N N 67  
ASP OD2 HD2  sing N N 68  
ASP OXT HXT  sing N N 69  
CYS N   CA   sing N N 70  
CYS N   H    sing N N 71  
CYS N   H2   sing N N 72  
CYS CA  C    sing N N 73  
CYS CA  CB   sing N N 74  
CYS CA  HA   sing N N 75  
CYS C   O    doub N N 76  
CYS C   OXT  sing N N 77  
CYS CB  SG   sing N N 78  
CYS CB  HB2  sing N N 79  
CYS CB  HB3  sing N N 80  
CYS SG  HG   sing N N 81  
CYS OXT HXT  sing N N 82  
GLN N   CA   sing N N 83  
GLN N   H    sing N N 84  
GLN N   H2   sing N N 85  
GLN CA  C    sing N N 86  
GLN CA  CB   sing N N 87  
GLN CA  HA   sing N N 88  
GLN C   O    doub N N 89  
GLN C   OXT  sing N N 90  
GLN CB  CG   sing N N 91  
GLN CB  HB2  sing N N 92  
GLN CB  HB3  sing N N 93  
GLN CG  CD   sing N N 94  
GLN CG  HG2  sing N N 95  
GLN CG  HG3  sing N N 96  
GLN CD  OE1  doub N N 97  
GLN CD  NE2  sing N N 98  
GLN NE2 HE21 sing N N 99  
GLN NE2 HE22 sing N N 100 
GLN OXT HXT  sing N N 101 
GLU N   CA   sing N N 102 
GLU N   H    sing N N 103 
GLU N   H2   sing N N 104 
GLU CA  C    sing N N 105 
GLU CA  CB   sing N N 106 
GLU CA  HA   sing N N 107 
GLU C   O    doub N N 108 
GLU C   OXT  sing N N 109 
GLU CB  CG   sing N N 110 
GLU CB  HB2  sing N N 111 
GLU CB  HB3  sing N N 112 
GLU CG  CD   sing N N 113 
GLU CG  HG2  sing N N 114 
GLU CG  HG3  sing N N 115 
GLU CD  OE1  doub N N 116 
GLU CD  OE2  sing N N 117 
GLU OE2 HE2  sing N N 118 
GLU OXT HXT  sing N N 119 
GLY N   CA   sing N N 120 
GLY N   H    sing N N 121 
GLY N   H2   sing N N 122 
GLY CA  C    sing N N 123 
GLY CA  HA2  sing N N 124 
GLY CA  HA3  sing N N 125 
GLY C   O    doub N N 126 
GLY C   OXT  sing N N 127 
GLY OXT HXT  sing N N 128 
HIS N   CA   sing N N 129 
HIS N   H    sing N N 130 
HIS N   H2   sing N N 131 
HIS CA  C    sing N N 132 
HIS CA  CB   sing N N 133 
HIS CA  HA   sing N N 134 
HIS C   O    doub N N 135 
HIS C   OXT  sing N N 136 
HIS CB  CG   sing N N 137 
HIS CB  HB2  sing N N 138 
HIS CB  HB3  sing N N 139 
HIS CG  ND1  sing Y N 140 
HIS CG  CD2  doub Y N 141 
HIS ND1 CE1  doub Y N 142 
HIS ND1 HD1  sing N N 143 
HIS CD2 NE2  sing Y N 144 
HIS CD2 HD2  sing N N 145 
HIS CE1 NE2  sing Y N 146 
HIS CE1 HE1  sing N N 147 
HIS NE2 HE2  sing N N 148 
HIS OXT HXT  sing N N 149 
HOH O   H1   sing N N 150 
HOH O   H2   sing N N 151 
ILE N   CA   sing N N 152 
ILE N   H    sing N N 153 
ILE N   H2   sing N N 154 
ILE CA  C    sing N N 155 
ILE CA  CB   sing N N 156 
ILE CA  HA   sing N N 157 
ILE C   O    doub N N 158 
ILE C   OXT  sing N N 159 
ILE CB  CG1  sing N N 160 
ILE CB  CG2  sing N N 161 
ILE CB  HB   sing N N 162 
ILE CG1 CD1  sing N N 163 
ILE CG1 HG12 sing N N 164 
ILE CG1 HG13 sing N N 165 
ILE CG2 HG21 sing N N 166 
ILE CG2 HG22 sing N N 167 
ILE CG2 HG23 sing N N 168 
ILE CD1 HD11 sing N N 169 
ILE CD1 HD12 sing N N 170 
ILE CD1 HD13 sing N N 171 
ILE OXT HXT  sing N N 172 
LEU N   CA   sing N N 173 
LEU N   H    sing N N 174 
LEU N   H2   sing N N 175 
LEU CA  C    sing N N 176 
LEU CA  CB   sing N N 177 
LEU CA  HA   sing N N 178 
LEU C   O    doub N N 179 
LEU C   OXT  sing N N 180 
LEU CB  CG   sing N N 181 
LEU CB  HB2  sing N N 182 
LEU CB  HB3  sing N N 183 
LEU CG  CD1  sing N N 184 
LEU CG  CD2  sing N N 185 
LEU CG  HG   sing N N 186 
LEU CD1 HD11 sing N N 187 
LEU CD1 HD12 sing N N 188 
LEU CD1 HD13 sing N N 189 
LEU CD2 HD21 sing N N 190 
LEU CD2 HD22 sing N N 191 
LEU CD2 HD23 sing N N 192 
LEU OXT HXT  sing N N 193 
LYS N   CA   sing N N 194 
LYS N   H    sing N N 195 
LYS N   H2   sing N N 196 
LYS CA  C    sing N N 197 
LYS CA  CB   sing N N 198 
LYS CA  HA   sing N N 199 
LYS C   O    doub N N 200 
LYS C   OXT  sing N N 201 
LYS CB  CG   sing N N 202 
LYS CB  HB2  sing N N 203 
LYS CB  HB3  sing N N 204 
LYS CG  CD   sing N N 205 
LYS CG  HG2  sing N N 206 
LYS CG  HG3  sing N N 207 
LYS CD  CE   sing N N 208 
LYS CD  HD2  sing N N 209 
LYS CD  HD3  sing N N 210 
LYS CE  NZ   sing N N 211 
LYS CE  HE2  sing N N 212 
LYS CE  HE3  sing N N 213 
LYS NZ  HZ1  sing N N 214 
LYS NZ  HZ2  sing N N 215 
LYS NZ  HZ3  sing N N 216 
LYS OXT HXT  sing N N 217 
MET N   CA   sing N N 218 
MET N   H    sing N N 219 
MET N   H2   sing N N 220 
MET CA  C    sing N N 221 
MET CA  CB   sing N N 222 
MET CA  HA   sing N N 223 
MET C   O    doub N N 224 
MET C   OXT  sing N N 225 
MET CB  CG   sing N N 226 
MET CB  HB2  sing N N 227 
MET CB  HB3  sing N N 228 
MET CG  SD   sing N N 229 
MET CG  HG2  sing N N 230 
MET CG  HG3  sing N N 231 
MET SD  CE   sing N N 232 
MET CE  HE1  sing N N 233 
MET CE  HE2  sing N N 234 
MET CE  HE3  sing N N 235 
MET OXT HXT  sing N N 236 
PHE N   CA   sing N N 237 
PHE N   H    sing N N 238 
PHE N   H2   sing N N 239 
PHE CA  C    sing N N 240 
PHE CA  CB   sing N N 241 
PHE CA  HA   sing N N 242 
PHE C   O    doub N N 243 
PHE C   OXT  sing N N 244 
PHE CB  CG   sing N N 245 
PHE CB  HB2  sing N N 246 
PHE CB  HB3  sing N N 247 
PHE CG  CD1  doub Y N 248 
PHE CG  CD2  sing Y N 249 
PHE CD1 CE1  sing Y N 250 
PHE CD1 HD1  sing N N 251 
PHE CD2 CE2  doub Y N 252 
PHE CD2 HD2  sing N N 253 
PHE CE1 CZ   doub Y N 254 
PHE CE1 HE1  sing N N 255 
PHE CE2 CZ   sing Y N 256 
PHE CE2 HE2  sing N N 257 
PHE CZ  HZ   sing N N 258 
PHE OXT HXT  sing N N 259 
PRO N   CA   sing N N 260 
PRO N   CD   sing N N 261 
PRO N   H    sing N N 262 
PRO CA  C    sing N N 263 
PRO CA  CB   sing N N 264 
PRO CA  HA   sing N N 265 
PRO C   O    doub N N 266 
PRO C   OXT  sing N N 267 
PRO CB  CG   sing N N 268 
PRO CB  HB2  sing N N 269 
PRO CB  HB3  sing N N 270 
PRO CG  CD   sing N N 271 
PRO CG  HG2  sing N N 272 
PRO CG  HG3  sing N N 273 
PRO CD  HD2  sing N N 274 
PRO CD  HD3  sing N N 275 
PRO OXT HXT  sing N N 276 
SER N   CA   sing N N 277 
SER N   H    sing N N 278 
SER N   H2   sing N N 279 
SER CA  C    sing N N 280 
SER CA  CB   sing N N 281 
SER CA  HA   sing N N 282 
SER C   O    doub N N 283 
SER C   OXT  sing N N 284 
SER CB  OG   sing N N 285 
SER CB  HB2  sing N N 286 
SER CB  HB3  sing N N 287 
SER OG  HG   sing N N 288 
SER OXT HXT  sing N N 289 
THR N   CA   sing N N 290 
THR N   H    sing N N 291 
THR N   H2   sing N N 292 
THR CA  C    sing N N 293 
THR CA  CB   sing N N 294 
THR CA  HA   sing N N 295 
THR C   O    doub N N 296 
THR C   OXT  sing N N 297 
THR CB  OG1  sing N N 298 
THR CB  CG2  sing N N 299 
THR CB  HB   sing N N 300 
THR OG1 HG1  sing N N 301 
THR CG2 HG21 sing N N 302 
THR CG2 HG22 sing N N 303 
THR CG2 HG23 sing N N 304 
THR OXT HXT  sing N N 305 
TYR N   CA   sing N N 306 
TYR N   H    sing N N 307 
TYR N   H2   sing N N 308 
TYR CA  C    sing N N 309 
TYR CA  CB   sing N N 310 
TYR CA  HA   sing N N 311 
TYR C   O    doub N N 312 
TYR C   OXT  sing N N 313 
TYR CB  CG   sing N N 314 
TYR CB  HB2  sing N N 315 
TYR CB  HB3  sing N N 316 
TYR CG  CD1  doub Y N 317 
TYR CG  CD2  sing Y N 318 
TYR CD1 CE1  sing Y N 319 
TYR CD1 HD1  sing N N 320 
TYR CD2 CE2  doub Y N 321 
TYR CD2 HD2  sing N N 322 
TYR CE1 CZ   doub Y N 323 
TYR CE1 HE1  sing N N 324 
TYR CE2 CZ   sing Y N 325 
TYR CE2 HE2  sing N N 326 
TYR CZ  OH   sing N N 327 
TYR OH  HH   sing N N 328 
TYR OXT HXT  sing N N 329 
VAL N   CA   sing N N 330 
VAL N   H    sing N N 331 
VAL N   H2   sing N N 332 
VAL CA  C    sing N N 333 
VAL CA  CB   sing N N 334 
VAL CA  HA   sing N N 335 
VAL C   O    doub N N 336 
VAL C   OXT  sing N N 337 
VAL CB  CG1  sing N N 338 
VAL CB  CG2  sing N N 339 
VAL CB  HB   sing N N 340 
VAL CG1 HG11 sing N N 341 
VAL CG1 HG12 sing N N 342 
VAL CG1 HG13 sing N N 343 
VAL CG2 HG21 sing N N 344 
VAL CG2 HG22 sing N N 345 
VAL CG2 HG23 sing N N 346 
VAL OXT HXT  sing N N 347 
# 
_atom_sites.entry_id                    1TXJ 
_atom_sites.fract_transf_matrix[1][1]   -0.00798315 
_atom_sites.fract_transf_matrix[1][2]   -0.00955848 
_atom_sites.fract_transf_matrix[1][3]   0.00474915 
_atom_sites.fract_transf_matrix[2][1]   -0.01309125 
_atom_sites.fract_transf_matrix[2][2]   0.00041270 
_atom_sites.fract_transf_matrix[2][3]   -0.00247206 
_atom_sites.fract_transf_matrix[3][1]   0.00253146 
_atom_sites.fract_transf_matrix[3][2]   -0.00956864 
_atom_sites.fract_transf_matrix[3][3]   -0.01500325 
_atom_sites.fract_transf_vector[1]      0.893561 
_atom_sites.fract_transf_vector[2]      0.509217 
_atom_sites.fract_transf_vector[3]      -0.031870 
# 
loop_
_atom_type.symbol 
C 
N 
O 
S 
# 
loop_
_atom_site.group_PDB 
_atom_site.id 
_atom_site.type_symbol 
_atom_site.label_atom_id 
_atom_site.label_alt_id 
_atom_site.label_comp_id 
_atom_site.label_asym_id 
_atom_site.label_entity_id 
_atom_site.label_seq_id 
_atom_site.pdbx_PDB_ins_code 
_atom_site.Cartn_x 
_atom_site.Cartn_y 
_atom_site.Cartn_z 
_atom_site.occupancy 
_atom_site.B_iso_or_equiv 
_atom_site.pdbx_formal_charge 
_atom_site.auth_seq_id 
_atom_site.auth_comp_id 
_atom_site.auth_asym_id 
_atom_site.auth_atom_id 
_atom_site.pdbx_PDB_model_num 
ATOM   1    N N   . MET A 1 1   ? -9.106  -16.411 -8.634  1.00 55.18 ? 1   MET A N   1 
ATOM   2    C CA  . MET A 1 1   ? -8.063  -15.629 -7.892  1.00 54.78 ? 1   MET A CA  1 
ATOM   3    C C   . MET A 1 1   ? -8.575  -14.251 -7.492  1.00 54.00 ? 1   MET A C   1 
ATOM   4    O O   . MET A 1 1   ? -8.979  -13.458 -8.347  1.00 55.39 ? 1   MET A O   1 
ATOM   5    C CB  . MET A 1 1   ? -6.816  -15.473 -8.758  1.00 54.59 ? 1   MET A CB  1 
ATOM   6    C CG  . MET A 1 1   ? -5.726  -14.584 -8.153  1.00 54.65 ? 1   MET A CG  1 
ATOM   7    S SD  . MET A 1 1   ? -5.176  -15.173 -6.533  1.00 52.94 ? 1   MET A SD  1 
ATOM   8    C CE  . MET A 1 1   ? -4.213  -16.633 -6.972  1.00 52.40 ? 1   MET A CE  1 
ATOM   9    N N   . LYS A 1 2   ? -8.555  -13.962 -6.195  1.00 51.75 ? 2   LYS A N   1 
ATOM   10   C CA  . LYS A 1 2   ? -9.015  -12.666 -5.693  1.00 49.71 ? 2   LYS A CA  1 
ATOM   11   C C   . LYS A 1 2   ? -7.978  -11.529 -5.881  1.00 47.73 ? 2   LYS A C   1 
ATOM   12   O O   . LYS A 1 2   ? -6.777  -11.724 -5.669  1.00 44.96 ? 2   LYS A O   1 
ATOM   13   C CB  . LYS A 1 2   ? -9.357  -12.802 -4.212  1.00 52.25 ? 2   LYS A CB  1 
ATOM   14   C CG  . LYS A 1 2   ? -9.999  -11.574 -3.586  1.00 55.09 ? 2   LYS A CG  1 
ATOM   15   C CD  . LYS A 1 2   ? -10.442 -11.876 -2.157  1.00 58.79 ? 2   LYS A CD  1 
ATOM   16   C CE  . LYS A 1 2   ? -9.241  -12.174 -1.266  1.00 60.75 ? 2   LYS A CE  1 
ATOM   17   N NZ  . LYS A 1 2   ? -9.596  -12.886 -0.003  1.00 62.99 ? 2   LYS A NZ  1 
ATOM   18   N N   . VAL A 1 3   ? -8.447  -10.350 -6.285  1.00 45.04 ? 3   VAL A N   1 
ATOM   19   C CA  . VAL A 1 3   ? -7.573  -9.192  -6.474  1.00 45.94 ? 3   VAL A CA  1 
ATOM   20   C C   . VAL A 1 3   ? -8.061  -8.006  -5.613  1.00 45.13 ? 3   VAL A C   1 
ATOM   21   O O   . VAL A 1 3   ? -9.258  -7.903  -5.302  1.00 43.72 ? 3   VAL A O   1 
ATOM   22   C CB  . VAL A 1 3   ? -7.499  -8.783  -7.986  1.00 48.06 ? 3   VAL A CB  1 
ATOM   23   C CG1 . VAL A 1 3   ? -6.602  -7.574  -8.171  1.00 50.00 ? 3   VAL A CG1 1 
ATOM   24   C CG2 . VAL A 1 3   ? -6.935  -9.930  -8.806  1.00 47.64 ? 3   VAL A CG2 1 
ATOM   25   N N   . TYR A 1 4   ? -7.132  -7.130  -5.213  1.00 41.87 ? 4   TYR A N   1 
ATOM   26   C CA  . TYR A 1 4   ? -7.474  -5.968  -4.382  1.00 39.03 ? 4   TYR A CA  1 
ATOM   27   C C   . TYR A 1 4   ? -7.318  -4.694  -5.190  1.00 38.52 ? 4   TYR A C   1 
ATOM   28   O O   . TYR A 1 4   ? -6.289  -4.468  -5.850  1.00 35.91 ? 4   TYR A O   1 
ATOM   29   C CB  . TYR A 1 4   ? -6.593  -5.909  -3.132  1.00 39.73 ? 4   TYR A CB  1 
ATOM   30   C CG  . TYR A 1 4   ? -6.683  -7.163  -2.307  1.00 41.80 ? 4   TYR A CG  1 
ATOM   31   C CD1 . TYR A 1 4   ? -5.944  -8.304  -2.642  1.00 40.70 ? 4   TYR A CD1 1 
ATOM   32   C CD2 . TYR A 1 4   ? -7.564  -7.243  -1.225  1.00 43.98 ? 4   TYR A CD2 1 
ATOM   33   C CE1 . TYR A 1 4   ? -6.083  -9.487  -1.921  1.00 41.72 ? 4   TYR A CE1 1 
ATOM   34   C CE2 . TYR A 1 4   ? -7.708  -8.424  -0.498  1.00 42.85 ? 4   TYR A CE2 1 
ATOM   35   C CZ  . TYR A 1 4   ? -6.975  -9.538  -0.852  1.00 44.06 ? 4   TYR A CZ  1 
ATOM   36   O OH  . TYR A 1 4   ? -7.150  -10.707 -0.147  1.00 45.96 ? 4   TYR A OH  1 
ATOM   37   N N   . LYS A 1 5   ? -8.348  -3.860  -5.130  1.00 36.52 ? 5   LYS A N   1 
ATOM   38   C CA  . LYS A 1 5   ? -8.373  -2.630  -5.888  1.00 38.88 ? 5   LYS A CA  1 
ATOM   39   C C   . LYS A 1 5   ? -8.595  -1.408  -5.018  1.00 37.21 ? 5   LYS A C   1 
ATOM   40   O O   . LYS A 1 5   ? -9.326  -1.449  -4.042  1.00 37.36 ? 5   LYS A O   1 
ATOM   41   C CB  . LYS A 1 5   ? -9.487  -2.684  -6.940  1.00 40.11 ? 5   LYS A CB  1 
ATOM   42   C CG  . LYS A 1 5   ? -9.379  -3.848  -7.904  1.00 45.31 ? 5   LYS A CG  1 
ATOM   43   C CD  . LYS A 1 5   ? -10.477 -3.780  -8.965  1.00 49.04 ? 5   LYS A CD  1 
ATOM   44   C CE  . LYS A 1 5   ? -10.129 -4.638  -10.176 1.00 52.40 ? 5   LYS A CE  1 
ATOM   45   N NZ  . LYS A 1 5   ? -11.160 -4.506  -11.264 1.00 55.28 ? 5   LYS A NZ  1 
ATOM   46   N N   . ASP A 1 6   ? -7.963  -0.315  -5.416  1.00 36.44 ? 6   ASP A N   1 
ATOM   47   C CA  . ASP A 1 6   ? -8.083  0.952   -4.722  1.00 37.53 ? 6   ASP A CA  1 
ATOM   48   C C   . ASP A 1 6   ? -9.559  1.359   -4.880  1.00 39.05 ? 6   ASP A C   1 
ATOM   49   O O   . ASP A 1 6   ? -10.100 1.323   -5.995  1.00 37.43 ? 6   ASP A O   1 
ATOM   50   C CB  . ASP A 1 6   ? -7.137  1.955   -5.392  1.00 37.38 ? 6   ASP A CB  1 
ATOM   51   C CG  . ASP A 1 6   ? -7.126  3.300   -4.717  1.00 39.58 ? 6   ASP A CG  1 
ATOM   52   O OD1 . ASP A 1 6   ? -7.980  4.146   -5.070  1.00 36.91 ? 6   ASP A OD1 1 
ATOM   53   O OD2 . ASP A 1 6   ? -6.267  3.512   -3.825  1.00 38.06 ? 6   ASP A OD2 1 
ATOM   54   N N   . VAL A 1 7   ? -10.203 1.722   -3.770  1.00 39.81 ? 7   VAL A N   1 
ATOM   55   C CA  . VAL A 1 7   ? -11.617 2.095   -3.788  1.00 42.06 ? 7   VAL A CA  1 
ATOM   56   C C   . VAL A 1 7   ? -11.912 3.367   -4.581  1.00 43.37 ? 7   VAL A C   1 
ATOM   57   O O   . VAL A 1 7   ? -13.051 3.593   -4.967  1.00 44.23 ? 7   VAL A O   1 
ATOM   58   C CB  . VAL A 1 7   ? -12.183 2.319   -2.363  1.00 42.34 ? 7   VAL A CB  1 
ATOM   59   C CG1 . VAL A 1 7   ? -12.016 1.055   -1.500  1.00 41.54 ? 7   VAL A CG1 1 
ATOM   60   C CG2 . VAL A 1 7   ? -11.502 3.537   -1.723  1.00 42.51 ? 7   VAL A CG2 1 
ATOM   61   N N   . PHE A 1 8   ? -10.901 4.190   -4.838  1.00 43.36 ? 8   PHE A N   1 
ATOM   62   C CA  . PHE A 1 8   ? -11.137 5.429   -5.568  1.00 42.96 ? 8   PHE A CA  1 
ATOM   63   C C   . PHE A 1 8   ? -10.788 5.408   -7.050  1.00 44.07 ? 8   PHE A C   1 
ATOM   64   O O   . PHE A 1 8   ? -11.487 6.004   -7.861  1.00 44.15 ? 8   PHE A O   1 
ATOM   65   C CB  . PHE A 1 8   ? -10.401 6.584   -4.887  1.00 44.15 ? 8   PHE A CB  1 
ATOM   66   C CG  . PHE A 1 8   ? -10.802 6.785   -3.451  1.00 44.84 ? 8   PHE A CG  1 
ATOM   67   C CD1 . PHE A 1 8   ? -9.885  6.568   -2.420  1.00 44.16 ? 8   PHE A CD1 1 
ATOM   68   C CD2 . PHE A 1 8   ? -12.096 7.194   -3.124  1.00 45.92 ? 8   PHE A CD2 1 
ATOM   69   C CE1 . PHE A 1 8   ? -10.248 6.751   -1.079  1.00 45.95 ? 8   PHE A CE1 1 
ATOM   70   C CE2 . PHE A 1 8   ? -12.477 7.387   -1.779  1.00 46.86 ? 8   PHE A CE2 1 
ATOM   71   C CZ  . PHE A 1 8   ? -11.547 7.166   -0.754  1.00 45.66 ? 8   PHE A CZ  1 
ATOM   72   N N   . THR A 1 9   ? -9.721  4.712   -7.417  1.00 43.56 ? 9   THR A N   1 
ATOM   73   C CA  . THR A 1 9   ? -9.302  4.665   -8.807  1.00 41.77 ? 9   THR A CA  1 
ATOM   74   C C   . THR A 1 9   ? -9.655  3.333   -9.430  1.00 41.79 ? 9   THR A C   1 
ATOM   75   O O   . THR A 1 9   ? -9.677  3.196   -10.638 1.00 40.75 ? 9   THR A O   1 
ATOM   76   C CB  . THR A 1 9   ? -7.781  4.793   -8.911  1.00 42.73 ? 9   THR A CB  1 
ATOM   77   O OG1 . THR A 1 9   ? -7.194  3.675   -8.225  1.00 38.89 ? 9   THR A OG1 1 
ATOM   78   C CG2 . THR A 1 9   ? -7.285  6.104   -8.293  1.00 41.23 ? 9   THR A CG2 1 
ATOM   79   N N   . ASN A 1 10  ? -9.886  2.339   -8.586  1.00 41.85 ? 10  ASN A N   1 
ATOM   80   C CA  . ASN A 1 10  ? -10.166 0.993   -9.043  1.00 42.17 ? 10  ASN A CA  1 
ATOM   81   C C   . ASN A 1 10  ? -8.915  0.297   -9.595  1.00 41.64 ? 10  ASN A C   1 
ATOM   82   O O   . ASN A 1 10  ? -9.021  -0.749  -10.234 1.00 42.26 ? 10  ASN A O   1 
ATOM   83   C CB  . ASN A 1 10  ? -11.263 0.989   -10.112 1.00 44.37 ? 10  ASN A CB  1 
ATOM   84   C CG  . ASN A 1 10  ? -12.591 1.451   -9.560  1.00 44.65 ? 10  ASN A CG  1 
ATOM   85   O OD1 . ASN A 1 10  ? -13.105 2.494   -9.953  1.00 46.47 ? 10  ASN A OD1 1 
ATOM   86   N ND2 . ASN A 1 10  ? -13.139 0.686   -8.622  1.00 43.56 ? 10  ASN A ND2 1 
ATOM   87   N N   . ASP A 1 11  ? -7.732  0.866   -9.363  1.00 40.56 ? 11  ASP A N   1 
ATOM   88   C CA  . ASP A 1 11  ? -6.494  0.216   -9.825  1.00 39.66 ? 11  ASP A CA  1 
ATOM   89   C C   . ASP A 1 11  ? -6.282  -1.056  -9.017  1.00 39.26 ? 11  ASP A C   1 
ATOM   90   O O   . ASP A 1 11  ? -6.559  -1.096  -7.814  1.00 38.15 ? 11  ASP A O   1 
ATOM   91   C CB  . ASP A 1 11  ? -5.250  1.069   -9.546  1.00 39.45 ? 11  ASP A CB  1 
ATOM   92   C CG  . ASP A 1 11  ? -5.227  2.365   -10.308 1.00 42.75 ? 11  ASP A CG  1 
ATOM   93   O OD1 . ASP A 1 11  ? -5.975  2.522   -11.309 1.00 40.33 ? 11  ASP A OD1 1 
ATOM   94   O OD2 . ASP A 1 11  ? -4.421  3.224   -9.905  1.00 40.67 ? 11  ASP A OD2 1 
ATOM   95   N N   . GLU A 1 12  ? -5.743  -2.078  -9.661  1.00 39.42 ? 12  GLU A N   1 
ATOM   96   C CA  . GLU A 1 12  ? -5.421  -3.310  -8.961  1.00 40.21 ? 12  GLU A CA  1 
ATOM   97   C C   . GLU A 1 12  ? -4.062  -3.051  -8.324  1.00 38.12 ? 12  GLU A C   1 
ATOM   98   O O   . GLU A 1 12  ? -3.147  -2.566  -9.004  1.00 37.17 ? 12  GLU A O   1 
ATOM   99   C CB  . GLU A 1 12  ? -5.289  -4.465  -9.936  1.00 44.30 ? 12  GLU A CB  1 
ATOM   100  C CG  . GLU A 1 12  ? -6.572  -4.885  -10.600 1.00 49.17 ? 12  GLU A CG  1 
ATOM   101  C CD  . GLU A 1 12  ? -6.376  -6.153  -11.399 1.00 52.91 ? 12  GLU A CD  1 
ATOM   102  O OE1 . GLU A 1 12  ? -7.376  -6.843  -11.687 1.00 54.83 ? 12  GLU A OE1 1 
ATOM   103  O OE2 . GLU A 1 12  ? -5.212  -6.460  -11.743 1.00 55.06 ? 12  GLU A OE2 1 
ATOM   104  N N   . VAL A 1 13  ? -3.919  -3.377  -7.039  1.00 34.44 ? 13  VAL A N   1 
ATOM   105  C CA  . VAL A 1 13  ? -2.659  -3.141  -6.349  1.00 33.52 ? 13  VAL A CA  1 
ATOM   106  C C   . VAL A 1 13  ? -2.087  -4.340  -5.625  1.00 32.86 ? 13  VAL A C   1 
ATOM   107  O O   . VAL A 1 13  ? -0.959  -4.294  -5.132  1.00 31.31 ? 13  VAL A O   1 
ATOM   108  C CB  . VAL A 1 13  ? -2.781  -1.955  -5.347  1.00 34.18 ? 13  VAL A CB  1 
ATOM   109  C CG1 . VAL A 1 13  ? -3.107  -0.700  -6.112  1.00 32.07 ? 13  VAL A CG1 1 
ATOM   110  C CG2 . VAL A 1 13  ? -3.856  -2.258  -4.280  1.00 33.36 ? 13  VAL A CG2 1 
ATOM   111  N N   . CYS A 1 14  ? -2.870  -5.413  -5.542  1.00 31.99 ? 14  CYS A N   1 
ATOM   112  C CA  . CYS A 1 14  ? -2.423  -6.631  -4.875  1.00 31.97 ? 14  CYS A CA  1 
ATOM   113  C C   . CYS A 1 14  ? -3.402  -7.758  -5.228  1.00 32.71 ? 14  CYS A C   1 
ATOM   114  O O   . CYS A 1 14  ? -4.437  -7.509  -5.842  1.00 34.63 ? 14  CYS A O   1 
ATOM   115  C CB  . CYS A 1 14  ? -2.371  -6.424  -3.357  1.00 30.89 ? 14  CYS A CB  1 
ATOM   116  S SG  . CYS A 1 14  ? -1.346  -7.646  -2.484  1.00 32.40 ? 14  CYS A SG  1 
ATOM   117  N N   . SER A 1 15  ? -3.071  -8.987  -4.852  1.00 33.50 ? 15  SER A N   1 
ATOM   118  C CA  . SER A 1 15  ? -3.934  -10.128 -5.154  1.00 35.06 ? 15  SER A CA  1 
ATOM   119  C C   . SER A 1 15  ? -3.597  -11.267 -4.218  1.00 35.11 ? 15  SER A C   1 
ATOM   120  O O   . SER A 1 15  ? -2.593  -11.208 -3.486  1.00 33.39 ? 15  SER A O   1 
ATOM   121  C CB  . SER A 1 15  ? -3.704  -10.610 -6.590  1.00 33.88 ? 15  SER A CB  1 
ATOM   122  O OG  . SER A 1 15  ? -2.502  -11.345 -6.658  1.00 34.73 ? 15  SER A OG  1 
ATOM   123  N N   . ASP A 1 16  ? -4.409  -12.321 -4.274  1.00 35.29 ? 16  ASP A N   1 
ATOM   124  C CA  . ASP A 1 16  ? -4.169  -13.488 -3.444  1.00 37.59 ? 16  ASP A CA  1 
ATOM   125  C C   . ASP A 1 16  ? -3.032  -14.346 -3.952  1.00 35.65 ? 16  ASP A C   1 
ATOM   126  O O   . ASP A 1 16  ? -2.760  -15.410 -3.410  1.00 34.90 ? 16  ASP A O   1 
ATOM   127  C CB  . ASP A 1 16  ? -5.437  -14.312 -3.268  1.00 40.67 ? 16  ASP A CB  1 
ATOM   128  C CG  . ASP A 1 16  ? -6.337  -13.733 -2.192  1.00 45.71 ? 16  ASP A CG  1 
ATOM   129  O OD1 . ASP A 1 16  ? -5.823  -12.939 -1.362  1.00 44.81 ? 16  ASP A OD1 1 
ATOM   130  O OD2 . ASP A 1 16  ? -7.537  -14.078 -2.166  1.00 49.27 ? 16  ASP A OD2 1 
ATOM   131  N N   . SER A 1 17  ? -2.357  -13.888 -5.000  1.00 34.74 ? 17  SER A N   1 
ATOM   132  C CA  . SER A 1 17  ? -1.179  -14.612 -5.473  1.00 34.25 ? 17  SER A CA  1 
ATOM   133  C C   . SER A 1 17  ? -0.053  -14.349 -4.461  1.00 33.93 ? 17  SER A C   1 
ATOM   134  O O   . SER A 1 17  ? 0.981   -15.000 -4.502  1.00 34.79 ? 17  SER A O   1 
ATOM   135  C CB  . SER A 1 17  ? -0.735  -14.126 -6.862  1.00 34.83 ? 17  SER A CB  1 
ATOM   136  O OG  . SER A 1 17  ? -1.626  -14.569 -7.855  1.00 36.12 ? 17  SER A OG  1 
ATOM   137  N N   . TYR A 1 18  ? -0.266  -13.385 -3.558  1.00 32.90 ? 18  TYR A N   1 
ATOM   138  C CA  . TYR A 1 18  ? 0.692   -13.034 -2.512  1.00 33.90 ? 18  TYR A CA  1 
ATOM   139  C C   . TYR A 1 18  ? 0.098   -13.322 -1.114  1.00 35.20 ? 18  TYR A C   1 
ATOM   140  O O   . TYR A 1 18  ? -1.038  -12.962 -0.840  1.00 35.22 ? 18  TYR A O   1 
ATOM   141  C CB  . TYR A 1 18  ? 1.092   -11.540 -2.592  1.00 32.02 ? 18  TYR A CB  1 
ATOM   142  C CG  . TYR A 1 18  ? 1.805   -11.170 -3.876  1.00 33.62 ? 18  TYR A CG  1 
ATOM   143  C CD1 . TYR A 1 18  ? 1.086   -10.921 -5.044  1.00 31.64 ? 18  TYR A CD1 1 
ATOM   144  C CD2 . TYR A 1 18  ? 3.207   -11.169 -3.944  1.00 33.56 ? 18  TYR A CD2 1 
ATOM   145  C CE1 . TYR A 1 18  ? 1.743   -10.689 -6.264  1.00 31.03 ? 18  TYR A CE1 1 
ATOM   146  C CE2 . TYR A 1 18  ? 3.873   -10.951 -5.164  1.00 33.44 ? 18  TYR A CE2 1 
ATOM   147  C CZ  . TYR A 1 18  ? 3.130   -10.709 -6.313  1.00 33.34 ? 18  TYR A CZ  1 
ATOM   148  O OH  . TYR A 1 18  ? 3.757   -10.512 -7.523  1.00 34.02 ? 18  TYR A OH  1 
ATOM   149  N N   . ASN A 1 19  ? 0.878   -13.973 -0.252  1.00 34.26 ? 19  ASN A N   1 
ATOM   150  C CA  . ASN A 1 19  ? 0.460   -14.294 1.112   1.00 36.93 ? 19  ASN A CA  1 
ATOM   151  C C   . ASN A 1 19  ? 0.455   -13.026 1.994   1.00 37.79 ? 19  ASN A C   1 
ATOM   152  O O   . ASN A 1 19  ? 1.423   -12.271 2.007   1.00 38.22 ? 19  ASN A O   1 
ATOM   153  C CB  . ASN A 1 19  ? 1.432   -15.326 1.702   1.00 40.04 ? 19  ASN A CB  1 
ATOM   154  C CG  . ASN A 1 19  ? 1.036   -15.764 3.099   1.00 44.35 ? 19  ASN A CG  1 
ATOM   155  O OD1 . ASN A 1 19  ? 1.775   -15.560 4.065   1.00 48.91 ? 19  ASN A OD1 1 
ATOM   156  N ND2 . ASN A 1 19  ? -0.137  -16.360 3.212   1.00 45.07 ? 19  ASN A ND2 1 
ATOM   157  N N   . GLN A 1 20  ? -0.631  -12.788 2.726   1.00 37.48 ? 20  GLN A N   1 
ATOM   158  C CA  . GLN A 1 20  ? -0.718  -11.605 3.589   1.00 38.09 ? 20  GLN A CA  1 
ATOM   159  C C   . GLN A 1 20  ? -0.191  -11.886 5.000   1.00 38.20 ? 20  GLN A C   1 
ATOM   160  O O   . GLN A 1 20  ? -0.430  -12.963 5.563   1.00 36.48 ? 20  GLN A O   1 
ATOM   161  C CB  . GLN A 1 20  ? -2.168  -11.104 3.658   1.00 38.39 ? 20  GLN A CB  1 
ATOM   162  C CG  . GLN A 1 20  ? -2.785  -10.808 2.299   1.00 42.38 ? 20  GLN A CG  1 
ATOM   163  C CD  . GLN A 1 20  ? -4.145  -10.136 2.417   1.00 46.97 ? 20  GLN A CD  1 
ATOM   164  O OE1 . GLN A 1 20  ? -4.748  -10.106 3.495   1.00 49.08 ? 20  GLN A OE1 1 
ATOM   165  N NE2 . GLN A 1 20  ? -4.636  -9.593  1.307   1.00 47.91 ? 20  GLN A NE2 1 
ATOM   166  N N   . GLU A 1 21  ? 0.533   -10.917 5.561   1.00 34.41 ? 21  GLU A N   1 
ATOM   167  C CA  . GLU A 1 21  ? 1.107   -11.048 6.893   1.00 35.31 ? 21  GLU A CA  1 
ATOM   168  C C   . GLU A 1 21  ? 0.800   -9.813  7.721   1.00 32.95 ? 21  GLU A C   1 
ATOM   169  O O   . GLU A 1 21  ? 0.287   -8.821  7.192   1.00 31.40 ? 21  GLU A O   1 
ATOM   170  C CB  . GLU A 1 21  ? 2.622   -11.185 6.815   1.00 39.12 ? 21  GLU A CB  1 
ATOM   171  C CG  . GLU A 1 21  ? 3.138   -12.462 6.236   1.00 44.81 ? 21  GLU A CG  1 
ATOM   172  C CD  . GLU A 1 21  ? 4.637   -12.389 6.093   1.00 48.95 ? 21  GLU A CD  1 
ATOM   173  O OE1 . GLU A 1 21  ? 5.327   -12.156 7.116   1.00 51.54 ? 21  GLU A OE1 1 
ATOM   174  O OE2 . GLU A 1 21  ? 5.118   -12.548 4.954   1.00 52.12 ? 21  GLU A OE2 1 
ATOM   175  N N   . ASP A 1 22  ? 1.134   -9.853  9.005   1.00 30.67 ? 22  ASP A N   1 
ATOM   176  C CA  . ASP A 1 22  ? 0.875   -8.705  9.858   1.00 32.89 ? 22  ASP A CA  1 
ATOM   177  C C   . ASP A 1 22  ? 1.801   -7.545  9.463   1.00 33.62 ? 22  ASP A C   1 
ATOM   178  O O   . ASP A 1 22  ? 3.002   -7.734  9.281   1.00 34.10 ? 22  ASP A O   1 
ATOM   179  C CB  . ASP A 1 22  ? 1.102   -9.045  11.331  1.00 32.42 ? 22  ASP A CB  1 
ATOM   180  C CG  . ASP A 1 22  ? 0.108   -10.075 11.868  1.00 34.04 ? 22  ASP A CG  1 
ATOM   181  O OD1 . ASP A 1 22  ? -0.997  -10.205 11.317  1.00 32.19 ? 22  ASP A OD1 1 
ATOM   182  O OD2 . ASP A 1 22  ? 0.439   -10.734 12.874  1.00 35.18 ? 22  ASP A OD2 1 
ATOM   183  N N   . PRO A 1 23  ? 1.250   -6.330  9.330   1.00 34.69 ? 23  PRO A N   1 
ATOM   184  C CA  . PRO A 1 23  ? 2.101   -5.192  8.952   1.00 36.52 ? 23  PRO A CA  1 
ATOM   185  C C   . PRO A 1 23  ? 3.199   -4.961  9.999   1.00 38.35 ? 23  PRO A C   1 
ATOM   186  O O   . PRO A 1 23  ? 2.923   -4.882  11.204  1.00 37.34 ? 23  PRO A O   1 
ATOM   187  C CB  . PRO A 1 23  ? 1.096   -4.034  8.795   1.00 37.28 ? 23  PRO A CB  1 
ATOM   188  C CG  . PRO A 1 23  ? -0.074  -4.448  9.622   1.00 37.84 ? 23  PRO A CG  1 
ATOM   189  C CD  . PRO A 1 23  ? -0.161  -5.935  9.452   1.00 36.07 ? 23  PRO A CD  1 
ATOM   190  N N   . PHE A 1 24  ? 4.450   -4.922  9.535   1.00 36.67 ? 24  PHE A N   1 
ATOM   191  C CA  . PHE A 1 24  ? 5.602   -4.743  10.403  1.00 37.80 ? 24  PHE A CA  1 
ATOM   192  C C   . PHE A 1 24  ? 5.660   -5.852  11.454  1.00 39.97 ? 24  PHE A C   1 
ATOM   193  O O   . PHE A 1 24  ? 6.340   -5.713  12.463  1.00 39.13 ? 24  PHE A O   1 
ATOM   194  C CB  . PHE A 1 24  ? 5.542   -3.375  11.098  1.00 38.52 ? 24  PHE A CB  1 
ATOM   195  C CG  . PHE A 1 24  ? 5.231   -2.240  10.163  1.00 37.61 ? 24  PHE A CG  1 
ATOM   196  C CD1 . PHE A 1 24  ? 3.994   -1.611  10.200  1.00 36.60 ? 24  PHE A CD1 1 
ATOM   197  C CD2 . PHE A 1 24  ? 6.148   -1.858  9.181   1.00 37.78 ? 24  PHE A CD2 1 
ATOM   198  C CE1 . PHE A 1 24  ? 3.663   -0.621  9.275   1.00 38.23 ? 24  PHE A CE1 1 
ATOM   199  C CE2 . PHE A 1 24  ? 5.818   -0.867  8.252   1.00 38.29 ? 24  PHE A CE2 1 
ATOM   200  C CZ  . PHE A 1 24  ? 4.572   -0.253  8.300   1.00 36.22 ? 24  PHE A CZ  1 
ATOM   201  N N   . GLY A 1 25  ? 4.969   -6.964  11.203  1.00 39.92 ? 25  GLY A N   1 
ATOM   202  C CA  . GLY A 1 25  ? 4.955   -8.048  12.177  1.00 40.45 ? 25  GLY A CA  1 
ATOM   203  C C   . GLY A 1 25  ? 4.172   -7.703  13.449  1.00 39.93 ? 25  GLY A C   1 
ATOM   204  O O   . GLY A 1 25  ? 4.312   -8.364  14.474  1.00 42.04 ? 25  GLY A O   1 
ATOM   205  N N   . ILE A 1 26  ? 3.342   -6.672  13.379  1.00 37.68 ? 26  ILE A N   1 
ATOM   206  C CA  . ILE A 1 26  ? 2.541   -6.224  14.514  1.00 38.47 ? 26  ILE A CA  1 
ATOM   207  C C   . ILE A 1 26  ? 1.107   -6.704  14.327  1.00 36.68 ? 26  ILE A C   1 
ATOM   208  O O   . ILE A 1 26  ? 0.354   -6.129  13.543  1.00 35.02 ? 26  ILE A O   1 
ATOM   209  C CB  . ILE A 1 26  ? 2.567   -4.677  14.610  1.00 39.67 ? 26  ILE A CB  1 
ATOM   210  C CG1 . ILE A 1 26  ? 4.000   -4.215  14.888  1.00 39.94 ? 26  ILE A CG1 1 
ATOM   211  C CG2 . ILE A 1 26  ? 1.629   -4.181  15.709  1.00 39.09 ? 26  ILE A CG2 1 
ATOM   212  C CD1 . ILE A 1 26  ? 4.261   -2.763  14.467  1.00 41.94 ? 26  ILE A CD1 1 
ATOM   213  N N   . ALA A 1 27  ? 0.739   -7.767  15.041  1.00 35.94 ? 27  ALA A N   1 
ATOM   214  C CA  . ALA A 1 27  ? -0.618  -8.332  14.922  1.00 35.72 ? 27  ALA A CA  1 
ATOM   215  C C   . ALA A 1 27  ? -1.720  -7.309  15.120  1.00 34.48 ? 27  ALA A C   1 
ATOM   216  O O   . ALA A 1 27  ? -2.752  -7.371  14.470  1.00 34.57 ? 27  ALA A O   1 
ATOM   217  C CB  . ALA A 1 27  ? -0.812  -9.503  15.928  1.00 35.50 ? 27  ALA A CB  1 
ATOM   218  N N   . ASP A 1 28  ? -1.505  -6.360  16.020  1.00 35.33 ? 28  ASP A N   1 
ATOM   219  C CA  . ASP A 1 28  ? -2.523  -5.352  16.289  1.00 34.73 ? 28  ASP A CA  1 
ATOM   220  C C   . ASP A 1 28  ? -2.861  -4.416  15.138  1.00 36.47 ? 28  ASP A C   1 
ATOM   221  O O   . ASP A 1 28  ? -3.877  -3.717  15.175  1.00 37.64 ? 28  ASP A O   1 
ATOM   222  C CB  . ASP A 1 28  ? -2.138  -4.527  17.507  1.00 37.67 ? 28  ASP A CB  1 
ATOM   223  C CG  . ASP A 1 28  ? -2.355  -5.279  18.797  1.00 38.26 ? 28  ASP A CG  1 
ATOM   224  O OD1 . ASP A 1 28  ? -1.373  -5.491  19.526  1.00 39.69 ? 28  ASP A OD1 1 
ATOM   225  O OD2 . ASP A 1 28  ? -3.518  -5.649  19.076  1.00 39.61 ? 28  ASP A OD2 1 
ATOM   226  N N   . PHE A 1 29  ? -2.008  -4.373  14.125  1.00 36.12 ? 29  PHE A N   1 
ATOM   227  C CA  . PHE A 1 29  ? -2.292  -3.524  12.975  1.00 36.13 ? 29  PHE A CA  1 
ATOM   228  C C   . PHE A 1 29  ? -3.040  -4.290  11.865  1.00 36.18 ? 29  PHE A C   1 
ATOM   229  O O   . PHE A 1 29  ? -3.615  -3.684  10.953  1.00 35.01 ? 29  PHE A O   1 
ATOM   230  C CB  . PHE A 1 29  ? -0.975  -2.947  12.428  1.00 37.66 ? 29  PHE A CB  1 
ATOM   231  C CG  . PHE A 1 29  ? -0.450  -1.742  13.210  1.00 39.66 ? 29  PHE A CG  1 
ATOM   232  C CD1 . PHE A 1 29  ? 0.907   -1.430  13.214  1.00 41.96 ? 29  PHE A CD1 1 
ATOM   233  C CD2 . PHE A 1 29  ? -1.309  -0.937  13.944  1.00 41.67 ? 29  PHE A CD2 1 
ATOM   234  C CE1 . PHE A 1 29  ? 1.394   -0.330  13.946  1.00 40.62 ? 29  PHE A CE1 1 
ATOM   235  C CE2 . PHE A 1 29  ? -0.824  0.164   14.676  1.00 41.29 ? 29  PHE A CE2 1 
ATOM   236  C CZ  . PHE A 1 29  ? 0.523   0.457   14.670  1.00 40.23 ? 29  PHE A CZ  1 
ATOM   237  N N   . ARG A 1 30  ? -3.049  -5.623  11.950  1.00 33.36 ? 30  ARG A N   1 
ATOM   238  C CA  . ARG A 1 30  ? -3.703  -6.432  10.927  1.00 33.42 ? 30  ARG A CA  1 
ATOM   239  C C   . ARG A 1 30  ? -5.143  -6.014  10.685  1.00 31.92 ? 30  ARG A C   1 
ATOM   240  O O   . ARG A 1 30  ? -5.654  -6.154  9.581   1.00 31.13 ? 30  ARG A O   1 
ATOM   241  C CB  . ARG A 1 30  ? -3.670  -7.924  11.301  1.00 33.02 ? 30  ARG A CB  1 
ATOM   242  C CG  . ARG A 1 30  ? -4.159  -8.847  10.167  1.00 35.98 ? 30  ARG A CG  1 
ATOM   243  C CD  . ARG A 1 30  ? -3.307  -8.706  8.892   1.00 36.08 ? 30  ARG A CD  1 
ATOM   244  N NE  . ARG A 1 30  ? -3.570  -9.779  7.927   1.00 37.09 ? 30  ARG A NE  1 
ATOM   245  C CZ  . ARG A 1 30  ? -2.985  -10.970 7.949   1.00 37.49 ? 30  ARG A CZ  1 
ATOM   246  N NH1 . ARG A 1 30  ? -2.082  -11.259 8.878   1.00 37.99 ? 30  ARG A NH1 1 
ATOM   247  N NH2 . ARG A 1 30  ? -3.322  -11.884 7.053   1.00 41.03 ? 30  ARG A NH2 1 
ATOM   248  N N   . GLU A 1 31  ? -5.791  -5.477  11.717  1.00 32.29 ? 31  GLU A N   1 
ATOM   249  C CA  . GLU A 1 31  ? -7.181  -5.060  11.587  1.00 34.42 ? 31  GLU A CA  1 
ATOM   250  C C   . GLU A 1 31  ? -7.376  -4.040  10.476  1.00 33.03 ? 31  GLU A C   1 
ATOM   251  O O   . GLU A 1 31  ? -8.383  -4.056  9.786   1.00 34.57 ? 31  GLU A O   1 
ATOM   252  C CB  . GLU A 1 31  ? -7.714  -4.501  12.927  1.00 36.36 ? 31  GLU A CB  1 
ATOM   253  C CG  . GLU A 1 31  ? -9.237  -4.285  12.940  1.00 39.08 ? 31  GLU A CG  1 
ATOM   254  C CD  . GLU A 1 31  ? -9.994  -5.596  12.725  1.00 40.61 ? 31  GLU A CD  1 
ATOM   255  O OE1 . GLU A 1 31  ? -9.564  -6.624  13.278  1.00 40.92 ? 31  GLU A OE1 1 
ATOM   256  O OE2 . GLU A 1 31  ? -11.006 -5.606  11.999  1.00 41.62 ? 31  GLU A OE2 1 
ATOM   257  N N   . ILE A 1 32  ? -6.412  -3.158  10.264  1.00 32.87 ? 32  ILE A N   1 
ATOM   258  C CA  . ILE A 1 32  ? -6.598  -2.154  9.215   1.00 33.83 ? 32  ILE A CA  1 
ATOM   259  C C   . ILE A 1 32  ? -5.519  -2.105  8.127   1.00 32.19 ? 32  ILE A C   1 
ATOM   260  O O   . ILE A 1 32  ? -5.567  -1.254  7.245   1.00 32.12 ? 32  ILE A O   1 
ATOM   261  C CB  . ILE A 1 32  ? -6.733  -0.729  9.820   1.00 36.55 ? 32  ILE A CB  1 
ATOM   262  C CG1 . ILE A 1 32  ? -5.515  -0.398  10.686  1.00 36.50 ? 32  ILE A CG1 1 
ATOM   263  C CG2 . ILE A 1 32  ? -8.030  -0.620  10.667  1.00 37.90 ? 32  ILE A CG2 1 
ATOM   264  C CD1 . ILE A 1 32  ? -5.465  1.072   11.011  1.00 40.10 ? 32  ILE A CD1 1 
ATOM   265  N N   . ALA A 1 33  ? -4.573  -3.033  8.169   1.00 31.56 ? 33  ALA A N   1 
ATOM   266  C CA  . ALA A 1 33  ? -3.491  -3.074  7.180   1.00 30.69 ? 33  ALA A CA  1 
ATOM   267  C C   . ALA A 1 33  ? -2.887  -4.467  7.104   1.00 31.19 ? 33  ALA A C   1 
ATOM   268  O O   . ALA A 1 33  ? -3.037  -5.250  8.028   1.00 32.39 ? 33  ALA A O   1 
ATOM   269  C CB  . ALA A 1 33  ? -2.390  -2.048  7.573   1.00 28.60 ? 33  ALA A CB  1 
ATOM   270  N N   . PHE A 1 34  ? -2.215  -4.781  6.001   1.00 29.92 ? 34  PHE A N   1 
ATOM   271  C CA  . PHE A 1 34  ? -1.541  -6.060  5.870   1.00 31.83 ? 34  PHE A CA  1 
ATOM   272  C C   . PHE A 1 34  ? -0.290  -5.835  5.017   1.00 31.38 ? 34  PHE A C   1 
ATOM   273  O O   . PHE A 1 34  ? -0.158  -4.800  4.357   1.00 30.82 ? 34  PHE A O   1 
ATOM   274  C CB  . PHE A 1 34  ? -2.458  -7.128  5.230   1.00 31.24 ? 34  PHE A CB  1 
ATOM   275  C CG  . PHE A 1 34  ? -2.888  -6.823  3.798   1.00 34.37 ? 34  PHE A CG  1 
ATOM   276  C CD1 . PHE A 1 34  ? -2.072  -7.166  2.717   1.00 32.62 ? 34  PHE A CD1 1 
ATOM   277  C CD2 . PHE A 1 34  ? -4.108  -6.201  3.542   1.00 32.08 ? 34  PHE A CD2 1 
ATOM   278  C CE1 . PHE A 1 34  ? -2.464  -6.893  1.398   1.00 32.71 ? 34  PHE A CE1 1 
ATOM   279  C CE2 . PHE A 1 34  ? -4.507  -5.926  2.244   1.00 32.78 ? 34  PHE A CE2 1 
ATOM   280  C CZ  . PHE A 1 34  ? -3.688  -6.273  1.163   1.00 34.78 ? 34  PHE A CZ  1 
ATOM   281  N N   . GLU A 1 35  ? 0.642   -6.773  5.063   1.00 30.21 ? 35  GLU A N   1 
ATOM   282  C CA  . GLU A 1 35  ? 1.829   -6.645  4.234   1.00 31.35 ? 35  GLU A CA  1 
ATOM   283  C C   . GLU A 1 35  ? 2.095   -7.954  3.492   1.00 30.63 ? 35  GLU A C   1 
ATOM   284  O O   . GLU A 1 35  ? 1.620   -9.034  3.889   1.00 31.26 ? 35  GLU A O   1 
ATOM   285  C CB  . GLU A 1 35  ? 3.051   -6.233  5.071   1.00 30.26 ? 35  GLU A CB  1 
ATOM   286  C CG  . GLU A 1 35  ? 3.735   -7.340  5.794   1.00 30.49 ? 35  GLU A CG  1 
ATOM   287  C CD  . GLU A 1 35  ? 5.043   -6.935  6.474   1.00 31.45 ? 35  GLU A CD  1 
ATOM   288  O OE1 . GLU A 1 35  ? 5.221   -5.758  6.850   1.00 27.28 ? 35  GLU A OE1 1 
ATOM   289  O OE2 . GLU A 1 35  ? 5.876   -7.842  6.682   1.00 32.19 ? 35  GLU A OE2 1 
ATOM   290  N N   . VAL A 1 36  ? 2.826   -7.839  2.390   1.00 29.73 ? 36  VAL A N   1 
ATOM   291  C CA  . VAL A 1 36  ? 3.173   -8.982  1.580   1.00 29.99 ? 36  VAL A CA  1 
ATOM   292  C C   . VAL A 1 36  ? 4.667   -8.881  1.306   1.00 31.34 ? 36  VAL A C   1 
ATOM   293  O O   . VAL A 1 36  ? 5.231   -7.786  1.201   1.00 28.81 ? 36  VAL A O   1 
ATOM   294  C CB  . VAL A 1 36  ? 2.362   -9.021  0.232   1.00 30.91 ? 36  VAL A CB  1 
ATOM   295  C CG1 . VAL A 1 36  ? 0.856   -9.006  0.515   1.00 27.41 ? 36  VAL A CG1 1 
ATOM   296  C CG2 . VAL A 1 36  ? 2.727   -7.840  -0.640  1.00 31.63 ? 36  VAL A CG2 1 
ATOM   297  N N   . LYS A 1 37  ? 5.308   -10.036 1.221   1.00 29.64 ? 37  LYS A N   1 
ATOM   298  C CA  . LYS A 1 37  ? 6.721   -10.089 0.970   1.00 31.40 ? 37  LYS A CA  1 
ATOM   299  C C   . LYS A 1 37  ? 6.909   -10.131 -0.550  1.00 31.23 ? 37  LYS A C   1 
ATOM   300  O O   . LYS A 1 37  ? 6.291   -10.930 -1.246  1.00 30.93 ? 37  LYS A O   1 
ATOM   301  C CB  . LYS A 1 37  ? 7.286   -11.334 1.657   1.00 34.57 ? 37  LYS A CB  1 
ATOM   302  C CG  . LYS A 1 37  ? 8.699   -11.693 1.261   1.00 38.44 ? 37  LYS A CG  1 
ATOM   303  C CD  . LYS A 1 37  ? 9.705   -10.604 1.606   1.00 40.30 ? 37  LYS A CD  1 
ATOM   304  C CE  . LYS A 1 37  ? 11.108  -11.173 1.483   1.00 43.04 ? 37  LYS A CE  1 
ATOM   305  N NZ  . LYS A 1 37  ? 12.141  -10.175 1.878   1.00 44.65 ? 37  LYS A NZ  1 
ATOM   306  N N   . SER A 1 38  ? 7.716   -9.218  -1.088  1.00 29.37 ? 38  SER A N   1 
ATOM   307  C CA  . SER A 1 38  ? 7.944   -9.228  -2.531  1.00 28.68 ? 38  SER A CA  1 
ATOM   308  C C   . SER A 1 38  ? 9.177   -10.058 -2.830  1.00 30.20 ? 38  SER A C   1 
ATOM   309  O O   . SER A 1 38  ? 9.934   -10.407 -1.920  1.00 32.19 ? 38  SER A O   1 
ATOM   310  C CB  . SER A 1 38  ? 8.160   -7.802  -3.057  1.00 29.29 ? 38  SER A CB  1 
ATOM   311  O OG  . SER A 1 38  ? 9.456   -7.361  -2.681  1.00 26.41 ? 38  SER A OG  1 
ATOM   312  N N   . ASN A 1 39  ? 9.378   -10.353 -4.110  1.00 31.79 ? 39  ASN A N   1 
ATOM   313  C CA  . ASN A 1 39  ? 10.542  -11.095 -4.577  1.00 33.42 ? 39  ASN A CA  1 
ATOM   314  C C   . ASN A 1 39  ? 11.038  -10.506 -5.888  1.00 33.44 ? 39  ASN A C   1 
ATOM   315  O O   . ASN A 1 39  ? 10.324  -9.757  -6.570  1.00 31.66 ? 39  ASN A O   1 
ATOM   316  C CB  . ASN A 1 39  ? 10.231  -12.578 -4.808  1.00 31.12 ? 39  ASN A CB  1 
ATOM   317  C CG  . ASN A 1 39  ? 10.319  -13.390 -3.537  1.00 35.84 ? 39  ASN A CG  1 
ATOM   318  O OD1 . ASN A 1 39  ? 11.406  -13.656 -3.026  1.00 33.65 ? 39  ASN A OD1 1 
ATOM   319  N ND2 . ASN A 1 39  ? 9.167   -13.777 -3.011  1.00 32.23 ? 39  ASN A ND2 1 
ATOM   320  N N   . LYS A 1 40  ? 12.271  -10.862 -6.235  1.00 34.48 ? 40  LYS A N   1 
ATOM   321  C CA  . LYS A 1 40  ? 12.860  -10.402 -7.480  1.00 36.23 ? 40  LYS A CA  1 
ATOM   322  C C   . LYS A 1 40  ? 12.130  -11.096 -8.633  1.00 36.58 ? 40  LYS A C   1 
ATOM   323  O O   . LYS A 1 40  ? 11.600  -12.207 -8.488  1.00 33.34 ? 40  LYS A O   1 
ATOM   324  C CB  . LYS A 1 40  ? 14.341  -10.781 -7.548  1.00 38.24 ? 40  LYS A CB  1 
ATOM   325  C CG  . LYS A 1 40  ? 15.158  -10.312 -6.343  1.00 43.40 ? 40  LYS A CG  1 
ATOM   326  C CD  . LYS A 1 40  ? 16.645  -10.585 -6.552  1.00 47.47 ? 40  LYS A CD  1 
ATOM   327  C CE  . LYS A 1 40  ? 17.428  -10.332 -5.270  1.00 51.14 ? 40  LYS A CE  1 
ATOM   328  N NZ  . LYS A 1 40  ? 18.841  -10.824 -5.413  1.00 56.57 ? 40  LYS A NZ  1 
ATOM   329  N N   . ARG A 1 41  ? 12.080  -10.408 -9.765  1.00 34.89 ? 41  ARG A N   1 
ATOM   330  C CA  . ARG A 1 41  ? 11.480  -10.928 -10.973 1.00 36.18 ? 41  ARG A CA  1 
ATOM   331  C C   . ARG A 1 41  ? 12.397  -10.476 -12.101 1.00 38.84 ? 41  ARG A C   1 
ATOM   332  O O   . ARG A 1 41  ? 12.939  -9.357  -12.067 1.00 34.50 ? 41  ARG A O   1 
ATOM   333  C CB  . ARG A 1 41  ? 10.067  -10.371 -11.181 1.00 36.65 ? 41  ARG A CB  1 
ATOM   334  C CG  . ARG A 1 41  ? 9.487   -10.693 -12.553 1.00 34.50 ? 41  ARG A CG  1 
ATOM   335  C CD  . ARG A 1 41  ? 8.073   -10.101 -12.717 1.00 37.73 ? 41  ARG A CD  1 
ATOM   336  N NE  . ARG A 1 41  ? 7.094   -10.798 -11.883 1.00 36.90 ? 41  ARG A NE  1 
ATOM   337  C CZ  . ARG A 1 41  ? 5.774   -10.598 -11.928 1.00 38.64 ? 41  ARG A CZ  1 
ATOM   338  N NH1 . ARG A 1 41  ? 5.255   -9.704  -12.767 1.00 35.44 ? 41  ARG A NH1 1 
ATOM   339  N NH2 . ARG A 1 41  ? 4.965   -11.321 -11.151 1.00 36.35 ? 41  ARG A NH2 1 
ATOM   340  N N   . ILE A 1 42  ? 12.576  -11.350 -13.084 1.00 42.38 ? 42  ILE A N   1 
ATOM   341  C CA  . ILE A 1 42  ? 13.426  -11.061 -14.221 1.00 49.39 ? 42  ILE A CA  1 
ATOM   342  C C   . ILE A 1 42  ? 12.639  -10.756 -15.472 1.00 53.38 ? 42  ILE A C   1 
ATOM   343  O O   . ILE A 1 42  ? 11.738  -11.504 -15.861 1.00 52.67 ? 42  ILE A O   1 
ATOM   344  C CB  . ILE A 1 42  ? 14.361  -12.229 -14.553 1.00 50.26 ? 42  ILE A CB  1 
ATOM   345  C CG1 . ILE A 1 42  ? 15.484  -12.299 -13.530 1.00 50.04 ? 42  ILE A CG1 1 
ATOM   346  C CG2 . ILE A 1 42  ? 14.904  -12.073 -15.975 1.00 51.54 ? 42  ILE A CG2 1 
ATOM   347  C CD1 . ILE A 1 42  ? 16.492  -13.363 -13.856 1.00 52.29 ? 42  ILE A CD1 1 
ATOM   348  N N   . LYS A 1 43  ? 13.028  -9.654  -16.098 1.00 58.36 ? 43  LYS A N   1 
ATOM   349  C CA  . LYS A 1 43  ? 12.439  -9.155  -17.332 1.00 63.43 ? 43  LYS A CA  1 
ATOM   350  C C   . LYS A 1 43  ? 10.952  -8.978  -17.227 1.00 64.64 ? 43  LYS A C   1 
ATOM   351  O O   . LYS A 1 43  ? 10.188  -9.694  -17.875 1.00 67.66 ? 43  LYS A O   1 
ATOM   352  C CB  . LYS A 1 43  ? 12.779  -10.073 -18.517 1.00 64.11 ? 43  LYS A CB  1 
ATOM   353  C CG  . LYS A 1 43  ? 14.233  -9.987  -18.972 1.00 65.69 ? 43  LYS A CG  1 
ATOM   354  C CD  . LYS A 1 43  ? 14.567  -11.093 -20.003 1.00 67.98 ? 43  LYS A CD  1 
ATOM   355  C CE  . LYS A 1 43  ? 13.682  -10.999 -21.258 1.00 69.21 ? 43  LYS A CE  1 
ATOM   356  N NZ  . LYS A 1 43  ? 14.045  -11.981 -22.337 1.00 69.89 ? 43  LYS A NZ  1 
ATOM   357  N N   . GLY A 1 44  ? 10.543  -8.018  -16.404 1.00 65.47 ? 44  GLY A N   1 
ATOM   358  C CA  . GLY A 1 44  ? 9.130   -7.747  -16.253 1.00 67.48 ? 44  GLY A CA  1 
ATOM   359  C C   . GLY A 1 44  ? 8.753   -6.520  -17.063 1.00 68.90 ? 44  GLY A C   1 
ATOM   360  O O   . GLY A 1 44  ? 7.575   -6.279  -17.344 1.00 69.49 ? 44  GLY A O   1 
ATOM   361  N N   . ASN A 1 45  ? 9.762   -5.742  -17.441 1.00 70.29 ? 45  ASN A N   1 
ATOM   362  C CA  . ASN A 1 45  ? 9.556   -4.525  -18.222 1.00 71.11 ? 45  ASN A CA  1 
ATOM   363  C C   . ASN A 1 45  ? 8.708   -3.527  -17.446 1.00 71.14 ? 45  ASN A C   1 
ATOM   364  O O   . ASN A 1 45  ? 9.237   -2.695  -16.702 1.00 71.56 ? 45  ASN A O   1 
ATOM   365  C CB  . ASN A 1 45  ? 8.880   -4.853  -19.558 1.00 71.98 ? 45  ASN A CB  1 
ATOM   366  C CG  . ASN A 1 45  ? 8.818   -3.656  -20.487 1.00 73.75 ? 45  ASN A CG  1 
ATOM   367  O OD1 . ASN A 1 45  ? 9.839   -3.026  -20.773 1.00 74.28 ? 45  ASN A OD1 1 
ATOM   368  N ND2 . ASN A 1 45  ? 7.616   -3.335  -20.970 1.00 74.52 ? 45  ASN A ND2 1 
ATOM   369  N N   . GLY A 1 60  ? 15.627  5.598   -20.749 1.00 63.48 ? 60  GLY A N   1 
ATOM   370  C CA  . GLY A 1 60  ? 15.977  4.188   -20.721 1.00 62.49 ? 60  GLY A CA  1 
ATOM   371  C C   . GLY A 1 60  ? 16.560  3.687   -22.030 1.00 60.36 ? 60  GLY A C   1 
ATOM   372  O O   . GLY A 1 60  ? 16.192  4.173   -23.096 1.00 62.96 ? 60  GLY A O   1 
ATOM   373  N N   . MET A 1 61  ? 17.479  2.729   -21.961 1.00 57.09 ? 61  MET A N   1 
ATOM   374  C CA  . MET A 1 61  ? 18.089  2.179   -23.167 1.00 52.86 ? 61  MET A CA  1 
ATOM   375  C C   . MET A 1 61  ? 18.082  0.651   -23.135 1.00 49.86 ? 61  MET A C   1 
ATOM   376  O O   . MET A 1 61  ? 18.604  0.002   -24.038 1.00 50.13 ? 61  MET A O   1 
ATOM   377  C CB  . MET A 1 61  ? 19.520  2.702   -23.357 1.00 52.99 ? 61  MET A CB  1 
ATOM   378  C CG  . MET A 1 61  ? 19.610  4.191   -23.689 1.00 52.40 ? 61  MET A CG  1 
ATOM   379  S SD  . MET A 1 61  ? 18.684  4.660   -25.177 1.00 52.56 ? 61  MET A SD  1 
ATOM   380  C CE  . MET A 1 61  ? 19.243  6.396   -25.408 1.00 54.29 ? 61  MET A CE  1 
ATOM   381  N N   . GLY A 1 62  ? 17.496  0.084   -22.087 1.00 46.74 ? 62  GLY A N   1 
ATOM   382  C CA  . GLY A 1 62  ? 17.384  -1.364  -21.986 1.00 43.86 ? 62  GLY A CA  1 
ATOM   383  C C   . GLY A 1 62  ? 18.581  -2.167  -21.499 1.00 42.68 ? 62  GLY A C   1 
ATOM   384  O O   . GLY A 1 62  ? 19.700  -1.663  -21.394 1.00 42.39 ? 62  GLY A O   1 
ATOM   385  N N   . ALA A 1 63  ? 18.321  -3.435  -21.205 1.00 39.57 ? 63  ALA A N   1 
ATOM   386  C CA  . ALA A 1 63  ? 19.328  -4.374  -20.735 1.00 38.51 ? 63  ALA A CA  1 
ATOM   387  C C   . ALA A 1 63  ? 18.755  -5.751  -21.065 1.00 39.05 ? 63  ALA A C   1 
ATOM   388  O O   . ALA A 1 63  ? 17.544  -5.875  -21.256 1.00 37.74 ? 63  ALA A O   1 
ATOM   389  C CB  . ALA A 1 63  ? 19.515  -4.222  -19.237 1.00 35.25 ? 63  ALA A CB  1 
ATOM   390  N N   . ASP A 1 64  ? 19.597  -6.779  -21.119 1.00 38.33 ? 64  ASP A N   1 
ATOM   391  C CA  . ASP A 1 64  ? 19.118  -8.115  -21.442 1.00 40.23 ? 64  ASP A CA  1 
ATOM   392  C C   . ASP A 1 64  ? 18.305  -8.724  -20.309 1.00 40.86 ? 64  ASP A C   1 
ATOM   393  O O   . ASP A 1 64  ? 17.297  -9.383  -20.556 1.00 40.58 ? 64  ASP A O   1 
ATOM   394  C CB  . ASP A 1 64  ? 20.280  -9.049  -21.785 1.00 40.58 ? 64  ASP A CB  1 
ATOM   395  C CG  . ASP A 1 64  ? 20.925  -8.714  -23.123 1.00 42.47 ? 64  ASP A CG  1 
ATOM   396  O OD1 . ASP A 1 64  ? 20.279  -8.075  -23.971 1.00 44.56 ? 64  ASP A OD1 1 
ATOM   397  O OD2 . ASP A 1 64  ? 22.081  -9.100  -23.327 1.00 44.20 ? 64  ASP A OD2 1 
ATOM   398  N N   . VAL A 1 65  ? 18.765  -8.520  -19.079 1.00 38.59 ? 65  VAL A N   1 
ATOM   399  C CA  . VAL A 1 65  ? 18.084  -9.025  -17.889 1.00 38.77 ? 65  VAL A CA  1 
ATOM   400  C C   . VAL A 1 65  ? 17.626  -7.833  -17.052 1.00 39.28 ? 65  VAL A C   1 
ATOM   401  O O   . VAL A 1 65  ? 18.427  -7.205  -16.338 1.00 38.12 ? 65  VAL A O   1 
ATOM   402  C CB  . VAL A 1 65  ? 19.016  -9.896  -17.033 1.00 39.49 ? 65  VAL A CB  1 
ATOM   403  C CG1 . VAL A 1 65  ? 18.343  -10.244 -15.701 1.00 40.52 ? 65  VAL A CG1 1 
ATOM   404  C CG2 . VAL A 1 65  ? 19.373  -11.165 -17.803 1.00 41.02 ? 65  VAL A CG2 1 
ATOM   405  N N   . GLU A 1 66  ? 16.343  -7.518  -17.165 1.00 36.63 ? 66  GLU A N   1 
ATOM   406  C CA  . GLU A 1 66  ? 15.742  -6.406  -16.438 1.00 37.69 ? 66  GLU A CA  1 
ATOM   407  C C   . GLU A 1 66  ? 15.227  -6.896  -15.069 1.00 37.60 ? 66  GLU A C   1 
ATOM   408  O O   . GLU A 1 66  ? 14.238  -7.638  -14.984 1.00 35.78 ? 66  GLU A O   1 
ATOM   409  C CB  . GLU A 1 66  ? 14.594  -5.831  -17.269 1.00 39.38 ? 66  GLU A CB  1 
ATOM   410  C CG  . GLU A 1 66  ? 14.137  -4.465  -16.807 1.00 46.88 ? 66  GLU A CG  1 
ATOM   411  C CD  . GLU A 1 66  ? 12.816  -4.039  -17.435 1.00 52.01 ? 66  GLU A CD  1 
ATOM   412  O OE1 . GLU A 1 66  ? 12.585  -4.389  -18.607 1.00 54.94 ? 66  GLU A OE1 1 
ATOM   413  O OE2 . GLU A 1 66  ? 12.015  -3.353  -16.757 1.00 53.85 ? 66  GLU A OE2 1 
ATOM   414  N N   . GLN A 1 67  ? 15.918  -6.511  -14.003 1.00 35.13 ? 67  GLN A N   1 
ATOM   415  C CA  . GLN A 1 67  ? 15.539  -6.923  -12.659 1.00 34.20 ? 67  GLN A CA  1 
ATOM   416  C C   . GLN A 1 67  ? 14.492  -5.961  -12.122 1.00 34.76 ? 67  GLN A C   1 
ATOM   417  O O   . GLN A 1 67  ? 14.691  -4.742  -12.152 1.00 31.24 ? 67  GLN A O   1 
ATOM   418  C CB  . GLN A 1 67  ? 16.762  -6.903  -11.742 1.00 36.81 ? 67  GLN A CB  1 
ATOM   419  C CG  . GLN A 1 67  ? 17.853  -7.891  -12.147 1.00 37.93 ? 67  GLN A CG  1 
ATOM   420  C CD  . GLN A 1 67  ? 19.028  -7.816  -11.203 1.00 41.65 ? 67  GLN A CD  1 
ATOM   421  O OE1 . GLN A 1 67  ? 18.852  -7.760  -9.985  1.00 41.35 ? 67  GLN A OE1 1 
ATOM   422  N NE2 . GLN A 1 67  ? 20.230  -7.811  -11.751 1.00 41.39 ? 67  GLN A NE2 1 
ATOM   423  N N   . VAL A 1 68  ? 13.369  -6.510  -11.661 1.00 33.12 ? 68  VAL A N   1 
ATOM   424  C CA  . VAL A 1 68  ? 12.288  -5.692  -11.112 1.00 32.42 ? 68  VAL A CA  1 
ATOM   425  C C   . VAL A 1 68  ? 11.765  -6.386  -9.869  1.00 31.40 ? 68  VAL A C   1 
ATOM   426  O O   . VAL A 1 68  ? 12.213  -7.481  -9.532  1.00 33.53 ? 68  VAL A O   1 
ATOM   427  C CB  . VAL A 1 68  ? 11.126  -5.491  -12.141 1.00 30.56 ? 68  VAL A CB  1 
ATOM   428  C CG1 . VAL A 1 68  ? 11.640  -4.747  -13.366 1.00 32.85 ? 68  VAL A CG1 1 
ATOM   429  C CG2 . VAL A 1 68  ? 10.513  -6.844  -12.551 1.00 31.09 ? 68  VAL A CG2 1 
ATOM   430  N N   . ILE A 1 69  ? 10.830  -5.745  -9.183  1.00 31.34 ? 69  ILE A N   1 
ATOM   431  C CA  . ILE A 1 69  ? 10.224  -6.318  -7.986  1.00 30.81 ? 69  ILE A CA  1 
ATOM   432  C C   . ILE A 1 69  ? 8.898   -6.893  -8.493  1.00 29.87 ? 69  ILE A C   1 
ATOM   433  O O   . ILE A 1 69  ? 8.179   -6.205  -9.222  1.00 29.41 ? 69  ILE A O   1 
ATOM   434  C CB  . ILE A 1 69  ? 9.983   -5.224  -6.933  1.00 32.55 ? 69  ILE A CB  1 
ATOM   435  C CG1 . ILE A 1 69  ? 11.327  -4.638  -6.462  1.00 33.16 ? 69  ILE A CG1 1 
ATOM   436  C CG2 . ILE A 1 69  ? 9.210   -5.811  -5.725  1.00 31.11 ? 69  ILE A CG2 1 
ATOM   437  C CD1 . ILE A 1 69  ? 12.254  -5.675  -5.853  1.00 35.14 ? 69  ILE A CD1 1 
ATOM   438  N N   . ASP A 1 70  ? 8.565   -8.133  -8.131  1.00 29.47 ? 70  ASP A N   1 
ATOM   439  C CA  . ASP A 1 70  ? 7.338   -8.732  -8.669  1.00 31.34 ? 70  ASP A CA  1 
ATOM   440  C C   . ASP A 1 70  ? 6.037   -7.942  -8.456  1.00 31.60 ? 70  ASP A C   1 
ATOM   441  O O   . ASP A 1 70  ? 5.270   -7.742  -9.406  1.00 30.16 ? 70  ASP A O   1 
ATOM   442  C CB  . ASP A 1 70  ? 7.174   -10.237 -8.234  1.00 30.78 ? 70  ASP A CB  1 
ATOM   443  C CG  . ASP A 1 70  ? 7.211   -10.463 -6.717  1.00 31.59 ? 70  ASP A CG  1 
ATOM   444  O OD1 . ASP A 1 70  ? 7.184   -9.489  -5.939  1.00 33.47 ? 70  ASP A OD1 1 
ATOM   445  O OD2 . ASP A 1 70  ? 7.230   -11.645 -6.280  1.00 30.81 ? 70  ASP A OD2 1 
ATOM   446  N N   . ILE A 1 71  ? 5.799   -7.461  -7.239  1.00 32.09 ? 71  ILE A N   1 
ATOM   447  C CA  . ILE A 1 71  ? 4.573   -6.704  -6.940  1.00 32.39 ? 71  ILE A CA  1 
ATOM   448  C C   . ILE A 1 71  ? 4.411   -5.431  -7.801  1.00 31.52 ? 71  ILE A C   1 
ATOM   449  O O   . ILE A 1 71  ? 3.350   -5.127  -8.343  1.00 31.65 ? 71  ILE A O   1 
ATOM   450  C CB  . ILE A 1 71  ? 4.572   -6.307  -5.456  1.00 34.68 ? 71  ILE A CB  1 
ATOM   451  C CG1 . ILE A 1 71  ? 4.197   -7.520  -4.609  1.00 37.64 ? 71  ILE A CG1 1 
ATOM   452  C CG2 . ILE A 1 71  ? 3.611   -5.146  -5.222  1.00 37.85 ? 71  ILE A CG2 1 
ATOM   453  C CD1 . ILE A 1 71  ? 4.687   -7.423  -3.194  1.00 42.13 ? 71  ILE A CD1 1 
ATOM   454  N N   . VAL A 1 72  ? 5.503   -4.698  -7.904  1.00 29.85 ? 72  VAL A N   1 
ATOM   455  C CA  . VAL A 1 72  ? 5.563   -3.455  -8.665  1.00 29.61 ? 72  VAL A CA  1 
ATOM   456  C C   . VAL A 1 72  ? 5.262   -3.739  -10.138 1.00 30.36 ? 72  VAL A C   1 
ATOM   457  O O   . VAL A 1 72  ? 4.430   -3.063  -10.775 1.00 31.76 ? 72  VAL A O   1 
ATOM   458  C CB  . VAL A 1 72  ? 6.984   -2.842  -8.513  1.00 28.50 ? 72  VAL A CB  1 
ATOM   459  C CG1 . VAL A 1 72  ? 7.131   -1.605  -9.388  1.00 30.20 ? 72  VAL A CG1 1 
ATOM   460  C CG2 . VAL A 1 72  ? 7.245   -2.533  -7.009  1.00 28.45 ? 72  VAL A CG2 1 
ATOM   461  N N   . ASP A 1 73  ? 5.936   -4.744  -10.683 1.00 29.92 ? 73  ASP A N   1 
ATOM   462  C CA  . ASP A 1 73  ? 5.739   -5.108  -12.081 1.00 32.23 ? 73  ASP A CA  1 
ATOM   463  C C   . ASP A 1 73  ? 4.368   -5.687  -12.319 1.00 33.17 ? 73  ASP A C   1 
ATOM   464  O O   . ASP A 1 73  ? 3.685   -5.333  -13.283 1.00 32.73 ? 73  ASP A O   1 
ATOM   465  C CB  . ASP A 1 73  ? 6.793   -6.126  -12.525 1.00 33.18 ? 73  ASP A CB  1 
ATOM   466  C CG  . ASP A 1 73  ? 6.687   -6.450  -14.000 1.00 35.33 ? 73  ASP A CG  1 
ATOM   467  O OD1 . ASP A 1 73  ? 6.906   -5.540  -14.822 1.00 36.16 ? 73  ASP A OD1 1 
ATOM   468  O OD2 . ASP A 1 73  ? 6.364   -7.601  -14.339 1.00 36.24 ? 73  ASP A OD2 1 
ATOM   469  N N   . SER A 1 74  ? 3.949   -6.577  -11.432 1.00 33.43 ? 74  SER A N   1 
ATOM   470  C CA  . SER A 1 74  ? 2.647   -7.186  -11.614 1.00 35.82 ? 74  SER A CA  1 
ATOM   471  C C   . SER A 1 74  ? 1.512   -6.167  -11.604 1.00 36.05 ? 74  SER A C   1 
ATOM   472  O O   . SER A 1 74  ? 0.685   -6.136  -12.518 1.00 36.06 ? 74  SER A O   1 
ATOM   473  C CB  . SER A 1 74  ? 2.405   -8.233  -10.545 1.00 35.79 ? 74  SER A CB  1 
ATOM   474  O OG  . SER A 1 74  ? 1.121   -8.759  -10.706 1.00 41.23 ? 74  SER A OG  1 
ATOM   475  N N   . PHE A 1 75  ? 1.473   -5.290  -10.615 1.00 33.68 ? 75  PHE A N   1 
ATOM   476  C CA  . PHE A 1 75  ? 0.371   -4.356  -10.602 1.00 36.10 ? 75  PHE A CA  1 
ATOM   477  C C   . PHE A 1 75  ? 0.633   -2.996  -11.223 1.00 37.40 ? 75  PHE A C   1 
ATOM   478  O O   . PHE A 1 75  ? -0.182  -2.079  -11.095 1.00 37.89 ? 75  PHE A O   1 
ATOM   479  C CB  . PHE A 1 75  ? -0.175  -4.244  -9.178  1.00 35.51 ? 75  PHE A CB  1 
ATOM   480  C CG  . PHE A 1 75  ? -0.563  -5.573  -8.616  1.00 33.91 ? 75  PHE A CG  1 
ATOM   481  C CD1 . PHE A 1 75  ? 0.296   -6.258  -7.768  1.00 32.90 ? 75  PHE A CD1 1 
ATOM   482  C CD2 . PHE A 1 75  ? -1.741  -6.191  -9.022  1.00 36.73 ? 75  PHE A CD2 1 
ATOM   483  C CE1 . PHE A 1 75  ? -0.010  -7.542  -7.343  1.00 34.12 ? 75  PHE A CE1 1 
ATOM   484  C CE2 . PHE A 1 75  ? -2.057  -7.494  -8.596  1.00 36.18 ? 75  PHE A CE2 1 
ATOM   485  C CZ  . PHE A 1 75  ? -1.182  -8.157  -7.752  1.00 35.69 ? 75  PHE A CZ  1 
ATOM   486  N N   . GLN A 1 76  ? 1.762   -2.890  -11.919 1.00 37.53 ? 76  GLN A N   1 
ATOM   487  C CA  . GLN A 1 76  ? 2.137   -1.656  -12.597 1.00 39.29 ? 76  GLN A CA  1 
ATOM   488  C C   . GLN A 1 76  ? 2.124   -0.475  -11.637 1.00 36.79 ? 76  GLN A C   1 
ATOM   489  O O   . GLN A 1 76  ? 1.471   0.547   -11.894 1.00 37.12 ? 76  GLN A O   1 
ATOM   490  C CB  . GLN A 1 76  ? 1.174   -1.367  -13.747 1.00 42.87 ? 76  GLN A CB  1 
ATOM   491  C CG  . GLN A 1 76  ? 0.996   -2.485  -14.748 1.00 49.85 ? 76  GLN A CG  1 
ATOM   492  C CD  . GLN A 1 76  ? -0.162  -2.183  -15.697 1.00 54.58 ? 76  GLN A CD  1 
ATOM   493  O OE1 . GLN A 1 76  ? -0.067  -1.287  -16.546 1.00 57.46 ? 76  GLN A OE1 1 
ATOM   494  N NE2 . GLN A 1 76  ? -1.270  -2.908  -15.535 1.00 56.90 ? 76  GLN A NE2 1 
ATOM   495  N N   . LEU A 1 77  ? 2.852   -0.610  -10.537 1.00 32.93 ? 77  LEU A N   1 
ATOM   496  C CA  . LEU A 1 77  ? 2.930   0.470   -9.562  1.00 32.57 ? 77  LEU A CA  1 
ATOM   497  C C   . LEU A 1 77  ? 4.068   1.402   -10.009 1.00 33.76 ? 77  LEU A C   1 
ATOM   498  O O   . LEU A 1 77  ? 4.968   0.984   -10.726 1.00 31.94 ? 77  LEU A O   1 
ATOM   499  C CB  . LEU A 1 77  ? 3.241   -0.101  -8.171  1.00 31.47 ? 77  LEU A CB  1 
ATOM   500  C CG  . LEU A 1 77  ? 2.312   -1.229  -7.692  1.00 32.91 ? 77  LEU A CG  1 
ATOM   501  C CD1 . LEU A 1 77  ? 2.715   -1.699  -6.278  1.00 30.50 ? 77  LEU A CD1 1 
ATOM   502  C CD2 . LEU A 1 77  ? 0.876   -0.729  -7.704  1.00 29.59 ? 77  LEU A CD2 1 
ATOM   503  N N   . THR A 1 78  ? 4.023   2.651   -9.575  1.00 32.14 ? 78  THR A N   1 
ATOM   504  C CA  . THR A 1 78  ? 5.056   3.613   -9.915  1.00 34.05 ? 78  THR A CA  1 
ATOM   505  C C   . THR A 1 78  ? 5.548   4.211   -8.619  1.00 31.00 ? 78  THR A C   1 
ATOM   506  O O   . THR A 1 78  ? 4.752   4.702   -7.829  1.00 33.05 ? 78  THR A O   1 
ATOM   507  C CB  . THR A 1 78  ? 4.472   4.724   -10.810 1.00 35.03 ? 78  THR A CB  1 
ATOM   508  O OG1 . THR A 1 78  ? 4.002   4.137   -12.032 1.00 34.39 ? 78  THR A OG1 1 
ATOM   509  C CG2 . THR A 1 78  ? 5.523   5.783   -11.101 1.00 36.79 ? 78  THR A CG2 1 
ATOM   510  N N   . SER A 1 79  ? 6.849   4.163   -8.392  1.00 30.90 ? 79  SER A N   1 
ATOM   511  C CA  . SER A 1 79  ? 7.384   4.706   -7.165  1.00 32.32 ? 79  SER A CA  1 
ATOM   512  C C   . SER A 1 79  ? 7.279   6.230   -7.190  1.00 33.26 ? 79  SER A C   1 
ATOM   513  O O   . SER A 1 79  ? 7.378   6.855   -8.248  1.00 32.85 ? 79  SER A O   1 
ATOM   514  C CB  . SER A 1 79  ? 8.833   4.282   -6.978  1.00 32.17 ? 79  SER A CB  1 
ATOM   515  O OG  . SER A 1 79  ? 9.665   4.788   -8.018  1.00 33.43 ? 79  SER A OG  1 
ATOM   516  N N   . THR A 1 80  ? 7.093   6.817   -6.016  1.00 31.71 ? 80  THR A N   1 
ATOM   517  C CA  . THR A 1 80  ? 6.974   8.266   -5.908  1.00 34.36 ? 80  THR A CA  1 
ATOM   518  C C   . THR A 1 80  ? 7.630   8.739   -4.614  1.00 34.85 ? 80  THR A C   1 
ATOM   519  O O   . THR A 1 80  ? 7.550   8.056   -3.582  1.00 36.04 ? 80  THR A O   1 
ATOM   520  C CB  . THR A 1 80  ? 5.468   8.698   -5.963  1.00 34.58 ? 80  THR A CB  1 
ATOM   521  O OG1 . THR A 1 80  ? 5.376   10.130  -6.070  1.00 36.86 ? 80  THR A OG1 1 
ATOM   522  C CG2 . THR A 1 80  ? 4.726   8.257   -4.699  1.00 34.68 ? 80  THR A CG2 1 
ATOM   523  N N   . SER A 1 81  ? 8.333   9.867   -4.668  1.00 33.54 ? 81  SER A N   1 
ATOM   524  C CA  . SER A 1 81  ? 8.956   10.391  -3.456  1.00 33.42 ? 81  SER A CA  1 
ATOM   525  C C   . SER A 1 81  ? 8.230   11.686  -3.067  1.00 34.55 ? 81  SER A C   1 
ATOM   526  O O   . SER A 1 81  ? 7.625   12.367  -3.916  1.00 33.03 ? 81  SER A O   1 
ATOM   527  C CB  . SER A 1 81  ? 10.439  10.647  -3.663  1.00 32.55 ? 81  SER A CB  1 
ATOM   528  O OG  . SER A 1 81  ? 10.646  11.644  -4.641  1.00 36.63 ? 81  SER A OG  1 
ATOM   529  N N   . LEU A 1 82  ? 8.342   12.046  -1.797  1.00 33.03 ? 82  LEU A N   1 
ATOM   530  C CA  . LEU A 1 82  ? 7.613   13.181  -1.286  1.00 36.05 ? 82  LEU A CA  1 
ATOM   531  C C   . LEU A 1 82  ? 8.216   13.533  0.062   1.00 34.63 ? 82  LEU A C   1 
ATOM   532  O O   . LEU A 1 82  ? 8.686   12.651  0.770   1.00 34.24 ? 82  LEU A O   1 
ATOM   533  C CB  . LEU A 1 82  ? 6.178   12.681  -1.119  1.00 41.60 ? 82  LEU A CB  1 
ATOM   534  C CG  . LEU A 1 82  ? 5.045   13.517  -0.627  1.00 46.24 ? 82  LEU A CG  1 
ATOM   535  C CD1 . LEU A 1 82  ? 4.808   14.569  -1.705  1.00 51.13 ? 82  LEU A CD1 1 
ATOM   536  C CD2 . LEU A 1 82  ? 3.800   12.650  -0.401  1.00 45.50 ? 82  LEU A CD2 1 
ATOM   537  N N   . SER A 1 83  ? 8.195   14.812  0.430   1.00 33.52 ? 83  SER A N   1 
ATOM   538  C CA  . SER A 1 83  ? 8.739   15.199  1.734   1.00 31.79 ? 83  SER A CA  1 
ATOM   539  C C   . SER A 1 83  ? 7.827   14.688  2.865   1.00 29.64 ? 83  SER A C   1 
ATOM   540  O O   . SER A 1 83  ? 6.652   14.402  2.647   1.00 29.26 ? 83  SER A O   1 
ATOM   541  C CB  . SER A 1 83  ? 8.856   16.722  1.837   1.00 31.07 ? 83  SER A CB  1 
ATOM   542  O OG  . SER A 1 83  ? 7.595   17.281  2.114   1.00 27.11 ? 83  SER A OG  1 
ATOM   543  N N   . LYS A 1 84  ? 8.371   14.585  4.075   1.00 31.10 ? 84  LYS A N   1 
ATOM   544  C CA  . LYS A 1 84  ? 7.585   14.114  5.222   1.00 30.61 ? 84  LYS A CA  1 
ATOM   545  C C   . LYS A 1 84  ? 6.422   15.061  5.467   1.00 31.53 ? 84  LYS A C   1 
ATOM   546  O O   . LYS A 1 84  ? 5.301   14.636  5.754   1.00 30.54 ? 84  LYS A O   1 
ATOM   547  C CB  . LYS A 1 84  ? 8.474   14.031  6.464   1.00 31.61 ? 84  LYS A CB  1 
ATOM   548  C CG  . LYS A 1 84  ? 7.778   13.480  7.702   1.00 33.67 ? 84  LYS A CG  1 
ATOM   549  C CD  . LYS A 1 84  ? 8.778   13.222  8.827   1.00 35.65 ? 84  LYS A CD  1 
ATOM   550  C CE  . LYS A 1 84  ? 8.056   12.756  10.104  1.00 38.38 ? 84  LYS A CE  1 
ATOM   551  N NZ  . LYS A 1 84  ? 8.977   12.381  11.214  1.00 36.66 ? 84  LYS A NZ  1 
ATOM   552  N N   . LYS A 1 85  ? 6.673   16.359  5.332   1.00 33.15 ? 85  LYS A N   1 
ATOM   553  C CA  . LYS A 1 85  ? 5.587   17.310  5.542   1.00 31.79 ? 85  LYS A CA  1 
ATOM   554  C C   . LYS A 1 85  ? 4.482   17.085  4.512   1.00 31.74 ? 85  LYS A C   1 
ATOM   555  O O   . LYS A 1 85  ? 3.303   17.025  4.884   1.00 30.62 ? 85  LYS A O   1 
ATOM   556  C CB  . LYS A 1 85  ? 6.099   18.767  5.475   1.00 33.90 ? 85  LYS A CB  1 
ATOM   557  C CG  . LYS A 1 85  ? 4.980   19.800  5.643   1.00 32.85 ? 85  LYS A CG  1 
ATOM   558  C CD  . LYS A 1 85  ? 4.399   19.766  7.052   1.00 35.54 ? 85  LYS A CD  1 
ATOM   559  C CE  . LYS A 1 85  ? 3.244   20.755  7.196   1.00 36.15 ? 85  LYS A CE  1 
ATOM   560  N NZ  . LYS A 1 85  ? 2.887   20.943  8.624   1.00 37.73 ? 85  LYS A NZ  1 
ATOM   561  N N   . GLU A 1 86  ? 4.839   16.967  3.229   1.00 30.07 ? 86  GLU A N   1 
ATOM   562  C CA  . GLU A 1 86  ? 3.818   16.756  2.205   1.00 30.76 ? 86  GLU A CA  1 
ATOM   563  C C   . GLU A 1 86  ? 3.068   15.458  2.471   1.00 29.71 ? 86  GLU A C   1 
ATOM   564  O O   . GLU A 1 86  ? 1.864   15.376  2.288   1.00 29.34 ? 86  GLU A O   1 
ATOM   565  C CB  . GLU A 1 86  ? 4.435   16.712  0.800   1.00 33.08 ? 86  GLU A CB  1 
ATOM   566  C CG  . GLU A 1 86  ? 4.825   18.086  0.239   1.00 36.62 ? 86  GLU A CG  1 
ATOM   567  C CD  . GLU A 1 86  ? 4.258   18.298  -1.165  1.00 41.03 ? 86  GLU A CD  1 
ATOM   568  O OE1 . GLU A 1 86  ? 3.145   18.860  -1.291  1.00 39.89 ? 86  GLU A OE1 1 
ATOM   569  O OE2 . GLU A 1 86  ? 4.928   17.876  -2.139  1.00 42.68 ? 86  GLU A OE2 1 
ATOM   570  N N   . TYR A 1 87  ? 3.781   14.435  2.918   1.00 29.32 ? 87  TYR A N   1 
ATOM   571  C CA  . TYR A 1 87  ? 3.094   13.193  3.235   1.00 28.42 ? 87  TYR A CA  1 
ATOM   572  C C   . TYR A 1 87  ? 2.108   13.424  4.393   1.00 29.98 ? 87  TYR A C   1 
ATOM   573  O O   . TYR A 1 87  ? 0.968   12.950  4.329   1.00 30.15 ? 87  TYR A O   1 
ATOM   574  C CB  . TYR A 1 87  ? 4.098   12.086  3.594   1.00 27.04 ? 87  TYR A CB  1 
ATOM   575  C CG  . TYR A 1 87  ? 3.425   10.818  4.074   1.00 28.69 ? 87  TYR A CG  1 
ATOM   576  C CD1 . TYR A 1 87  ? 2.785   9.965   3.176   1.00 25.52 ? 87  TYR A CD1 1 
ATOM   577  C CD2 . TYR A 1 87  ? 3.317   10.551  5.441   1.00 28.96 ? 87  TYR A CD2 1 
ATOM   578  C CE1 . TYR A 1 87  ? 2.033   8.872   3.637   1.00 30.27 ? 87  TYR A CE1 1 
ATOM   579  C CE2 . TYR A 1 87  ? 2.585   9.476   5.912   1.00 31.34 ? 87  TYR A CE2 1 
ATOM   580  C CZ  . TYR A 1 87  ? 1.934   8.642   5.008   1.00 29.75 ? 87  TYR A CZ  1 
ATOM   581  O OH  . TYR A 1 87  ? 1.189   7.601   5.496   1.00 29.93 ? 87  TYR A OH  1 
ATOM   582  N N   . SER A 1 88  ? 2.504   14.154  5.446   1.00 29.34 ? 88  SER A N   1 
ATOM   583  C CA  . SER A 1 88  ? 1.568   14.356  6.547   1.00 33.11 ? 88  SER A CA  1 
ATOM   584  C C   . SER A 1 88  ? 0.289   15.024  6.075   1.00 35.02 ? 88  SER A C   1 
ATOM   585  O O   . SER A 1 88  ? -0.816  14.686  6.533   1.00 33.72 ? 88  SER A O   1 
ATOM   586  C CB  . SER A 1 88  ? 2.205   15.165  7.688   1.00 35.72 ? 88  SER A CB  1 
ATOM   587  O OG  . SER A 1 88  ? 2.502   16.491  7.320   1.00 38.94 ? 88  SER A OG  1 
ATOM   588  N N   . VAL A 1 89  ? 0.420   15.947  5.123   1.00 34.32 ? 89  VAL A N   1 
ATOM   589  C CA  . VAL A 1 89  ? -0.761  16.629  4.617   1.00 34.67 ? 89  VAL A CA  1 
ATOM   590  C C   . VAL A 1 89  ? -1.590  15.646  3.819   1.00 34.21 ? 89  VAL A C   1 
ATOM   591  O O   . VAL A 1 89  ? -2.807  15.536  4.020   1.00 35.40 ? 89  VAL A O   1 
ATOM   592  C CB  . VAL A 1 89  ? -0.370  17.848  3.742   1.00 35.83 ? 89  VAL A CB  1 
ATOM   593  C CG1 . VAL A 1 89  ? -1.599  18.406  3.036   1.00 35.27 ? 89  VAL A CG1 1 
ATOM   594  C CG2 . VAL A 1 89  ? 0.258   18.910  4.618   1.00 34.50 ? 89  VAL A CG2 1 
ATOM   595  N N   . TYR A 1 90  ? -0.933  14.930  2.913   1.00 32.70 ? 90  TYR A N   1 
ATOM   596  C CA  . TYR A 1 90  ? -1.597  13.928  2.093   1.00 32.42 ? 90  TYR A CA  1 
ATOM   597  C C   . TYR A 1 90  ? -2.339  12.889  2.954   1.00 33.54 ? 90  TYR A C   1 
ATOM   598  O O   . TYR A 1 90  ? -3.491  12.566  2.686   1.00 31.44 ? 90  TYR A O   1 
ATOM   599  C CB  . TYR A 1 90  ? -0.576  13.170  1.219   1.00 33.69 ? 90  TYR A CB  1 
ATOM   600  C CG  . TYR A 1 90  ? -1.010  11.759  0.849   1.00 34.17 ? 90  TYR A CG  1 
ATOM   601  C CD1 . TYR A 1 90  ? -1.874  11.522  -0.237  1.00 33.00 ? 90  TYR A CD1 1 
ATOM   602  C CD2 . TYR A 1 90  ? -0.661  10.667  1.664   1.00 30.89 ? 90  TYR A CD2 1 
ATOM   603  C CE1 . TYR A 1 90  ? -2.386  10.247  -0.488  1.00 34.09 ? 90  TYR A CE1 1 
ATOM   604  C CE2 . TYR A 1 90  ? -1.180  9.389   1.423   1.00 32.92 ? 90  TYR A CE2 1 
ATOM   605  C CZ  . TYR A 1 90  ? -2.040  9.180   0.351   1.00 35.80 ? 90  TYR A CZ  1 
ATOM   606  O OH  . TYR A 1 90  ? -2.575  7.915   0.136   1.00 35.77 ? 90  TYR A OH  1 
ATOM   607  N N   . ILE A 1 91  ? -1.669  12.350  3.974   1.00 32.62 ? 91  ILE A N   1 
ATOM   608  C CA  . ILE A 1 91  ? -2.297  11.301  4.775   1.00 31.36 ? 91  ILE A CA  1 
ATOM   609  C C   . ILE A 1 91  ? -3.499  11.793  5.591   1.00 33.87 ? 91  ILE A C   1 
ATOM   610  O O   . ILE A 1 91  ? -4.479  11.060  5.770   1.00 33.77 ? 91  ILE A O   1 
ATOM   611  C CB  . ILE A 1 91  ? -1.257  10.588  5.703   1.00 30.23 ? 91  ILE A CB  1 
ATOM   612  C CG1 . ILE A 1 91  ? -1.832  9.243   6.185   1.00 28.97 ? 91  ILE A CG1 1 
ATOM   613  C CG2 . ILE A 1 91  ? -0.855  11.494  6.868   1.00 28.89 ? 91  ILE A CG2 1 
ATOM   614  C CD1 . ILE A 1 91  ? -2.225  8.300   5.034   1.00 27.83 ? 91  ILE A CD1 1 
ATOM   615  N N   . LYS A 1 92  ? -3.419  13.019  6.095   1.00 33.94 ? 92  LYS A N   1 
ATOM   616  C CA  . LYS A 1 92  ? -4.522  13.591  6.859   1.00 37.26 ? 92  LYS A CA  1 
ATOM   617  C C   . LYS A 1 92  ? -5.755  13.650  5.936   1.00 37.19 ? 92  LYS A C   1 
ATOM   618  O O   . LYS A 1 92  ? -6.848  13.253  6.315   1.00 37.19 ? 92  LYS A O   1 
ATOM   619  C CB  . LYS A 1 92  ? -4.130  14.990  7.344   1.00 40.53 ? 92  LYS A CB  1 
ATOM   620  C CG  . LYS A 1 92  ? -5.248  15.791  7.971   1.00 47.42 ? 92  LYS A CG  1 
ATOM   621  C CD  . LYS A 1 92  ? -4.830  17.252  8.131   1.00 52.09 ? 92  LYS A CD  1 
ATOM   622  C CE  . LYS A 1 92  ? -4.561  17.924  6.768   1.00 55.29 ? 92  LYS A CE  1 
ATOM   623  N NZ  . LYS A 1 92  ? -3.922  19.284  6.894   1.00 56.39 ? 92  LYS A NZ  1 
ATOM   624  N N   . ASN A 1 93  ? -5.585  14.119  4.707   1.00 37.54 ? 93  ASN A N   1 
ATOM   625  C CA  . ASN A 1 93  ? -6.726  14.185  3.784   1.00 38.44 ? 93  ASN A CA  1 
ATOM   626  C C   . ASN A 1 93  ? -7.204  12.812  3.322   1.00 37.55 ? 93  ASN A C   1 
ATOM   627  O O   . ASN A 1 93  ? -8.411  12.560  3.199   1.00 34.48 ? 93  ASN A O   1 
ATOM   628  C CB  . ASN A 1 93  ? -6.374  15.044  2.572   1.00 39.95 ? 93  ASN A CB  1 
ATOM   629  C CG  . ASN A 1 93  ? -6.414  16.509  2.894   1.00 45.05 ? 93  ASN A CG  1 
ATOM   630  O OD1 . ASN A 1 93  ? -7.493  17.091  3.025   1.00 48.05 ? 93  ASN A OD1 1 
ATOM   631  N ND2 . ASN A 1 93  ? -5.242  17.115  3.059   1.00 47.56 ? 93  ASN A ND2 1 
ATOM   632  N N   . TYR A 1 94  ? -6.253  11.920  3.060   1.00 35.57 ? 94  TYR A N   1 
ATOM   633  C CA  . TYR A 1 94  ? -6.604  10.588  2.617   1.00 36.81 ? 94  TYR A CA  1 
ATOM   634  C C   . TYR A 1 94  ? -7.431  9.865   3.679   1.00 37.51 ? 94  TYR A C   1 
ATOM   635  O O   . TYR A 1 94  ? -8.381  9.158   3.341   1.00 38.84 ? 94  TYR A O   1 
ATOM   636  C CB  . TYR A 1 94  ? -5.338  9.789   2.294   1.00 35.58 ? 94  TYR A CB  1 
ATOM   637  C CG  . TYR A 1 94  ? -5.608  8.360   1.882   1.00 34.85 ? 94  TYR A CG  1 
ATOM   638  C CD1 . TYR A 1 94  ? -6.165  8.064   0.631   1.00 35.03 ? 94  TYR A CD1 1 
ATOM   639  C CD2 . TYR A 1 94  ? -5.298  7.303   2.737   1.00 33.82 ? 94  TYR A CD2 1 
ATOM   640  C CE1 . TYR A 1 94  ? -6.421  6.749   0.250   1.00 34.64 ? 94  TYR A CE1 1 
ATOM   641  C CE2 . TYR A 1 94  ? -5.535  5.993   2.368   1.00 33.69 ? 94  TYR A CE2 1 
ATOM   642  C CZ  . TYR A 1 94  ? -6.093  5.718   1.126   1.00 34.02 ? 94  TYR A CZ  1 
ATOM   643  O OH  . TYR A 1 94  ? -6.348  4.416   0.787   1.00 33.42 ? 94  TYR A OH  1 
ATOM   644  N N   . MET A 1 95  ? -7.076  10.020  4.954   1.00 38.77 ? 95  MET A N   1 
ATOM   645  C CA  . MET A 1 95  ? -7.853  9.370   6.015   1.00 41.77 ? 95  MET A CA  1 
ATOM   646  C C   . MET A 1 95  ? -9.291  9.923   6.074   1.00 41.54 ? 95  MET A C   1 
ATOM   647  O O   . MET A 1 95  ? -10.232 9.165   6.279   1.00 40.88 ? 95  MET A O   1 
ATOM   648  C CB  . MET A 1 95  ? -7.193  9.560   7.382   1.00 43.88 ? 95  MET A CB  1 
ATOM   649  C CG  . MET A 1 95  ? -5.979  8.672   7.651   1.00 50.40 ? 95  MET A CG  1 
ATOM   650  S SD  . MET A 1 95  ? -5.435  8.829   9.402   1.00 56.21 ? 95  MET A SD  1 
ATOM   651  C CE  . MET A 1 95  ? -4.347  10.248  9.323   1.00 56.49 ? 95  MET A CE  1 
ATOM   652  N N   . GLN A 1 96  ? -9.457  11.236  5.903   1.00 42.12 ? 96  GLN A N   1 
ATOM   653  C CA  . GLN A 1 96  ? -10.796 11.845  5.924   1.00 43.34 ? 96  GLN A CA  1 
ATOM   654  C C   . GLN A 1 96  ? -11.606 11.318  4.750   1.00 41.88 ? 96  GLN A C   1 
ATOM   655  O O   . GLN A 1 96  ? -12.802 11.013  4.869   1.00 42.69 ? 96  GLN A O   1 
ATOM   656  C CB  . GLN A 1 96  ? -10.693 13.370  5.820   1.00 45.04 ? 96  GLN A CB  1 
ATOM   657  C CG  . GLN A 1 96  ? -9.939  14.009  6.969   1.00 50.36 ? 96  GLN A CG  1 
ATOM   658  C CD  . GLN A 1 96  ? -9.783  15.515  6.811   1.00 55.32 ? 96  GLN A CD  1 
ATOM   659  O OE1 . GLN A 1 96  ? -9.666  16.035  5.693   1.00 58.69 ? 96  GLN A OE1 1 
ATOM   660  N NE2 . GLN A 1 96  ? -9.756  16.223  7.934   1.00 57.39 ? 96  GLN A NE2 1 
ATOM   661  N N   . LYS A 1 97  ? -10.946 11.201  3.605   1.00 41.44 ? 97  LYS A N   1 
ATOM   662  C CA  . LYS A 1 97  ? -11.597 10.698  2.405   1.00 39.65 ? 97  LYS A CA  1 
ATOM   663  C C   . LYS A 1 97  ? -12.034 9.243   2.618   1.00 38.87 ? 97  LYS A C   1 
ATOM   664  O O   . LYS A 1 97  ? -13.139 8.858   2.223   1.00 39.25 ? 97  LYS A O   1 
ATOM   665  C CB  . LYS A 1 97  ? -10.637 10.833  1.221   1.00 41.66 ? 97  LYS A CB  1 
ATOM   666  C CG  . LYS A 1 97  ? -11.209 10.515  -0.147  1.00 44.99 ? 97  LYS A CG  1 
ATOM   667  C CD  . LYS A 1 97  ? -10.137 10.767  -1.217  1.00 48.76 ? 97  LYS A CD  1 
ATOM   668  C CE  . LYS A 1 97  ? -10.586 10.423  -2.640  1.00 50.58 ? 97  LYS A CE  1 
ATOM   669  N NZ  . LYS A 1 97  ? -11.643 11.319  -3.180  1.00 51.58 ? 97  LYS A NZ  1 
ATOM   670  N N   . ILE A 1 98  ? -11.192 8.426   3.251   1.00 36.28 ? 98  ILE A N   1 
ATOM   671  C CA  . ILE A 1 98  ? -11.575 7.034   3.504   1.00 36.16 ? 98  ILE A CA  1 
ATOM   672  C C   . ILE A 1 98  ? -12.766 6.990   4.471   1.00 37.11 ? 98  ILE A C   1 
ATOM   673  O O   . ILE A 1 98  ? -13.706 6.231   4.257   1.00 37.68 ? 98  ILE A O   1 
ATOM   674  C CB  . ILE A 1 98  ? -10.404 6.181   4.146   1.00 34.74 ? 98  ILE A CB  1 
ATOM   675  C CG1 . ILE A 1 98  ? -9.323  5.872   3.090   1.00 33.13 ? 98  ILE A CG1 1 
ATOM   676  C CG2 . ILE A 1 98  ? -10.964 4.879   4.741   1.00 33.33 ? 98  ILE A CG2 1 
ATOM   677  C CD1 . ILE A 1 98  ? -9.827  5.168   1.863   1.00 36.59 ? 98  ILE A CD1 1 
ATOM   678  N N   . LEU A 1 99  ? -12.701 7.773   5.548   1.00 39.62 ? 99  LEU A N   1 
ATOM   679  C CA  . LEU A 1 99  ? -13.785 7.801   6.542   1.00 41.92 ? 99  LEU A CA  1 
ATOM   680  C C   . LEU A 1 99  ? -15.108 8.206   5.891   1.00 43.69 ? 99  LEU A C   1 
ATOM   681  O O   . LEU A 1 99  ? -16.161 7.636   6.186   1.00 43.96 ? 99  LEU A O   1 
ATOM   682  C CB  . LEU A 1 99  ? -13.455 8.773   7.686   1.00 42.91 ? 99  LEU A CB  1 
ATOM   683  C CG  . LEU A 1 99  ? -12.426 8.289   8.717   1.00 44.75 ? 99  LEU A CG  1 
ATOM   684  C CD1 . LEU A 1 99  ? -12.164 9.355   9.780   1.00 46.04 ? 99  LEU A CD1 1 
ATOM   685  C CD2 . LEU A 1 99  ? -12.951 7.013   9.376   1.00 46.38 ? 99  LEU A CD2 1 
ATOM   686  N N   . LYS A 1 100 ? -15.048 9.188   5.002   1.00 45.32 ? 100 LYS A N   1 
ATOM   687  C CA  . LYS A 1 100 ? -16.239 9.646   4.304   1.00 48.68 ? 100 LYS A CA  1 
ATOM   688  C C   . LYS A 1 100 ? -16.772 8.479   3.482   1.00 48.82 ? 100 LYS A C   1 
ATOM   689  O O   . LYS A 1 100 ? -17.969 8.197   3.492   1.00 48.84 ? 100 LYS A O   1 
ATOM   690  C CB  . LYS A 1 100 ? -15.876 10.824  3.406   1.00 50.27 ? 100 LYS A CB  1 
ATOM   691  C CG  . LYS A 1 100 ? -17.049 11.500  2.743   1.00 55.06 ? 100 LYS A CG  1 
ATOM   692  C CD  . LYS A 1 100 ? -16.563 12.747  2.023   1.00 58.95 ? 100 LYS A CD  1 
ATOM   693  C CE  . LYS A 1 100 ? -17.714 13.626  1.569   1.00 61.44 ? 100 LYS A CE  1 
ATOM   694  N NZ  . LYS A 1 100 ? -17.227 15.005  1.237   1.00 64.69 ? 100 LYS A NZ  1 
ATOM   695  N N   . TYR A 1 101 ? -15.867 7.789   2.792   1.00 48.22 ? 101 TYR A N   1 
ATOM   696  C CA  . TYR A 1 101 ? -16.228 6.638   1.965   1.00 47.48 ? 101 TYR A CA  1 
ATOM   697  C C   . TYR A 1 101 ? -16.834 5.507   2.809   1.00 47.09 ? 101 TYR A C   1 
ATOM   698  O O   . TYR A 1 101 ? -17.814 4.882   2.397   1.00 45.63 ? 101 TYR A O   1 
ATOM   699  C CB  . TYR A 1 101 ? -14.987 6.124   1.207   1.00 48.66 ? 101 TYR A CB  1 
ATOM   700  C CG  . TYR A 1 101 ? -15.140 4.745   0.584   1.00 50.41 ? 101 TYR A CG  1 
ATOM   701  C CD1 . TYR A 1 101 ? -15.678 4.584   -0.695  1.00 51.76 ? 101 TYR A CD1 1 
ATOM   702  C CD2 . TYR A 1 101 ? -14.771 3.597   1.288   1.00 50.92 ? 101 TYR A CD2 1 
ATOM   703  C CE1 . TYR A 1 101 ? -15.847 3.309   -1.256  1.00 52.74 ? 101 TYR A CE1 1 
ATOM   704  C CE2 . TYR A 1 101 ? -14.940 2.314   0.734   1.00 51.82 ? 101 TYR A CE2 1 
ATOM   705  C CZ  . TYR A 1 101 ? -15.476 2.184   -0.532  1.00 51.88 ? 101 TYR A CZ  1 
ATOM   706  O OH  . TYR A 1 101 ? -15.636 0.933   -1.078  1.00 54.28 ? 101 TYR A OH  1 
ATOM   707  N N   . LEU A 1 102 ? -16.263 5.239   3.984   1.00 44.95 ? 102 LEU A N   1 
ATOM   708  C CA  . LEU A 1 102 ? -16.772 4.163   4.837   1.00 44.80 ? 102 LEU A CA  1 
ATOM   709  C C   . LEU A 1 102 ? -18.166 4.474   5.390   1.00 47.25 ? 102 LEU A C   1 
ATOM   710  O O   . LEU A 1 102 ? -19.010 3.579   5.509   1.00 47.25 ? 102 LEU A O   1 
ATOM   711  C CB  . LEU A 1 102 ? -15.807 3.876   6.015   1.00 40.47 ? 102 LEU A CB  1 
ATOM   712  C CG  . LEU A 1 102 ? -14.386 3.378   5.654   1.00 37.58 ? 102 LEU A CG  1 
ATOM   713  C CD1 . LEU A 1 102 ? -13.508 3.192   6.907   1.00 34.50 ? 102 LEU A CD1 1 
ATOM   714  C CD2 . LEU A 1 102 ? -14.505 2.076   4.914   1.00 33.75 ? 102 LEU A CD2 1 
ATOM   715  N N   . GLU A 1 103 ? -18.390 5.724   5.772   1.00 49.33 ? 103 GLU A N   1 
ATOM   716  C CA  . GLU A 1 103 ? -19.686 6.105   6.303   1.00 53.66 ? 103 GLU A CA  1 
ATOM   717  C C   . GLU A 1 103 ? -20.750 5.804   5.258   1.00 54.88 ? 103 GLU A C   1 
ATOM   718  O O   . GLU A 1 103 ? -21.825 5.305   5.578   1.00 54.94 ? 103 GLU A O   1 
ATOM   719  C CB  . GLU A 1 103 ? -19.700 7.591   6.660   1.00 55.74 ? 103 GLU A CB  1 
ATOM   720  C CG  . GLU A 1 103 ? -18.875 7.919   7.911   1.00 61.27 ? 103 GLU A CG  1 
ATOM   721  C CD  . GLU A 1 103 ? -18.819 9.407   8.220   1.00 64.50 ? 103 GLU A CD  1 
ATOM   722  O OE1 . GLU A 1 103 ? -19.893 10.052  8.205   1.00 67.09 ? 103 GLU A OE1 1 
ATOM   723  O OE2 . GLU A 1 103 ? -17.711 9.927   8.491   1.00 65.25 ? 103 GLU A OE2 1 
ATOM   724  N N   . GLU A 1 104 ? -20.430 6.079   4.001   1.00 57.21 ? 104 GLU A N   1 
ATOM   725  C CA  . GLU A 1 104 ? -21.370 5.858   2.915   1.00 59.67 ? 104 GLU A CA  1 
ATOM   726  C C   . GLU A 1 104 ? -21.539 4.429   2.443   1.00 60.03 ? 104 GLU A C   1 
ATOM   727  O O   . GLU A 1 104 ? -22.649 4.028   2.101   1.00 60.79 ? 104 GLU A O   1 
ATOM   728  C CB  . GLU A 1 104 ? -20.997 6.737   1.725   1.00 62.40 ? 104 GLU A CB  1 
ATOM   729  C CG  . GLU A 1 104 ? -21.286 8.197   1.977   1.00 67.80 ? 104 GLU A CG  1 
ATOM   730  C CD  . GLU A 1 104 ? -22.766 8.459   2.249   1.00 70.95 ? 104 GLU A CD  1 
ATOM   731  O OE1 . GLU A 1 104 ? -23.585 8.270   1.316   1.00 72.87 ? 104 GLU A OE1 1 
ATOM   732  O OE2 . GLU A 1 104 ? -23.104 8.847   3.391   1.00 71.63 ? 104 GLU A OE2 1 
ATOM   733  N N   . LYS A 1 105 ? -20.462 3.648   2.434   1.00 59.32 ? 105 LYS A N   1 
ATOM   734  C CA  . LYS A 1 105 ? -20.564 2.283   1.948   1.00 58.20 ? 105 LYS A CA  1 
ATOM   735  C C   . LYS A 1 105 ? -20.315 1.155   2.938   1.00 57.28 ? 105 LYS A C   1 
ATOM   736  O O   . LYS A 1 105 ? -20.818 0.051   2.749   1.00 58.15 ? 105 LYS A O   1 
ATOM   737  C CB  . LYS A 1 105 ? -19.636 2.108   0.749   1.00 59.83 ? 105 LYS A CB  1 
ATOM   738  C CG  . LYS A 1 105 ? -19.902 3.095   -0.372  1.00 63.60 ? 105 LYS A CG  1 
ATOM   739  C CD  . LYS A 1 105 ? -19.548 2.494   -1.725  1.00 65.37 ? 105 LYS A CD  1 
ATOM   740  C CE  . LYS A 1 105 ? -19.999 3.393   -2.872  1.00 66.78 ? 105 LYS A CE  1 
ATOM   741  N NZ  . LYS A 1 105 ? -19.724 2.765   -4.206  1.00 68.77 ? 105 LYS A NZ  1 
ATOM   742  N N   . LYS A 1 106 ? -19.539 1.404   3.982   1.00 55.79 ? 106 LYS A N   1 
ATOM   743  C CA  . LYS A 1 106 ? -19.244 0.350   4.951   1.00 54.81 ? 106 LYS A CA  1 
ATOM   744  C C   . LYS A 1 106 ? -19.188 0.942   6.345   1.00 53.75 ? 106 LYS A C   1 
ATOM   745  O O   . LYS A 1 106 ? -18.151 0.915   7.008   1.00 52.87 ? 106 LYS A O   1 
ATOM   746  C CB  . LYS A 1 106 ? -17.910 -0.321  4.589   1.00 56.85 ? 106 LYS A CB  1 
ATOM   747  C CG  . LYS A 1 106 ? -17.978 -1.126  3.294   1.00 59.27 ? 106 LYS A CG  1 
ATOM   748  C CD  . LYS A 1 106 ? -16.701 -1.036  2.468   1.00 62.83 ? 106 LYS A CD  1 
ATOM   749  C CE  . LYS A 1 106 ? -16.831 -1.821  1.145   1.00 64.02 ? 106 LYS A CE  1 
ATOM   750  N NZ  . LYS A 1 106 ? -15.584 -1.779  0.307   1.00 64.96 ? 106 LYS A NZ  1 
ATOM   751  N N   . PRO A 1 107 ? -20.325 1.474   6.814   1.00 52.47 ? 107 PRO A N   1 
ATOM   752  C CA  . PRO A 1 107 ? -20.428 2.094   8.135   1.00 50.61 ? 107 PRO A CA  1 
ATOM   753  C C   . PRO A 1 107 ? -19.909 1.289   9.316   1.00 48.01 ? 107 PRO A C   1 
ATOM   754  O O   . PRO A 1 107 ? -19.525 1.867   10.324  1.00 47.40 ? 107 PRO A O   1 
ATOM   755  C CB  . PRO A 1 107 ? -21.920 2.432   8.241   1.00 52.58 ? 107 PRO A CB  1 
ATOM   756  C CG  . PRO A 1 107 ? -22.566 1.362   7.401   1.00 52.10 ? 107 PRO A CG  1 
ATOM   757  C CD  . PRO A 1 107 ? -21.660 1.325   6.198   1.00 52.12 ? 107 PRO A CD  1 
ATOM   758  N N   . ASP A 1 108 ? -19.889 -0.032  9.203   1.00 47.00 ? 108 ASP A N   1 
ATOM   759  C CA  . ASP A 1 108 ? -19.407 -0.875  10.298  1.00 48.02 ? 108 ASP A CA  1 
ATOM   760  C C   . ASP A 1 108 ? -17.881 -0.809  10.507  1.00 47.11 ? 108 ASP A C   1 
ATOM   761  O O   . ASP A 1 108 ? -17.366 -1.288  11.518  1.00 46.22 ? 108 ASP A O   1 
ATOM   762  C CB  . ASP A 1 108 ? -19.818 -2.338  10.069  1.00 51.79 ? 108 ASP A CB  1 
ATOM   763  C CG  . ASP A 1 108 ? -19.173 -2.947  8.832   1.00 53.88 ? 108 ASP A CG  1 
ATOM   764  O OD1 . ASP A 1 108 ? -19.429 -2.459  7.709   1.00 57.69 ? 108 ASP A OD1 1 
ATOM   765  O OD2 . ASP A 1 108 ? -18.408 -3.923  8.981   1.00 56.43 ? 108 ASP A OD2 1 
ATOM   766  N N   . ARG A 1 109 ? -17.170 -0.222  9.548   1.00 45.22 ? 109 ARG A N   1 
ATOM   767  C CA  . ARG A 1 109 ? -15.710 -0.095  9.625   1.00 44.05 ? 109 ARG A CA  1 
ATOM   768  C C   . ARG A 1 109 ? -15.308 1.288   10.107  1.00 42.80 ? 109 ARG A C   1 
ATOM   769  O O   . ARG A 1 109 ? -14.151 1.517   10.474  1.00 40.70 ? 109 ARG A O   1 
ATOM   770  C CB  . ARG A 1 109 ? -15.081 -0.344  8.250   1.00 42.84 ? 109 ARG A CB  1 
ATOM   771  C CG  . ARG A 1 109 ? -15.176 -1.773  7.753   1.00 44.48 ? 109 ARG A CG  1 
ATOM   772  C CD  . ARG A 1 109 ? -14.376 -2.724  8.643   1.00 45.03 ? 109 ARG A CD  1 
ATOM   773  N NE  . ARG A 1 109 ? -12.961 -2.373  8.617   1.00 45.27 ? 109 ARG A NE  1 
ATOM   774  C CZ  . ARG A 1 109 ? -12.022 -3.000  9.321   1.00 45.40 ? 109 ARG A CZ  1 
ATOM   775  N NH1 . ARG A 1 109 ? -12.345 -4.022  10.121  1.00 43.30 ? 109 ARG A NH1 1 
ATOM   776  N NH2 . ARG A 1 109 ? -10.754 -2.606  9.222   1.00 42.59 ? 109 ARG A NH2 1 
ATOM   777  N N   . VAL A 1 110 ? -16.270 2.210   10.103  1.00 42.49 ? 110 VAL A N   1 
ATOM   778  C CA  . VAL A 1 110 ? -15.997 3.576   10.510  1.00 42.53 ? 110 VAL A CA  1 
ATOM   779  C C   . VAL A 1 110 ? -15.289 3.738   11.850  1.00 42.11 ? 110 VAL A C   1 
ATOM   780  O O   . VAL A 1 110 ? -14.278 4.433   11.941  1.00 41.90 ? 110 VAL A O   1 
ATOM   781  C CB  . VAL A 1 110 ? -17.287 4.435   10.538  1.00 43.03 ? 110 VAL A CB  1 
ATOM   782  C CG1 . VAL A 1 110 ? -16.984 5.790   11.189  1.00 43.30 ? 110 VAL A CG1 1 
ATOM   783  C CG2 . VAL A 1 110 ? -17.797 4.652   9.119   1.00 42.84 ? 110 VAL A CG2 1 
ATOM   784  N N   . ASP A 1 111 ? -15.797 3.096   12.892  1.00 42.45 ? 111 ASP A N   1 
ATOM   785  C CA  . ASP A 1 111 ? -15.176 3.259   14.200  1.00 41.46 ? 111 ASP A CA  1 
ATOM   786  C C   . ASP A 1 111 ? -13.770 2.695   14.319  1.00 38.81 ? 111 ASP A C   1 
ATOM   787  O O   . ASP A 1 111 ? -12.896 3.400   14.835  1.00 37.21 ? 111 ASP A O   1 
ATOM   788  C CB  . ASP A 1 111 ? -16.061 2.687   15.312  1.00 45.26 ? 111 ASP A CB  1 
ATOM   789  C CG  . ASP A 1 111 ? -17.375 3.459   15.474  1.00 49.81 ? 111 ASP A CG  1 
ATOM   790  O OD1 . ASP A 1 111 ? -17.440 4.643   15.054  1.00 50.86 ? 111 ASP A OD1 1 
ATOM   791  O OD2 . ASP A 1 111 ? -18.341 2.884   16.030  1.00 52.45 ? 111 ASP A OD2 1 
ATOM   792  N N   . VAL A 1 112 ? -13.529 1.461   13.840  1.00 37.71 ? 112 VAL A N   1 
ATOM   793  C CA  . VAL A 1 112 ? -12.173 0.879   13.937  1.00 37.39 ? 112 VAL A CA  1 
ATOM   794  C C   . VAL A 1 112 ? -11.172 1.716   13.169  1.00 36.46 ? 112 VAL A C   1 
ATOM   795  O O   . VAL A 1 112 ? -10.073 1.996   13.651  1.00 37.18 ? 112 VAL A O   1 
ATOM   796  C CB  . VAL A 1 112 ? -11.937 -0.512  13.278  1.00 37.81 ? 112 VAL A CB  1 
ATOM   797  C CG1 . VAL A 1 112 ? -11.339 -1.448  14.289  1.00 37.80 ? 112 VAL A CG1 1 
ATOM   798  C CG2 . VAL A 1 112 ? -13.136 -1.019  12.589  1.00 39.92 ? 112 VAL A CG2 1 
ATOM   799  N N   . PHE A 1 113 ? -11.527 2.052   11.937  1.00 37.42 ? 113 PHE A N   1 
ATOM   800  C CA  . PHE A 1 113 ? -10.603 2.823   11.134  1.00 38.47 ? 113 PHE A CA  1 
ATOM   801  C C   . PHE A 1 113 ? -10.194 4.092   11.853  1.00 39.40 ? 113 PHE A C   1 
ATOM   802  O O   . PHE A 1 113 ? -9.003  4.341   12.047  1.00 40.33 ? 113 PHE A O   1 
ATOM   803  C CB  . PHE A 1 113 ? -11.202 3.199   9.794   1.00 37.65 ? 113 PHE A CB  1 
ATOM   804  C CG  . PHE A 1 113 ? -10.194 3.763   8.845   1.00 37.76 ? 113 PHE A CG  1 
ATOM   805  C CD1 . PHE A 1 113 ? -9.257  2.936   8.246   1.00 35.17 ? 113 PHE A CD1 1 
ATOM   806  C CD2 . PHE A 1 113 ? -10.152 5.127   8.584   1.00 37.15 ? 113 PHE A CD2 1 
ATOM   807  C CE1 . PHE A 1 113 ? -8.276  3.466   7.385   1.00 38.20 ? 113 PHE A CE1 1 
ATOM   808  C CE2 . PHE A 1 113 ? -9.179  5.656   7.731   1.00 38.33 ? 113 PHE A CE2 1 
ATOM   809  C CZ  . PHE A 1 113 ? -8.247  4.828   7.136   1.00 37.43 ? 113 PHE A CZ  1 
ATOM   810  N N   . LYS A 1 114 ? -11.176 4.895   12.254  1.00 40.18 ? 114 LYS A N   1 
ATOM   811  C CA  . LYS A 1 114 ? -10.873 6.150   12.921  1.00 42.70 ? 114 LYS A CA  1 
ATOM   812  C C   . LYS A 1 114 ? -9.964  5.957   14.125  1.00 42.86 ? 114 LYS A C   1 
ATOM   813  O O   . LYS A 1 114 ? -8.993  6.680   14.303  1.00 45.03 ? 114 LYS A O   1 
ATOM   814  C CB  . LYS A 1 114 ? -12.167 6.859   13.337  1.00 46.44 ? 114 LYS A CB  1 
ATOM   815  C CG  . LYS A 1 114 ? -11.948 8.307   13.789  1.00 52.84 ? 114 LYS A CG  1 
ATOM   816  C CD  . LYS A 1 114 ? -13.228 9.133   13.621  1.00 57.92 ? 114 LYS A CD  1 
ATOM   817  C CE  . LYS A 1 114 ? -13.044 10.588  14.085  1.00 61.27 ? 114 LYS A CE  1 
ATOM   818  N NZ  . LYS A 1 114 ? -13.733 10.855  15.406  1.00 63.09 ? 114 LYS A NZ  1 
ATOM   819  N N   . THR A 1 115 ? -10.272 4.950   14.933  1.00 40.76 ? 115 THR A N   1 
ATOM   820  C CA  . THR A 1 115 ? -9.504  4.634   16.138  1.00 39.77 ? 115 THR A CA  1 
ATOM   821  C C   . THR A 1 115 ? -8.105  4.106   15.839  1.00 37.74 ? 115 THR A C   1 
ATOM   822  O O   . THR A 1 115 ? -7.110  4.574   16.382  1.00 38.86 ? 115 THR A O   1 
ATOM   823  C CB  . THR A 1 115 ? -10.199 3.503   16.967  1.00 41.29 ? 115 THR A CB  1 
ATOM   824  O OG1 . THR A 1 115 ? -11.496 3.928   17.363  1.00 45.02 ? 115 THR A OG1 1 
ATOM   825  C CG2 . THR A 1 115 ? -9.388  3.146   18.198  1.00 43.37 ? 115 THR A CG2 1 
ATOM   826  N N   . LYS A 1 116 ? -8.038  3.103   14.983  1.00 35.31 ? 116 LYS A N   1 
ATOM   827  C CA  . LYS A 1 116 ? -6.759  2.464   14.720  1.00 37.41 ? 116 LYS A CA  1 
ATOM   828  C C   . LYS A 1 116 ? -5.831  3.107   13.712  1.00 37.95 ? 116 LYS A C   1 
ATOM   829  O O   . LYS A 1 116 ? -4.637  2.812   13.703  1.00 36.13 ? 116 LYS A O   1 
ATOM   830  C CB  . LYS A 1 116 ? -6.986  1.022   14.317  1.00 37.60 ? 116 LYS A CB  1 
ATOM   831  C CG  . LYS A 1 116 ? -7.401  0.136   15.469  1.00 41.42 ? 116 LYS A CG  1 
ATOM   832  C CD  . LYS A 1 116 ? -7.219  -1.315  15.040  1.00 42.97 ? 116 LYS A CD  1 
ATOM   833  C CE  . LYS A 1 116 ? -7.567  -2.273  16.141  1.00 41.45 ? 116 LYS A CE  1 
ATOM   834  N NZ  . LYS A 1 116 ? -6.625  -2.107  17.270  1.00 41.59 ? 116 LYS A NZ  1 
ATOM   835  N N   . ALA A 1 117 ? -6.365  3.982   12.872  1.00 38.31 ? 117 ALA A N   1 
ATOM   836  C CA  . ALA A 1 117 ? -5.530  4.631   11.869  1.00 41.29 ? 117 ALA A CA  1 
ATOM   837  C C   . ALA A 1 117 ? -4.413  5.461   12.490  1.00 42.06 ? 117 ALA A C   1 
ATOM   838  O O   . ALA A 1 117 ? -3.272  5.392   12.036  1.00 43.16 ? 117 ALA A O   1 
ATOM   839  C CB  . ALA A 1 117 ? -6.387  5.517   10.950  1.00 37.91 ? 117 ALA A CB  1 
ATOM   840  N N   . GLN A 1 118 ? -4.726  6.227   13.530  1.00 43.55 ? 118 GLN A N   1 
ATOM   841  C CA  . GLN A 1 118 ? -3.712  7.086   14.153  1.00 44.91 ? 118 GLN A CA  1 
ATOM   842  C C   . GLN A 1 118 ? -2.408  6.386   14.502  1.00 41.60 ? 118 GLN A C   1 
ATOM   843  O O   . GLN A 1 118 ? -1.339  6.824   14.072  1.00 42.27 ? 118 GLN A O   1 
ATOM   844  C CB  . GLN A 1 118 ? -4.253  7.767   15.408  1.00 50.30 ? 118 GLN A CB  1 
ATOM   845  C CG  . GLN A 1 118 ? -5.697  8.182   15.309  1.00 57.87 ? 118 GLN A CG  1 
ATOM   846  C CD  . GLN A 1 118 ? -5.965  9.129   14.157  1.00 62.38 ? 118 GLN A CD  1 
ATOM   847  O OE1 . GLN A 1 118 ? -5.278  10.145  13.992  1.00 64.44 ? 118 GLN A OE1 1 
ATOM   848  N NE2 . GLN A 1 118 ? -6.974  8.803   13.350  1.00 62.61 ? 118 GLN A NE2 1 
ATOM   849  N N   . PRO A 1 119 ? -2.460  5.311   15.308  1.00 39.07 ? 119 PRO A N   1 
ATOM   850  C CA  . PRO A 1 119 ? -1.171  4.679   15.607  1.00 37.21 ? 119 PRO A CA  1 
ATOM   851  C C   . PRO A 1 119 ? -0.433  4.068   14.412  1.00 35.01 ? 119 PRO A C   1 
ATOM   852  O O   . PRO A 1 119 ? 0.798   3.990   14.417  1.00 33.41 ? 119 PRO A O   1 
ATOM   853  C CB  . PRO A 1 119 ? -1.518  3.633   16.703  1.00 36.55 ? 119 PRO A CB  1 
ATOM   854  C CG  . PRO A 1 119 ? -2.983  3.464   16.587  1.00 38.18 ? 119 PRO A CG  1 
ATOM   855  C CD  . PRO A 1 119 ? -3.516  4.801   16.203  1.00 37.24 ? 119 PRO A CD  1 
ATOM   856  N N   . LEU A 1 120 ? -1.154  3.608   13.399  1.00 33.01 ? 120 LEU A N   1 
ATOM   857  C CA  . LEU A 1 120 ? -0.452  3.051   12.246  1.00 33.57 ? 120 LEU A CA  1 
ATOM   858  C C   . LEU A 1 120 ? 0.268   4.200   11.508  1.00 32.02 ? 120 LEU A C   1 
ATOM   859  O O   . LEU A 1 120 ? 1.444   4.085   11.139  1.00 30.65 ? 120 LEU A O   1 
ATOM   860  C CB  . LEU A 1 120 ? -1.418  2.372   11.270  1.00 34.85 ? 120 LEU A CB  1 
ATOM   861  C CG  . LEU A 1 120 ? -0.804  2.056   9.894   1.00 37.68 ? 120 LEU A CG  1 
ATOM   862  C CD1 . LEU A 1 120 ? 0.340   1.097   10.078  1.00 37.37 ? 120 LEU A CD1 1 
ATOM   863  C CD2 . LEU A 1 120 ? -1.860  1.474   8.934   1.00 36.07 ? 120 LEU A CD2 1 
ATOM   864  N N   . ILE A 1 121 ? -0.447  5.293   11.284  1.00 32.87 ? 121 ILE A N   1 
ATOM   865  C CA  . ILE A 1 121 ? 0.143   6.446   10.586  1.00 32.25 ? 121 ILE A CA  1 
ATOM   866  C C   . ILE A 1 121 ? 1.305   7.028   11.420  1.00 32.13 ? 121 ILE A C   1 
ATOM   867  O O   . ILE A 1 121 ? 2.346   7.399   10.881  1.00 31.72 ? 121 ILE A O   1 
ATOM   868  C CB  . ILE A 1 121 ? -0.942  7.530   10.316  1.00 32.26 ? 121 ILE A CB  1 
ATOM   869  C CG1 . ILE A 1 121 ? -2.086  6.934   9.466   1.00 31.93 ? 121 ILE A CG1 1 
ATOM   870  C CG2 . ILE A 1 121 ? -0.330  8.754   9.600   1.00 33.56 ? 121 ILE A CG2 1 
ATOM   871  C CD1 . ILE A 1 121 ? -1.653  6.261   8.146   1.00 33.17 ? 121 ILE A CD1 1 
ATOM   872  N N   . LYS A 1 122 ? 1.134   7.087   12.740  1.00 31.09 ? 122 LYS A N   1 
ATOM   873  C CA  . LYS A 1 122 ? 2.193   7.600   13.602  1.00 33.11 ? 122 LYS A CA  1 
ATOM   874  C C   . LYS A 1 122 ? 3.434   6.707   13.452  1.00 33.42 ? 122 LYS A C   1 
ATOM   875  O O   . LYS A 1 122 ? 4.580   7.192   13.484  1.00 31.22 ? 122 LYS A O   1 
ATOM   876  C CB  . LYS A 1 122 ? 1.731   7.604   15.068  1.00 36.75 ? 122 LYS A CB  1 
ATOM   877  C CG  . LYS A 1 122 ? 2.830   7.955   16.072  1.00 40.14 ? 122 LYS A CG  1 
ATOM   878  C CD  . LYS A 1 122 ? 2.320   7.766   17.514  1.00 46.34 ? 122 LYS A CD  1 
ATOM   879  C CE  . LYS A 1 122 ? 3.465   7.816   18.533  1.00 47.79 ? 122 LYS A CE  1 
ATOM   880  N NZ  . LYS A 1 122 ? 3.110   7.185   19.865  1.00 50.97 ? 122 LYS A NZ  1 
ATOM   881  N N   . HIS A 1 123 ? 3.210   5.407   13.288  1.00 32.28 ? 123 HIS A N   1 
ATOM   882  C CA  . HIS A 1 123 ? 4.322   4.485   13.120  1.00 32.25 ? 123 HIS A CA  1 
ATOM   883  C C   . HIS A 1 123 ? 5.057   4.774   11.797  1.00 31.79 ? 123 HIS A C   1 
ATOM   884  O O   . HIS A 1 123 ? 6.294   4.768   11.742  1.00 29.88 ? 123 HIS A O   1 
ATOM   885  C CB  . HIS A 1 123 ? 3.810   3.049   13.123  1.00 33.87 ? 123 HIS A CB  1 
ATOM   886  C CG  . HIS A 1 123 ? 4.895   2.026   13.203  1.00 34.25 ? 123 HIS A CG  1 
ATOM   887  N ND1 . HIS A 1 123 ? 5.676   1.866   14.333  1.00 35.39 ? 123 HIS A ND1 1 
ATOM   888  C CD2 . HIS A 1 123 ? 5.351   1.127   12.302  1.00 37.24 ? 123 HIS A CD2 1 
ATOM   889  C CE1 . HIS A 1 123 ? 6.564   0.904   14.114  1.00 37.43 ? 123 HIS A CE1 1 
ATOM   890  N NE2 . HIS A 1 123 ? 6.386   0.445   12.895  1.00 40.57 ? 123 HIS A NE2 1 
ATOM   891  N N   . ILE A 1 124 ? 4.286   5.006   10.730  1.00 29.75 ? 124 ILE A N   1 
ATOM   892  C CA  . ILE A 1 124 ? 4.869   5.309   9.421   1.00 30.67 ? 124 ILE A CA  1 
ATOM   893  C C   . ILE A 1 124 ? 5.655   6.642   9.520   1.00 30.57 ? 124 ILE A C   1 
ATOM   894  O O   . ILE A 1 124 ? 6.833   6.697   9.142   1.00 31.75 ? 124 ILE A O   1 
ATOM   895  C CB  . ILE A 1 124 ? 3.744   5.394   8.343   1.00 30.99 ? 124 ILE A CB  1 
ATOM   896  C CG1 . ILE A 1 124 ? 3.158   3.994   8.109   1.00 29.60 ? 124 ILE A CG1 1 
ATOM   897  C CG2 . ILE A 1 124 ? 4.278   5.973   7.024   1.00 27.31 ? 124 ILE A CG2 1 
ATOM   898  C CD1 . ILE A 1 124 ? 1.926   3.959   7.198   1.00 32.56 ? 124 ILE A CD1 1 
ATOM   899  N N   . LEU A 1 125 ? 5.027   7.686   10.068  1.00 30.83 ? 125 LEU A N   1 
ATOM   900  C CA  . LEU A 1 125 ? 5.684   8.997   10.190  1.00 30.88 ? 125 LEU A CA  1 
ATOM   901  C C   . LEU A 1 125 ? 6.957   8.915   11.004  1.00 33.17 ? 125 LEU A C   1 
ATOM   902  O O   . LEU A 1 125 ? 7.982   9.413   10.597  1.00 32.92 ? 125 LEU A O   1 
ATOM   903  C CB  . LEU A 1 125 ? 4.753   10.018  10.846  1.00 32.73 ? 125 LEU A CB  1 
ATOM   904  C CG  . LEU A 1 125 ? 3.605   10.565  10.001  1.00 33.06 ? 125 LEU A CG  1 
ATOM   905  C CD1 . LEU A 1 125 ? 2.602   11.270  10.915  1.00 34.35 ? 125 LEU A CD1 1 
ATOM   906  C CD2 . LEU A 1 125 ? 4.167   11.515  8.936   1.00 34.70 ? 125 LEU A CD2 1 
ATOM   907  N N   . THR A 1 126 ? 6.880   8.289   12.171  1.00 32.89 ? 126 THR A N   1 
ATOM   908  C CA  . THR A 1 126 ? 8.054   8.133   13.006  1.00 34.98 ? 126 THR A CA  1 
ATOM   909  C C   . THR A 1 126 ? 9.211   7.509   12.251  1.00 35.77 ? 126 THR A C   1 
ATOM   910  O O   . THR A 1 126 ? 10.372  7.843   12.483  1.00 37.23 ? 126 THR A O   1 
ATOM   911  C CB  . THR A 1 126 ? 7.744   7.251   14.244  1.00 35.08 ? 126 THR A CB  1 
ATOM   912  O OG1 . THR A 1 126 ? 6.872   7.978   15.106  1.00 36.36 ? 126 THR A OG1 1 
ATOM   913  C CG2 . THR A 1 126 ? 9.031   6.906   14.994  1.00 36.36 ? 126 THR A CG2 1 
ATOM   914  N N   . ASN A 1 127 ? 8.907   6.604   11.329  1.00 35.19 ? 127 ASN A N   1 
ATOM   915  C CA  . ASN A 1 127 ? 9.957   5.932   10.579  1.00 33.94 ? 127 ASN A CA  1 
ATOM   916  C C   . ASN A 1 127 ? 9.929   6.322   9.103   1.00 32.76 ? 127 ASN A C   1 
ATOM   917  O O   . ASN A 1 127 ? 10.326  5.554   8.235   1.00 29.98 ? 127 ASN A O   1 
ATOM   918  C CB  . ASN A 1 127 ? 9.757   4.426   10.778  1.00 34.97 ? 127 ASN A CB  1 
ATOM   919  C CG  . ASN A 1 127 ? 9.871   4.044   12.249  1.00 36.40 ? 127 ASN A CG  1 
ATOM   920  O OD1 . ASN A 1 127 ? 10.960  4.098   12.809  1.00 35.45 ? 127 ASN A OD1 1 
ATOM   921  N ND2 . ASN A 1 127 ? 8.750   3.708   12.886  1.00 32.99 ? 127 ASN A ND2 1 
ATOM   922  N N   . PHE A 1 128 ? 9.492   7.552   8.837   1.00 33.59 ? 128 PHE A N   1 
ATOM   923  C CA  . PHE A 1 128 ? 9.309   8.034   7.457   1.00 31.90 ? 128 PHE A CA  1 
ATOM   924  C C   . PHE A 1 128 ? 10.416  7.727   6.462   1.00 32.06 ? 128 PHE A C   1 
ATOM   925  O O   . PHE A 1 128 ? 10.144  7.237   5.358   1.00 30.45 ? 128 PHE A O   1 
ATOM   926  C CB  . PHE A 1 128 ? 9.021   9.547   7.438   1.00 30.56 ? 128 PHE A CB  1 
ATOM   927  C CG  . PHE A 1 128 ? 8.679   10.070  6.071   1.00 30.36 ? 128 PHE A CG  1 
ATOM   928  C CD1 . PHE A 1 128 ? 7.404   9.887   5.534   1.00 28.52 ? 128 PHE A CD1 1 
ATOM   929  C CD2 . PHE A 1 128 ? 9.653   10.693  5.291   1.00 30.88 ? 128 PHE A CD2 1 
ATOM   930  C CE1 . PHE A 1 128 ? 7.118   10.281  4.258   1.00 28.84 ? 128 PHE A CE1 1 
ATOM   931  C CE2 . PHE A 1 128 ? 9.375   11.102  3.980   1.00 31.48 ? 128 PHE A CE2 1 
ATOM   932  C CZ  . PHE A 1 128 ? 8.104   10.902  3.465   1.00 30.91 ? 128 PHE A CZ  1 
ATOM   933  N N   . ASP A 1 129 ? 11.660  7.982   6.847   1.00 32.46 ? 129 ASP A N   1 
ATOM   934  C CA  . ASP A 1 129 ? 12.781  7.754   5.942   1.00 35.62 ? 129 ASP A CA  1 
ATOM   935  C C   . ASP A 1 129 ? 13.037  6.319   5.530   1.00 35.65 ? 129 ASP A C   1 
ATOM   936  O O   . ASP A 1 129 ? 13.787  6.089   4.586   1.00 35.51 ? 129 ASP A O   1 
ATOM   937  C CB  . ASP A 1 129 ? 14.080  8.328   6.527   1.00 37.58 ? 129 ASP A CB  1 
ATOM   938  C CG  . ASP A 1 129 ? 13.999  9.822   6.739   1.00 43.12 ? 129 ASP A CG  1 
ATOM   939  O OD1 . ASP A 1 129 ? 13.392  10.516  5.893   1.00 42.03 ? 129 ASP A OD1 1 
ATOM   940  O OD2 . ASP A 1 129 ? 14.554  10.300  7.746   1.00 48.20 ? 129 ASP A OD2 1 
ATOM   941  N N   . ASP A 1 130 ? 12.446  5.361   6.231   1.00 35.00 ? 130 ASP A N   1 
ATOM   942  C CA  . ASP A 1 130 ? 12.653  3.958   5.889   1.00 35.72 ? 130 ASP A CA  1 
ATOM   943  C C   . ASP A 1 130 ? 11.761  3.460   4.743   1.00 34.82 ? 130 ASP A C   1 
ATOM   944  O O   . ASP A 1 130 ? 11.928  2.334   4.250   1.00 35.12 ? 130 ASP A O   1 
ATOM   945  C CB  . ASP A 1 130 ? 12.389  3.080   7.103   1.00 39.22 ? 130 ASP A CB  1 
ATOM   946  C CG  . ASP A 1 130 ? 13.371  3.316   8.225   1.00 43.72 ? 130 ASP A CG  1 
ATOM   947  O OD1 . ASP A 1 130 ? 14.514  3.743   7.964   1.00 45.57 ? 130 ASP A OD1 1 
ATOM   948  O OD2 . ASP A 1 130 ? 12.994  3.049   9.381   1.00 48.92 ? 130 ASP A OD2 1 
ATOM   949  N N   . PHE A 1 131 ? 10.832  4.298   4.299   1.00 32.32 ? 131 PHE A N   1 
ATOM   950  C CA  . PHE A 1 131 ? 9.884   3.883   3.264   1.00 31.26 ? 131 PHE A CA  1 
ATOM   951  C C   . PHE A 1 131 ? 10.052  4.369   1.840   1.00 31.55 ? 131 PHE A C   1 
ATOM   952  O O   . PHE A 1 131 ? 10.604  5.435   1.601   1.00 31.17 ? 131 PHE A O   1 
ATOM   953  C CB  . PHE A 1 131 ? 8.470   4.311   3.674   1.00 28.89 ? 131 PHE A CB  1 
ATOM   954  C CG  . PHE A 1 131 ? 7.969   3.652   4.913   1.00 29.79 ? 131 PHE A CG  1 
ATOM   955  C CD1 . PHE A 1 131 ? 8.080   4.283   6.150   1.00 29.65 ? 131 PHE A CD1 1 
ATOM   956  C CD2 . PHE A 1 131 ? 7.353   2.400   4.845   1.00 29.27 ? 131 PHE A CD2 1 
ATOM   957  C CE1 . PHE A 1 131 ? 7.570   3.671   7.315   1.00 30.08 ? 131 PHE A CE1 1 
ATOM   958  C CE2 . PHE A 1 131 ? 6.849   1.787   6.008   1.00 31.41 ? 131 PHE A CE2 1 
ATOM   959  C CZ  . PHE A 1 131 ? 6.959   2.430   7.239   1.00 28.59 ? 131 PHE A CZ  1 
ATOM   960  N N   . GLU A 1 132 ? 9.532   3.577   0.895   1.00 29.51 ? 132 GLU A N   1 
ATOM   961  C CA  . GLU A 1 132 ? 9.433   4.025   -0.486  1.00 30.52 ? 132 GLU A CA  1 
ATOM   962  C C   . GLU A 1 132 ? 7.895   4.013   -0.644  1.00 32.63 ? 132 GLU A C   1 
ATOM   963  O O   . GLU A 1 132 ? 7.190   3.316   0.112   1.00 32.17 ? 132 GLU A O   1 
ATOM   964  C CB  . GLU A 1 132 ? 10.071  3.072   -1.497  1.00 29.83 ? 132 GLU A CB  1 
ATOM   965  C CG  . GLU A 1 132 ? 11.601  3.054   -1.434  1.00 31.29 ? 132 GLU A CG  1 
ATOM   966  C CD  . GLU A 1 132 ? 12.205  2.246   -2.573  1.00 32.68 ? 132 GLU A CD  1 
ATOM   967  O OE1 . GLU A 1 132 ? 12.567  2.847   -3.613  1.00 32.08 ? 132 GLU A OE1 1 
ATOM   968  O OE2 . GLU A 1 132 ? 12.291  1.007   -2.441  1.00 34.89 ? 132 GLU A OE2 1 
ATOM   969  N N   . PHE A 1 133 ? 7.379   4.778   -1.595  1.00 30.48 ? 133 PHE A N   1 
ATOM   970  C CA  . PHE A 1 133 ? 5.942   4.864   -1.788  1.00 31.16 ? 133 PHE A CA  1 
ATOM   971  C C   . PHE A 1 133 ? 5.592   4.606   -3.226  1.00 31.47 ? 133 PHE A C   1 
ATOM   972  O O   . PHE A 1 133 ? 6.351   4.982   -4.138  1.00 31.84 ? 133 PHE A O   1 
ATOM   973  C CB  . PHE A 1 133 ? 5.441   6.251   -1.377  1.00 30.46 ? 133 PHE A CB  1 
ATOM   974  C CG  . PHE A 1 133 ? 5.931   6.693   -0.037  1.00 32.62 ? 133 PHE A CG  1 
ATOM   975  C CD1 . PHE A 1 133 ? 7.148   7.368   0.092   1.00 31.56 ? 133 PHE A CD1 1 
ATOM   976  C CD2 . PHE A 1 133 ? 5.195   6.412   1.124   1.00 32.16 ? 133 PHE A CD2 1 
ATOM   977  C CE1 . PHE A 1 133 ? 7.620   7.749   1.342   1.00 30.73 ? 133 PHE A CE1 1 
ATOM   978  C CE2 . PHE A 1 133 ? 5.667   6.794   2.381   1.00 31.12 ? 133 PHE A CE2 1 
ATOM   979  C CZ  . PHE A 1 133 ? 6.882   7.463   2.488   1.00 30.96 ? 133 PHE A CZ  1 
ATOM   980  N N   . TYR A 1 134 ? 4.428   4.005   -3.434  1.00 31.15 ? 134 TYR A N   1 
ATOM   981  C CA  . TYR A 1 134 ? 3.997   3.646   -4.766  1.00 31.26 ? 134 TYR A CA  1 
ATOM   982  C C   . TYR A 1 134 ? 2.570   4.032   -5.102  1.00 33.32 ? 134 TYR A C   1 
ATOM   983  O O   . TYR A 1 134 ? 1.641   3.793   -4.316  1.00 30.81 ? 134 TYR A O   1 
ATOM   984  C CB  . TYR A 1 134 ? 4.119   2.131   -4.962  1.00 32.37 ? 134 TYR A CB  1 
ATOM   985  C CG  . TYR A 1 134 ? 5.521   1.613   -5.018  1.00 29.96 ? 134 TYR A CG  1 
ATOM   986  C CD1 . TYR A 1 134 ? 6.243   1.313   -3.855  1.00 34.17 ? 134 TYR A CD1 1 
ATOM   987  C CD2 . TYR A 1 134 ? 6.147   1.439   -6.252  1.00 33.21 ? 134 TYR A CD2 1 
ATOM   988  C CE1 . TYR A 1 134 ? 7.579   0.832   -3.941  1.00 33.90 ? 134 TYR A CE1 1 
ATOM   989  C CE2 . TYR A 1 134 ? 7.450   0.983   -6.343  1.00 34.62 ? 134 TYR A CE2 1 
ATOM   990  C CZ  . TYR A 1 134 ? 8.161   0.676   -5.205  1.00 36.35 ? 134 TYR A CZ  1 
ATOM   991  O OH  . TYR A 1 134 ? 9.454   0.205   -5.374  1.00 37.93 ? 134 TYR A OH  1 
ATOM   992  N N   . MET A 1 135 ? 2.394   4.588   -6.298  1.00 33.38 ? 135 MET A N   1 
ATOM   993  C CA  . MET A 1 135 ? 1.068   4.941   -6.758  1.00 35.96 ? 135 MET A CA  1 
ATOM   994  C C   . MET A 1 135 ? 0.652   3.804   -7.671  1.00 36.67 ? 135 MET A C   1 
ATOM   995  O O   . MET A 1 135 ? 1.489   3.073   -8.207  1.00 34.36 ? 135 MET A O   1 
ATOM   996  C CB  . MET A 1 135 ? 1.087   6.251   -7.546  1.00 38.03 ? 135 MET A CB  1 
ATOM   997  C CG  . MET A 1 135 ? 1.391   7.486   -6.721  1.00 42.36 ? 135 MET A CG  1 
ATOM   998  S SD  . MET A 1 135 ? 1.361   8.955   -7.757  1.00 45.21 ? 135 MET A SD  1 
ATOM   999  C CE  . MET A 1 135 ? -0.217  9.247   -7.696  1.00 47.93 ? 135 MET A CE  1 
ATOM   1000 N N   . GLY A 1 136 ? -0.650  3.632   -7.822  1.00 37.20 ? 136 GLY A N   1 
ATOM   1001 C CA  . GLY A 1 136 ? -1.133  2.594   -8.707  1.00 39.96 ? 136 GLY A CA  1 
ATOM   1002 C C   . GLY A 1 136 ? -1.084  3.117   -10.143 1.00 42.20 ? 136 GLY A C   1 
ATOM   1003 O O   . GLY A 1 136 ? -0.542  4.201   -10.421 1.00 42.38 ? 136 GLY A O   1 
ATOM   1004 N N   . GLU A 1 137 ? -1.674  2.351   -11.050 1.00 42.54 ? 137 GLU A N   1 
ATOM   1005 C CA  . GLU A 1 137 ? -1.697  2.683   -12.471 1.00 44.95 ? 137 GLU A CA  1 
ATOM   1006 C C   . GLU A 1 137 ? -2.254  4.082   -12.821 1.00 43.74 ? 137 GLU A C   1 
ATOM   1007 O O   . GLU A 1 137 ? -1.731  4.750   -13.709 1.00 43.70 ? 137 GLU A O   1 
ATOM   1008 C CB  . GLU A 1 137 ? -2.470  1.576   -13.207 1.00 47.57 ? 137 GLU A CB  1 
ATOM   1009 C CG  . GLU A 1 137 ? -2.663  1.788   -14.697 1.00 55.88 ? 137 GLU A CG  1 
ATOM   1010 C CD  . GLU A 1 137 ? -3.458  0.652   -15.341 1.00 58.88 ? 137 GLU A CD  1 
ATOM   1011 O OE1 . GLU A 1 137 ? -4.383  0.116   -14.683 1.00 59.09 ? 137 GLU A OE1 1 
ATOM   1012 O OE2 . GLU A 1 137 ? -3.170  0.306   -16.510 1.00 62.72 ? 137 GLU A OE2 1 
ATOM   1013 N N   . SER A 1 138 ? -3.289  4.534   -12.118 1.00 42.57 ? 138 SER A N   1 
ATOM   1014 C CA  . SER A 1 138 ? -3.876  5.851   -12.398 1.00 43.60 ? 138 SER A CA  1 
ATOM   1015 C C   . SER A 1 138 ? -3.006  7.021   -11.941 1.00 43.34 ? 138 SER A C   1 
ATOM   1016 O O   . SER A 1 138 ? -3.292  8.176   -12.261 1.00 41.09 ? 138 SER A O   1 
ATOM   1017 C CB  . SER A 1 138 ? -5.250  5.972   -11.741 1.00 42.50 ? 138 SER A CB  1 
ATOM   1018 O OG  . SER A 1 138 ? -6.077  4.901   -12.150 1.00 44.24 ? 138 SER A OG  1 
ATOM   1019 N N   . LEU A 1 139 ? -1.956  6.733   -11.175 1.00 41.59 ? 139 LEU A N   1 
ATOM   1020 C CA  . LEU A 1 139 ? -1.065  7.787   -10.710 1.00 41.47 ? 139 LEU A CA  1 
ATOM   1021 C C   . LEU A 1 139 ? -1.853  8.902   -10.029 1.00 42.81 ? 139 LEU A C   1 
ATOM   1022 O O   . LEU A 1 139 ? -1.542  10.080  -10.180 1.00 42.79 ? 139 LEU A O   1 
ATOM   1023 C CB  . LEU A 1 139 ? -0.266  8.340   -11.899 1.00 42.55 ? 139 LEU A CB  1 
ATOM   1024 C CG  . LEU A 1 139 ? 0.617   7.321   -12.657 1.00 44.31 ? 139 LEU A CG  1 
ATOM   1025 C CD1 . LEU A 1 139 ? 1.232   7.947   -13.912 1.00 43.87 ? 139 LEU A CD1 1 
ATOM   1026 C CD2 . LEU A 1 139 ? 1.740   6.823   -11.721 1.00 42.93 ? 139 LEU A CD2 1 
ATOM   1027 N N   . ASP A 1 140 ? -2.866  8.522   -9.254  1.00 43.01 ? 140 ASP A N   1 
ATOM   1028 C CA  . ASP A 1 140 ? -3.715  9.496   -8.574  1.00 43.80 ? 140 ASP A CA  1 
ATOM   1029 C C   . ASP A 1 140 ? -3.150  9.826   -7.196  1.00 44.52 ? 140 ASP A C   1 
ATOM   1030 O O   . ASP A 1 140 ? -3.276  9.030   -6.266  1.00 43.24 ? 140 ASP A O   1 
ATOM   1031 C CB  . ASP A 1 140 ? -5.135  8.927   -8.422  1.00 44.17 ? 140 ASP A CB  1 
ATOM   1032 C CG  . ASP A 1 140 ? -6.102  9.914   -7.791  1.00 44.35 ? 140 ASP A CG  1 
ATOM   1033 O OD1 . ASP A 1 140 ? -5.652  10.818  -7.061  1.00 41.58 ? 140 ASP A OD1 1 
ATOM   1034 O OD2 . ASP A 1 140 ? -7.326  9.769   -8.015  1.00 47.09 ? 140 ASP A OD2 1 
ATOM   1035 N N   . MET A 1 141 ? -2.543  11.005  -7.069  1.00 44.95 ? 141 MET A N   1 
ATOM   1036 C CA  . MET A 1 141 ? -1.954  11.427  -5.811  1.00 46.32 ? 141 MET A CA  1 
ATOM   1037 C C   . MET A 1 141 ? -2.922  11.597  -4.663  1.00 46.18 ? 141 MET A C   1 
ATOM   1038 O O   . MET A 1 141 ? -2.500  11.866  -3.543  1.00 48.77 ? 141 MET A O   1 
ATOM   1039 C CB  . MET A 1 141 ? -1.141  12.709  -6.017  1.00 47.84 ? 141 MET A CB  1 
ATOM   1040 C CG  . MET A 1 141 ? 0.259   12.413  -6.526  1.00 50.82 ? 141 MET A CG  1 
ATOM   1041 S SD  . MET A 1 141 ? 1.072   13.728  -7.448  1.00 52.06 ? 141 MET A SD  1 
ATOM   1042 C CE  . MET A 1 141 ? 1.348   14.948  -6.200  1.00 56.70 ? 141 MET A CE  1 
ATOM   1043 N N   . ASP A 1 142 ? -4.219  11.451  -4.924  1.00 45.87 ? 142 ASP A N   1 
ATOM   1044 C CA  . ASP A 1 142 ? -5.213  11.566  -3.859  1.00 43.90 ? 142 ASP A CA  1 
ATOM   1045 C C   . ASP A 1 142 ? -5.754  10.200  -3.467  1.00 43.68 ? 142 ASP A C   1 
ATOM   1046 O O   . ASP A 1 142 ? -6.562  10.094  -2.548  1.00 42.99 ? 142 ASP A O   1 
ATOM   1047 C CB  . ASP A 1 142 ? -6.404  12.427  -4.277  1.00 47.37 ? 142 ASP A CB  1 
ATOM   1048 C CG  . ASP A 1 142 ? -6.068  13.900  -4.348  1.00 48.85 ? 142 ASP A CG  1 
ATOM   1049 O OD1 . ASP A 1 142 ? -5.065  14.338  -3.738  1.00 51.53 ? 142 ASP A OD1 1 
ATOM   1050 O OD2 . ASP A 1 142 ? -6.824  14.622  -5.014  1.00 52.09 ? 142 ASP A OD2 1 
ATOM   1051 N N   . ALA A 1 143 ? -5.347  9.153   -4.177  1.00 42.21 ? 143 ALA A N   1 
ATOM   1052 C CA  . ALA A 1 143 ? -5.837  7.817   -3.848  1.00 38.97 ? 143 ALA A CA  1 
ATOM   1053 C C   . ALA A 1 143 ? -4.853  7.138   -2.890  1.00 37.47 ? 143 ALA A C   1 
ATOM   1054 O O   . ALA A 1 143 ? -3.990  7.795   -2.317  1.00 36.41 ? 143 ALA A O   1 
ATOM   1055 C CB  . ALA A 1 143 ? -6.022  6.996   -5.118  1.00 40.68 ? 143 ALA A CB  1 
ATOM   1056 N N   . GLY A 1 144 ? -4.974  5.828   -2.712  1.00 35.09 ? 144 GLY A N   1 
ATOM   1057 C CA  . GLY A 1 144 ? -4.092  5.154   -1.784  1.00 33.77 ? 144 GLY A CA  1 
ATOM   1058 C C   . GLY A 1 144 ? -2.655  5.012   -2.268  1.00 32.48 ? 144 GLY A C   1 
ATOM   1059 O O   . GLY A 1 144 ? -2.379  4.946   -3.459  1.00 33.63 ? 144 GLY A O   1 
ATOM   1060 N N   . LEU A 1 145 ? -1.735  4.973   -1.319  1.00 33.32 ? 145 LEU A N   1 
ATOM   1061 C CA  . LEU A 1 145 ? -0.333  4.747   -1.619  1.00 31.03 ? 145 LEU A CA  1 
ATOM   1062 C C   . LEU A 1 145 ? -0.032  3.382   -1.058  1.00 30.79 ? 145 LEU A C   1 
ATOM   1063 O O   . LEU A 1 145 ? -0.607  3.002   -0.052  1.00 30.20 ? 145 LEU A O   1 
ATOM   1064 C CB  . LEU A 1 145 ? 0.539   5.761   -0.891  1.00 31.59 ? 145 LEU A CB  1 
ATOM   1065 C CG  . LEU A 1 145 ? 0.678   7.163   -1.470  1.00 31.58 ? 145 LEU A CG  1 
ATOM   1066 C CD1 . LEU A 1 145 ? 1.630   7.940   -0.574  1.00 31.70 ? 145 LEU A CD1 1 
ATOM   1067 C CD2 . LEU A 1 145 ? 1.209   7.066   -2.914  1.00 28.76 ? 145 LEU A CD2 1 
ATOM   1068 N N   . THR A 1 146 ? 0.852   2.641   -1.710  1.00 30.68 ? 146 THR A N   1 
ATOM   1069 C CA  . THR A 1 146 ? 1.258   1.354   -1.166  1.00 30.30 ? 146 THR A CA  1 
ATOM   1070 C C   . THR A 1 146 ? 2.637   1.673   -0.616  1.00 30.31 ? 146 THR A C   1 
ATOM   1071 O O   . THR A 1 146 ? 3.402   2.386   -1.249  1.00 32.14 ? 146 THR A O   1 
ATOM   1072 C CB  . THR A 1 146 ? 1.311   0.278   -2.254  1.00 29.65 ? 146 THR A CB  1 
ATOM   1073 O OG1 . THR A 1 146 ? -0.001  0.123   -2.797  1.00 31.50 ? 146 THR A OG1 1 
ATOM   1074 C CG2 . THR A 1 146 ? 1.757   -1.063  -1.684  1.00 29.00 ? 146 THR A CG2 1 
ATOM   1075 N N   . TYR A 1 147 ? 2.932   1.189   0.582   1.00 32.08 ? 147 TYR A N   1 
ATOM   1076 C CA  . TYR A 1 147 ? 4.201   1.476   1.252   1.00 30.17 ? 147 TYR A CA  1 
ATOM   1077 C C   . TYR A 1 147 ? 5.135   0.294   1.120   1.00 32.78 ? 147 TYR A C   1 
ATOM   1078 O O   . TYR A 1 147 ? 4.720   -0.858  1.124   1.00 33.98 ? 147 TYR A O   1 
ATOM   1079 C CB  . TYR A 1 147 ? 3.989   1.752   2.743   1.00 29.16 ? 147 TYR A CB  1 
ATOM   1080 C CG  . TYR A 1 147 ? 2.965   2.837   3.011   1.00 30.00 ? 147 TYR A CG  1 
ATOM   1081 C CD1 . TYR A 1 147 ? 1.589   2.570   2.928   1.00 29.36 ? 147 TYR A CD1 1 
ATOM   1082 C CD2 . TYR A 1 147 ? 3.371   4.144   3.245   1.00 27.60 ? 147 TYR A CD2 1 
ATOM   1083 C CE1 . TYR A 1 147 ? 0.650   3.592   3.080   1.00 27.93 ? 147 TYR A CE1 1 
ATOM   1084 C CE2 . TYR A 1 147 ? 2.450   5.170   3.369   1.00 28.49 ? 147 TYR A CE2 1 
ATOM   1085 C CZ  . TYR A 1 147 ? 1.091   4.890   3.286   1.00 29.66 ? 147 TYR A CZ  1 
ATOM   1086 O OH  . TYR A 1 147 ? 0.199   5.928   3.358   1.00 30.81 ? 147 TYR A OH  1 
ATOM   1087 N N   . SER A 1 148 ? 6.417   0.590   1.047   1.00 30.56 ? 148 SER A N   1 
ATOM   1088 C CA  . SER A 1 148 ? 7.397   -0.461  0.908   1.00 31.28 ? 148 SER A CA  1 
ATOM   1089 C C   . SER A 1 148 ? 8.554   -0.180  1.852   1.00 30.53 ? 148 SER A C   1 
ATOM   1090 O O   . SER A 1 148 ? 8.936   0.995   2.072   1.00 29.69 ? 148 SER A O   1 
ATOM   1091 C CB  . SER A 1 148 ? 7.822   -0.473  -0.566  1.00 31.82 ? 148 SER A CB  1 
ATOM   1092 O OG  . SER A 1 148 ? 9.141   -0.847  -0.752  1.00 36.02 ? 148 SER A OG  1 
ATOM   1093 N N   . TYR A 1 149 ? 9.096   -1.233  2.454   1.00 28.14 ? 149 TYR A N   1 
ATOM   1094 C CA  . TYR A 1 149 ? 10.242  -1.054  3.340   1.00 29.16 ? 149 TYR A CA  1 
ATOM   1095 C C   . TYR A 1 149 ? 11.044  -2.356  3.358   1.00 30.51 ? 149 TYR A C   1 
ATOM   1096 O O   . TYR A 1 149 ? 10.541  -3.389  2.929   1.00 29.12 ? 149 TYR A O   1 
ATOM   1097 C CB  . TYR A 1 149 ? 9.807   -0.694  4.773   1.00 30.15 ? 149 TYR A CB  1 
ATOM   1098 C CG  . TYR A 1 149 ? 9.237   -1.861  5.567   1.00 30.41 ? 149 TYR A CG  1 
ATOM   1099 C CD1 . TYR A 1 149 ? 10.025  -2.577  6.463   1.00 30.19 ? 149 TYR A CD1 1 
ATOM   1100 C CD2 . TYR A 1 149 ? 7.908   -2.248  5.394   1.00 27.68 ? 149 TYR A CD2 1 
ATOM   1101 C CE1 . TYR A 1 149 ? 9.496   -3.664  7.172   1.00 30.68 ? 149 TYR A CE1 1 
ATOM   1102 C CE2 . TYR A 1 149 ? 7.370   -3.317  6.081   1.00 28.36 ? 149 TYR A CE2 1 
ATOM   1103 C CZ  . TYR A 1 149 ? 8.167   -4.024  6.960   1.00 28.77 ? 149 TYR A CZ  1 
ATOM   1104 O OH  . TYR A 1 149 ? 7.608   -5.116  7.553   1.00 29.61 ? 149 TYR A OH  1 
ATOM   1105 N N   . TYR A 1 150 ? 12.292  -2.296  3.826   1.00 30.79 ? 150 TYR A N   1 
ATOM   1106 C CA  . TYR A 1 150 ? 13.135  -3.495  3.911   1.00 32.55 ? 150 TYR A CA  1 
ATOM   1107 C C   . TYR A 1 150 ? 13.236  -3.848  5.368   1.00 34.61 ? 150 TYR A C   1 
ATOM   1108 O O   . TYR A 1 150 ? 13.636  -3.027  6.194   1.00 35.54 ? 150 TYR A O   1 
ATOM   1109 C CB  . TYR A 1 150 ? 14.549  -3.254  3.355   1.00 31.65 ? 150 TYR A CB  1 
ATOM   1110 C CG  . TYR A 1 150 ? 14.611  -3.151  1.859   1.00 30.52 ? 150 TYR A CG  1 
ATOM   1111 C CD1 . TYR A 1 150 ? 14.186  -1.994  1.211   1.00 28.98 ? 150 TYR A CD1 1 
ATOM   1112 C CD2 . TYR A 1 150 ? 15.084  -4.208  1.087   1.00 30.14 ? 150 TYR A CD2 1 
ATOM   1113 C CE1 . TYR A 1 150 ? 14.232  -1.887  -0.157  1.00 30.23 ? 150 TYR A CE1 1 
ATOM   1114 C CE2 . TYR A 1 150 ? 15.142  -4.119  -0.305  1.00 31.44 ? 150 TYR A CE2 1 
ATOM   1115 C CZ  . TYR A 1 150 ? 14.705  -2.947  -0.924  1.00 31.29 ? 150 TYR A CZ  1 
ATOM   1116 O OH  . TYR A 1 150 ? 14.702  -2.846  -2.296  1.00 30.02 ? 150 TYR A OH  1 
ATOM   1117 N N   . LYS A 1 151 ? 12.856  -5.076  5.682   1.00 37.86 ? 151 LYS A N   1 
ATOM   1118 C CA  . LYS A 1 151 ? 12.880  -5.557  7.053   1.00 41.11 ? 151 LYS A CA  1 
ATOM   1119 C C   . LYS A 1 151 ? 14.253  -6.145  7.392   1.00 42.29 ? 151 LYS A C   1 
ATOM   1120 O O   . LYS A 1 151 ? 14.785  -6.974  6.662   1.00 39.97 ? 151 LYS A O   1 
ATOM   1121 C CB  . LYS A 1 151 ? 11.778  -6.611  7.232   1.00 42.74 ? 151 LYS A CB  1 
ATOM   1122 C CG  . LYS A 1 151 ? 11.664  -7.228  8.632   1.00 44.49 ? 151 LYS A CG  1 
ATOM   1123 C CD  . LYS A 1 151 ? 10.519  -8.257  8.652   1.00 46.80 ? 151 LYS A CD  1 
ATOM   1124 C CE  . LYS A 1 151 ? 10.465  -9.054  9.951   1.00 50.07 ? 151 LYS A CE  1 
ATOM   1125 N NZ  . LYS A 1 151 ? 9.231   -9.916  10.008  1.00 53.00 ? 151 LYS A NZ  1 
ATOM   1126 N N   . GLY A 1 152 ? 14.807  -5.698  8.512   1.00 44.77 ? 152 GLY A N   1 
ATOM   1127 C CA  . GLY A 1 152 ? 16.105  -6.173  8.945   1.00 47.94 ? 152 GLY A CA  1 
ATOM   1128 C C   . GLY A 1 152 ? 17.115  -6.229  7.827   1.00 49.98 ? 152 GLY A C   1 
ATOM   1129 O O   . GLY A 1 152 ? 17.406  -5.226  7.170   1.00 52.44 ? 152 GLY A O   1 
ATOM   1130 N N   . GLU A 1 153 ? 17.640  -7.422  7.590   1.00 51.51 ? 153 GLU A N   1 
ATOM   1131 C CA  . GLU A 1 153 ? 18.637  -7.599  6.553   1.00 51.89 ? 153 GLU A CA  1 
ATOM   1132 C C   . GLU A 1 153 ? 18.072  -8.280  5.318   1.00 49.40 ? 153 GLU A C   1 
ATOM   1133 O O   . GLU A 1 153 ? 18.832  -8.758  4.481   1.00 51.32 ? 153 GLU A O   1 
ATOM   1134 C CB  . GLU A 1 153 ? 19.818  -8.414  7.092   1.00 56.23 ? 153 GLU A CB  1 
ATOM   1135 C CG  . GLU A 1 153 ? 20.554  -7.751  8.257   1.00 61.02 ? 153 GLU A CG  1 
ATOM   1136 C CD  . GLU A 1 153 ? 21.893  -8.412  8.534   1.00 65.07 ? 153 GLU A CD  1 
ATOM   1137 O OE1 . GLU A 1 153 ? 22.772  -8.360  7.643   1.00 66.71 ? 153 GLU A OE1 1 
ATOM   1138 O OE2 . GLU A 1 153 ? 22.066  -8.986  9.634   1.00 67.10 ? 153 GLU A OE2 1 
ATOM   1139 N N   . GLU A 1 154 ? 16.749  -8.327  5.192   1.00 45.46 ? 154 GLU A N   1 
ATOM   1140 C CA  . GLU A 1 154 ? 16.148  -8.945  4.016   1.00 41.92 ? 154 GLU A CA  1 
ATOM   1141 C C   . GLU A 1 154 ? 16.595  -8.192  2.776   1.00 38.27 ? 154 GLU A C   1 
ATOM   1142 O O   . GLU A 1 154 ? 16.912  -7.006  2.846   1.00 37.11 ? 154 GLU A O   1 
ATOM   1143 C CB  . GLU A 1 154 ? 14.627  -8.937  4.122   1.00 42.38 ? 154 GLU A CB  1 
ATOM   1144 C CG  . GLU A 1 154 ? 14.122  -10.045 5.043   1.00 43.11 ? 154 GLU A CG  1 
ATOM   1145 C CD  . GLU A 1 154 ? 12.627  -10.006 5.278   1.00 44.99 ? 154 GLU A CD  1 
ATOM   1146 O OE1 . GLU A 1 154 ? 11.877  -9.415  4.455   1.00 42.12 ? 154 GLU A OE1 1 
ATOM   1147 O OE2 . GLU A 1 154 ? 12.209  -10.583 6.301   1.00 47.55 ? 154 GLU A OE2 1 
ATOM   1148 N N   . VAL A 1 155 ? 16.594  -8.873  1.638   1.00 36.93 ? 155 VAL A N   1 
ATOM   1149 C CA  . VAL A 1 155 ? 17.055  -8.261  0.400   1.00 36.36 ? 155 VAL A CA  1 
ATOM   1150 C C   . VAL A 1 155 ? 16.000  -7.841  -0.586  1.00 34.82 ? 155 VAL A C   1 
ATOM   1151 O O   . VAL A 1 155 ? 16.339  -7.343  -1.660  1.00 31.46 ? 155 VAL A O   1 
ATOM   1152 C CB  . VAL A 1 155 ? 18.080  -9.164  -0.321  1.00 38.88 ? 155 VAL A CB  1 
ATOM   1153 C CG1 . VAL A 1 155 ? 19.207  -9.484  0.644   1.00 38.04 ? 155 VAL A CG1 1 
ATOM   1154 C CG2 . VAL A 1 155 ? 17.418  -10.441 -0.817  1.00 39.79 ? 155 VAL A CG2 1 
ATOM   1155 N N   . THR A 1 156 ? 14.727  -8.078  -0.252  1.00 33.14 ? 156 THR A N   1 
ATOM   1156 C CA  . THR A 1 156 ? 13.639  -7.620  -1.109  1.00 32.84 ? 156 THR A CA  1 
ATOM   1157 C C   . THR A 1 156 ? 12.688  -6.973  -0.131  1.00 32.58 ? 156 THR A C   1 
ATOM   1158 O O   . THR A 1 156 ? 12.616  -7.372  1.040   1.00 34.46 ? 156 THR A O   1 
ATOM   1159 C CB  . THR A 1 156 ? 12.895  -8.740  -1.863  1.00 33.08 ? 156 THR A CB  1 
ATOM   1160 O OG1 . THR A 1 156 ? 12.375  -9.694  -0.918  1.00 34.73 ? 156 THR A OG1 1 
ATOM   1161 C CG2 . THR A 1 156 ? 13.803  -9.386  -2.857  1.00 35.75 ? 156 THR A CG2 1 
ATOM   1162 N N   . PRO A 1 157 ? 11.941  -5.966  -0.593  1.00 31.69 ? 157 PRO A N   1 
ATOM   1163 C CA  . PRO A 1 157 ? 11.001  -5.268  0.280   1.00 31.83 ? 157 PRO A CA  1 
ATOM   1164 C C   . PRO A 1 157 ? 9.678   -5.939  0.583   1.00 30.30 ? 157 PRO A C   1 
ATOM   1165 O O   . PRO A 1 157 ? 9.261   -6.893  -0.087  1.00 29.71 ? 157 PRO A O   1 
ATOM   1166 C CB  . PRO A 1 157 ? 10.826  -3.905  -0.418  1.00 31.65 ? 157 PRO A CB  1 
ATOM   1167 C CG  . PRO A 1 157 ? 10.998  -4.219  -1.862  1.00 32.28 ? 157 PRO A CG  1 
ATOM   1168 C CD  . PRO A 1 157 ? 12.045  -5.330  -1.921  1.00 31.51 ? 157 PRO A CD  1 
ATOM   1169 N N   . ARG A 1 158 ? 9.047   -5.428  1.638   1.00 30.91 ? 158 ARG A N   1 
ATOM   1170 C CA  . ARG A 1 158 ? 7.719   -5.854  2.074   1.00 30.24 ? 158 ARG A CA  1 
ATOM   1171 C C   . ARG A 1 158 ? 6.829   -4.659  1.724   1.00 29.81 ? 158 ARG A C   1 
ATOM   1172 O O   . ARG A 1 158 ? 7.255   -3.507  1.895   1.00 29.32 ? 158 ARG A O   1 
ATOM   1173 C CB  . ARG A 1 158 ? 7.713   -6.120  3.572   1.00 31.58 ? 158 ARG A CB  1 
ATOM   1174 C CG  . ARG A 1 158 ? 8.371   -7.470  3.890   1.00 34.97 ? 158 ARG A CG  1 
ATOM   1175 C CD  . ARG A 1 158 ? 8.746   -7.612  5.344   1.00 36.78 ? 158 ARG A CD  1 
ATOM   1176 N NE  . ARG A 1 158 ? 9.373   -8.918  5.596   1.00 37.43 ? 158 ARG A NE  1 
ATOM   1177 C CZ  . ARG A 1 158 ? 8.703   -10.048 5.819   1.00 39.72 ? 158 ARG A CZ  1 
ATOM   1178 N NH1 . ARG A 1 158 ? 7.371   -10.066 5.838   1.00 38.08 ? 158 ARG A NH1 1 
ATOM   1179 N NH2 . ARG A 1 158 ? 9.367   -11.184 6.014   1.00 39.73 ? 158 ARG A NH2 1 
ATOM   1180 N N   . PHE A 1 159 ? 5.632   -4.931  1.203   1.00 27.93 ? 159 PHE A N   1 
ATOM   1181 C CA  . PHE A 1 159 ? 4.683   -3.883  0.814   1.00 28.21 ? 159 PHE A CA  1 
ATOM   1182 C C   . PHE A 1 159 ? 3.504   -3.876  1.785   1.00 28.28 ? 159 PHE A C   1 
ATOM   1183 O O   . PHE A 1 159 ? 2.896   -4.932  2.044   1.00 31.00 ? 159 PHE A O   1 
ATOM   1184 C CB  . PHE A 1 159 ? 4.195   -4.130  -0.620  1.00 27.05 ? 159 PHE A CB  1 
ATOM   1185 C CG  . PHE A 1 159 ? 5.237   -3.838  -1.661  1.00 28.93 ? 159 PHE A CG  1 
ATOM   1186 C CD1 . PHE A 1 159 ? 6.391   -4.627  -1.770  1.00 30.00 ? 159 PHE A CD1 1 
ATOM   1187 C CD2 . PHE A 1 159 ? 5.117   -2.717  -2.464  1.00 28.30 ? 159 PHE A CD2 1 
ATOM   1188 C CE1 . PHE A 1 159 ? 7.427   -4.267  -2.668  1.00 33.14 ? 159 PHE A CE1 1 
ATOM   1189 C CE2 . PHE A 1 159 ? 6.151   -2.349  -3.365  1.00 31.53 ? 159 PHE A CE2 1 
ATOM   1190 C CZ  . PHE A 1 159 ? 7.298   -3.121  -3.465  1.00 29.58 ? 159 PHE A CZ  1 
ATOM   1191 N N   . VAL A 1 160 ? 3.190   -2.705  2.325   1.00 29.51 ? 160 VAL A N   1 
ATOM   1192 C CA  . VAL A 1 160 ? 2.105   -2.555  3.302   1.00 26.53 ? 160 VAL A CA  1 
ATOM   1193 C C   . VAL A 1 160 ? 0.956   -1.799  2.635   1.00 27.46 ? 160 VAL A C   1 
ATOM   1194 O O   . VAL A 1 160 ? 1.188   -0.817  1.923   1.00 26.94 ? 160 VAL A O   1 
ATOM   1195 C CB  . VAL A 1 160 ? 2.626   -1.785  4.526   1.00 26.82 ? 160 VAL A CB  1 
ATOM   1196 C CG1 . VAL A 1 160 ? 1.574   -1.688  5.617   1.00 26.33 ? 160 VAL A CG1 1 
ATOM   1197 C CG2 . VAL A 1 160 ? 3.926   -2.454  5.029   1.00 28.19 ? 160 VAL A CG2 1 
ATOM   1198 N N   . TYR A 1 161 ? -0.269  -2.275  2.868   1.00 25.41 ? 161 TYR A N   1 
ATOM   1199 C CA  . TYR A 1 161 ? -1.506  -1.709  2.303   1.00 26.91 ? 161 TYR A CA  1 
ATOM   1200 C C   . TYR A 1 161 ? -2.469  -1.362  3.437   1.00 28.94 ? 161 TYR A C   1 
ATOM   1201 O O   . TYR A 1 161 ? -2.562  -2.111  4.424   1.00 29.48 ? 161 TYR A O   1 
ATOM   1202 C CB  . TYR A 1 161 ? -2.229  -2.747  1.442   1.00 27.13 ? 161 TYR A CB  1 
ATOM   1203 C CG  . TYR A 1 161 ? -1.433  -3.283  0.275   1.00 29.20 ? 161 TYR A CG  1 
ATOM   1204 C CD1 . TYR A 1 161 ? -0.453  -4.269  0.458   1.00 27.79 ? 161 TYR A CD1 1 
ATOM   1205 C CD2 . TYR A 1 161 ? -1.642  -2.777  -1.008  1.00 27.20 ? 161 TYR A CD2 1 
ATOM   1206 C CE1 . TYR A 1 161 ? 0.304   -4.740  -0.631  1.00 29.71 ? 161 TYR A CE1 1 
ATOM   1207 C CE2 . TYR A 1 161 ? -0.897  -3.239  -2.092  1.00 28.94 ? 161 TYR A CE2 1 
ATOM   1208 C CZ  . TYR A 1 161 ? 0.066   -4.216  -1.897  1.00 29.33 ? 161 TYR A CZ  1 
ATOM   1209 O OH  . TYR A 1 161 ? 0.745   -4.715  -2.984  1.00 30.91 ? 161 TYR A OH  1 
ATOM   1210 N N   . ILE A 1 162 ? -3.198  -0.264  3.280   1.00 29.08 ? 162 ILE A N   1 
ATOM   1211 C CA  . ILE A 1 162 ? -4.186  0.175   4.265   1.00 31.47 ? 162 ILE A CA  1 
ATOM   1212 C C   . ILE A 1 162 ? -5.459  -0.450  3.698   1.00 33.46 ? 162 ILE A C   1 
ATOM   1213 O O   . ILE A 1 162 ? -6.023  0.035   2.705   1.00 31.92 ? 162 ILE A O   1 
ATOM   1214 C CB  . ILE A 1 162 ? -4.216  1.718   4.313   1.00 31.34 ? 162 ILE A CB  1 
ATOM   1215 C CG1 . ILE A 1 162 ? -2.870  2.202   4.871   1.00 27.30 ? 162 ILE A CG1 1 
ATOM   1216 C CG2 . ILE A 1 162 ? -5.368  2.202   5.212   1.00 29.39 ? 162 ILE A CG2 1 
ATOM   1217 C CD1 . ILE A 1 162 ? -2.675  3.697   4.892   1.00 31.52 ? 162 ILE A CD1 1 
ATOM   1218 N N   . SER A 1 163 ? -5.876  -1.543  4.345   1.00 32.56 ? 163 SER A N   1 
ATOM   1219 C CA  . SER A 1 163 ? -6.973  -2.356  3.841   1.00 34.44 ? 163 SER A CA  1 
ATOM   1220 C C   . SER A 1 163 ? -8.318  -1.692  3.599   1.00 35.38 ? 163 SER A C   1 
ATOM   1221 O O   . SER A 1 163 ? -8.999  -2.037  2.628   1.00 36.09 ? 163 SER A O   1 
ATOM   1222 C CB  . SER A 1 163 ? -7.116  -3.626  4.703   1.00 33.86 ? 163 SER A CB  1 
ATOM   1223 O OG  . SER A 1 163 ? -7.514  -3.319  6.014   1.00 43.22 ? 163 SER A OG  1 
ATOM   1224 N N   . ASP A 1 164 ? -8.682  -0.714  4.420   1.00 34.32 ? 164 ASP A N   1 
ATOM   1225 C CA  . ASP A 1 164 ? -9.948  -0.035  4.219   1.00 36.40 ? 164 ASP A CA  1 
ATOM   1226 C C   . ASP A 1 164 ? -9.936  0.856   2.991   1.00 37.12 ? 164 ASP A C   1 
ATOM   1227 O O   . ASP A 1 164 ? -10.986 1.301   2.536   1.00 36.16 ? 164 ASP A O   1 
ATOM   1228 C CB  . ASP A 1 164 ? -10.331 0.718   5.489   1.00 35.35 ? 164 ASP A CB  1 
ATOM   1229 C CG  . ASP A 1 164 ? -10.767 -0.239  6.588   1.00 36.43 ? 164 ASP A CG  1 
ATOM   1230 O OD1 . ASP A 1 164 ? -11.744 -0.977  6.353   1.00 37.09 ? 164 ASP A OD1 1 
ATOM   1231 O OD2 . ASP A 1 164 ? -10.139 -0.296  7.660   1.00 35.63 ? 164 ASP A OD2 1 
ATOM   1232 N N   . GLY A 1 165 ? -8.752  1.084   2.420   1.00 36.57 ? 165 GLY A N   1 
ATOM   1233 C CA  . GLY A 1 165 ? -8.697  1.902   1.215   1.00 35.33 ? 165 GLY A CA  1 
ATOM   1234 C C   . GLY A 1 165 ? -8.839  1.027   -0.022  1.00 36.76 ? 165 GLY A C   1 
ATOM   1235 O O   . GLY A 1 165 ? -8.746  1.494   -1.155  1.00 37.24 ? 165 GLY A O   1 
ATOM   1236 N N   . LEU A 1 166 ? -9.096  -0.258  0.197   1.00 37.67 ? 166 LEU A N   1 
ATOM   1237 C CA  . LEU A 1 166 ? -9.209  -1.211  -0.896  1.00 38.98 ? 166 LEU A CA  1 
ATOM   1238 C C   . LEU A 1 166 ? -10.494 -2.033  -0.858  1.00 40.65 ? 166 LEU A C   1 
ATOM   1239 O O   . LEU A 1 166 ? -11.119 -2.182  0.189   1.00 38.99 ? 166 LEU A O   1 
ATOM   1240 C CB  . LEU A 1 166 ? -8.068  -2.205  -0.799  1.00 39.70 ? 166 LEU A CB  1 
ATOM   1241 C CG  . LEU A 1 166 ? -6.657  -1.993  -1.315  1.00 41.22 ? 166 LEU A CG  1 
ATOM   1242 C CD1 . LEU A 1 166 ? -6.237  -0.552  -1.418  1.00 41.23 ? 166 LEU A CD1 1 
ATOM   1243 C CD2 . LEU A 1 166 ? -5.788  -2.798  -0.368  1.00 40.36 ? 166 LEU A CD2 1 
ATOM   1244 N N   . TYR A 1 167 ? -10.874 -2.578  -2.003  1.00 41.51 ? 167 TYR A N   1 
ATOM   1245 C CA  . TYR A 1 167 ? -12.028 -3.461  -2.017  1.00 45.21 ? 167 TYR A CA  1 
ATOM   1246 C C   . TYR A 1 167 ? -11.620 -4.704  -2.804  1.00 46.51 ? 167 TYR A C   1 
ATOM   1247 O O   . TYR A 1 167 ? -10.698 -4.662  -3.627  1.00 46.50 ? 167 TYR A O   1 
ATOM   1248 C CB  . TYR A 1 167 ? -13.261 -2.773  -2.607  1.00 42.78 ? 167 TYR A CB  1 
ATOM   1249 C CG  . TYR A 1 167 ? -13.204 -2.533  -4.078  1.00 43.07 ? 167 TYR A CG  1 
ATOM   1250 C CD1 . TYR A 1 167 ? -13.592 -3.522  -4.981  1.00 42.50 ? 167 TYR A CD1 1 
ATOM   1251 C CD2 . TYR A 1 167 ? -12.790 -1.307  -4.572  1.00 42.62 ? 167 TYR A CD2 1 
ATOM   1252 C CE1 . TYR A 1 167 ? -13.571 -3.288  -6.348  1.00 43.75 ? 167 TYR A CE1 1 
ATOM   1253 C CE2 . TYR A 1 167 ? -12.753 -1.061  -5.933  1.00 44.46 ? 167 TYR A CE2 1 
ATOM   1254 C CZ  . TYR A 1 167 ? -13.154 -2.055  -6.816  1.00 43.20 ? 167 TYR A CZ  1 
ATOM   1255 O OH  . TYR A 1 167 ? -13.144 -1.791  -8.157  1.00 44.48 ? 167 TYR A OH  1 
ATOM   1256 N N   . GLU A 1 168 ? -12.282 -5.811  -2.499  1.00 48.60 ? 168 GLU A N   1 
ATOM   1257 C CA  . GLU A 1 168 ? -12.004 -7.097  -3.109  1.00 52.90 ? 168 GLU A CA  1 
ATOM   1258 C C   . GLU A 1 168 ? -12.866 -7.375  -4.321  1.00 55.64 ? 168 GLU A C   1 
ATOM   1259 O O   . GLU A 1 168 ? -14.047 -7.020  -4.352  1.00 55.29 ? 168 GLU A O   1 
ATOM   1260 C CB  . GLU A 1 168 ? -12.190 -8.203  -2.064  1.00 53.54 ? 168 GLU A CB  1 
ATOM   1261 C CG  . GLU A 1 168 ? -11.085 -8.213  -1.018  1.00 56.18 ? 168 GLU A CG  1 
ATOM   1262 C CD  . GLU A 1 168 ? -11.407 -9.040  0.211   1.00 56.87 ? 168 GLU A CD  1 
ATOM   1263 O OE1 . GLU A 1 168 ? -11.996 -10.132 0.067   1.00 58.16 ? 168 GLU A OE1 1 
ATOM   1264 O OE2 . GLU A 1 168 ? -11.046 -8.603  1.325   1.00 57.23 ? 168 GLU A OE2 1 
ATOM   1265 N N   . GLU A 1 169 ? -12.267 -8.012  -5.321  1.00 57.69 ? 169 GLU A N   1 
ATOM   1266 C CA  . GLU A 1 169 ? -12.985 -8.342  -6.540  1.00 61.76 ? 169 GLU A CA  1 
ATOM   1267 C C   . GLU A 1 169 ? -12.540 -9.715  -7.037  1.00 65.11 ? 169 GLU A C   1 
ATOM   1268 O O   . GLU A 1 169 ? -11.372 -10.102 -6.894  1.00 64.07 ? 169 GLU A O   1 
ATOM   1269 C CB  . GLU A 1 169 ? -12.731 -7.274  -7.603  1.00 61.70 ? 169 GLU A CB  1 
ATOM   1270 C CG  . GLU A 1 169 ? -13.477 -7.509  -8.903  1.00 63.84 ? 169 GLU A CG  1 
ATOM   1271 C CD  . GLU A 1 169 ? -13.248 -6.413  -9.933  1.00 65.52 ? 169 GLU A CD  1 
ATOM   1272 O OE1 . GLU A 1 169 ? -13.726 -5.271  -9.721  1.00 65.56 ? 169 GLU A OE1 1 
ATOM   1273 O OE2 . GLU A 1 169 ? -12.590 -6.701  -10.959 1.00 66.16 ? 169 GLU A OE2 1 
ATOM   1274 N N   . LYS A 1 170 ? -13.481 -10.458 -7.610  1.00 69.28 ? 170 LYS A N   1 
ATOM   1275 C CA  . LYS A 1 170 ? -13.206 -11.795 -8.120  1.00 73.40 ? 170 LYS A CA  1 
ATOM   1276 C C   . LYS A 1 170 ? -13.310 -11.790 -9.643  1.00 76.05 ? 170 LYS A C   1 
ATOM   1277 O O   . LYS A 1 170 ? -14.296 -11.298 -10.208 1.00 77.61 ? 170 LYS A O   1 
ATOM   1278 C CB  . LYS A 1 170 ? -14.215 -12.789 -7.527  1.00 73.66 ? 170 LYS A CB  1 
ATOM   1279 C CG  . LYS A 1 170 ? -13.858 -14.264 -7.696  1.00 74.65 ? 170 LYS A CG  1 
ATOM   1280 C CD  . LYS A 1 170 ? -14.886 -15.185 -7.008  1.00 75.36 ? 170 LYS A CD  1 
ATOM   1281 C CE  . LYS A 1 170 ? -16.257 -15.134 -7.687  1.00 74.61 ? 170 LYS A CE  1 
ATOM   1282 N NZ  . LYS A 1 170 ? -17.303 -15.853 -6.904  1.00 74.80 ? 170 LYS A NZ  1 
ATOM   1283 N N   . PHE A 1 171 ? -12.289 -12.331 -10.302 1.00 78.26 ? 171 PHE A N   1 
ATOM   1284 C CA  . PHE A 1 171 ? -12.260 -12.403 -11.764 1.00 79.82 ? 171 PHE A CA  1 
ATOM   1285 C C   . PHE A 1 171 ? -13.471 -13.129 -12.377 1.00 80.50 ? 171 PHE A C   1 
ATOM   1286 O O   . PHE A 1 171 ? -14.424 -13.469 -11.631 1.00 80.46 ? 171 PHE A O   1 
ATOM   1287 C CB  . PHE A 1 171 ? -10.965 -13.086 -12.227 1.00 80.08 ? 171 PHE A CB  1 
ATOM   1288 C CG  . PHE A 1 171 ? -9.835  -12.130 -12.486 1.00 80.36 ? 171 PHE A CG  1 
ATOM   1289 C CD1 . PHE A 1 171 ? -9.872  -11.279 -13.588 1.00 79.90 ? 171 PHE A CD1 1 
ATOM   1290 C CD2 . PHE A 1 171 ? -8.733  -12.080 -11.631 1.00 80.95 ? 171 PHE A CD2 1 
ATOM   1291 C CE1 . PHE A 1 171 ? -8.829  -10.389 -13.839 1.00 81.30 ? 171 PHE A CE1 1 
ATOM   1292 C CE2 . PHE A 1 171 ? -7.680  -11.192 -11.871 1.00 81.52 ? 171 PHE A CE2 1 
ATOM   1293 C CZ  . PHE A 1 171 ? -7.726  -10.345 -12.975 1.00 81.40 ? 171 PHE A CZ  1 
ATOM   1294 O OXT . PHE A 1 171 ? -13.451 -13.338 -13.614 1.00 81.28 ? 171 PHE A OXT 1 
HETATM 1295 O O   . HOH B 2 .   ? -2.030  5.845   1.986   1.00 30.85 ? 172 HOH A O   1 
HETATM 1296 O O   . HOH B 2 .   ? 9.622   6.161   -2.784  1.00 27.05 ? 173 HOH A O   1 
HETATM 1297 O O   . HOH B 2 .   ? 13.001  -1.132  -3.724  1.00 36.44 ? 174 HOH A O   1 
HETATM 1298 O O   . HOH B 2 .   ? -7.654  0.267   6.735   1.00 29.70 ? 175 HOH A O   1 
HETATM 1299 O O   . HOH B 2 .   ? 11.386  -0.024  -0.069  1.00 30.35 ? 176 HOH A O   1 
HETATM 1300 O O   . HOH B 2 .   ? 12.689  1.534   1.776   1.00 34.41 ? 177 HOH A O   1 
HETATM 1301 O O   . HOH B 2 .   ? 20.893  -1.285  -24.960 1.00 29.28 ? 178 HOH A O   1 
HETATM 1302 O O   . HOH B 2 .   ? 7.779   20.035  1.737   1.00 32.51 ? 179 HOH A O   1 
HETATM 1303 O O   . HOH B 2 .   ? 10.861  8.052   2.757   1.00 35.16 ? 180 HOH A O   1 
HETATM 1304 O O   . HOH B 2 .   ? 13.439  0.205   4.728   1.00 32.04 ? 181 HOH A O   1 
HETATM 1305 O O   . HOH B 2 .   ? 9.893   10.044  -0.091  1.00 32.28 ? 182 HOH A O   1 
HETATM 1306 O O   . HOH B 2 .   ? 10.124  -1.348  -3.448  1.00 37.46 ? 183 HOH A O   1 
HETATM 1307 O O   . HOH B 2 .   ? 11.963  -6.957  3.681   1.00 31.64 ? 184 HOH A O   1 
HETATM 1308 O O   . HOH B 2 .   ? 13.252  2.211   -6.027  1.00 30.40 ? 185 HOH A O   1 
HETATM 1309 O O   . HOH B 2 .   ? 22.448  -8.409  -9.708  1.00 43.23 ? 186 HOH A O   1 
HETATM 1310 O O   . HOH B 2 .   ? 10.620  -0.750  -7.635  1.00 38.75 ? 187 HOH A O   1 
HETATM 1311 O O   . HOH B 2 .   ? -2.847  5.833   -7.952  1.00 35.74 ? 188 HOH A O   1 
HETATM 1312 O O   . HOH B 2 .   ? -15.869 -0.326  13.448  1.00 43.59 ? 189 HOH A O   1 
HETATM 1313 O O   . HOH B 2 .   ? 7.263   16.752  -1.554  1.00 36.37 ? 190 HOH A O   1 
HETATM 1314 O O   . HOH B 2 .   ? 22.194  -2.252  -20.208 1.00 36.28 ? 191 HOH A O   1 
HETATM 1315 O O   . HOH B 2 .   ? 13.585  -12.910 -4.531  1.00 32.94 ? 192 HOH A O   1 
HETATM 1316 O O   . HOH B 2 .   ? -7.706  3.920   -1.431  1.00 34.03 ? 193 HOH A O   1 
HETATM 1317 O O   . HOH B 2 .   ? -2.278  -0.382  -10.235 1.00 36.49 ? 194 HOH A O   1 
HETATM 1318 O O   . HOH B 2 .   ? 7.564   -13.019 -10.189 1.00 45.32 ? 195 HOH A O   1 
HETATM 1319 O O   . HOH B 2 .   ? -6.969  11.888  -0.558  1.00 43.81 ? 196 HOH A O   1 
HETATM 1320 O O   . HOH B 2 .   ? 4.013   -12.318 1.922   1.00 46.50 ? 197 HOH A O   1 
HETATM 1321 O O   . HOH B 2 .   ? 7.299   11.999  13.401  1.00 50.16 ? 198 HOH A O   1 
HETATM 1322 O O   . HOH B 2 .   ? 4.663   -10.055 9.439   1.00 40.87 ? 199 HOH A O   1 
HETATM 1323 O O   . HOH B 2 .   ? -4.633  3.942   -7.397  1.00 37.96 ? 200 HOH A O   1 
HETATM 1324 O O   . HOH B 2 .   ? 1.878   19.980  0.563   1.00 38.35 ? 201 HOH A O   1 
HETATM 1325 O O   . HOH B 2 .   ? -1.966  -12.341 -9.007  1.00 38.49 ? 202 HOH A O   1 
HETATM 1326 O O   . HOH B 2 .   ? -11.057 -3.986  2.547   1.00 53.76 ? 203 HOH A O   1 
HETATM 1327 O O   . HOH B 2 .   ? 1.725   -12.365 10.019  1.00 38.91 ? 204 HOH A O   1 
HETATM 1328 O O   . HOH B 2 .   ? -5.378  -6.649  14.351  1.00 42.85 ? 205 HOH A O   1 
HETATM 1329 O O   . HOH B 2 .   ? 3.541   -14.836 -1.058  1.00 39.14 ? 206 HOH A O   1 
HETATM 1330 O O   . HOH B 2 .   ? 2.555   -10.929 13.896  1.00 45.15 ? 207 HOH A O   1 
HETATM 1331 O O   . HOH B 2 .   ? 10.232  14.114  -3.843  1.00 39.44 ? 208 HOH A O   1 
HETATM 1332 O O   . HOH B 2 .   ? -4.732  13.087  0.216   1.00 36.72 ? 209 HOH A O   1 
HETATM 1333 O O   . HOH B 2 .   ? -3.056  2.891   -5.253  1.00 37.15 ? 210 HOH A O   1 
HETATM 1334 O O   . HOH B 2 .   ? 11.964  3.383   -8.122  1.00 35.05 ? 211 HOH A O   1 
HETATM 1335 O O   . HOH B 2 .   ? 14.876  -11.250 1.660   1.00 47.95 ? 212 HOH A O   1 
HETATM 1336 O O   . HOH B 2 .   ? -10.279 -3.505  5.552   1.00 57.51 ? 213 HOH A O   1 
HETATM 1337 O O   . HOH B 2 .   ? 0.928   4.109   -15.026 1.00 49.37 ? 214 HOH A O   1 
HETATM 1338 O O   . HOH B 2 .   ? 6.727   -12.450 -3.510  1.00 34.92 ? 215 HOH A O   1 
HETATM 1339 O O   . HOH B 2 .   ? -3.473  3.643   1.178   1.00 45.88 ? 216 HOH A O   1 
HETATM 1340 O O   . HOH B 2 .   ? -11.400 -8.585  13.252  1.00 43.02 ? 217 HOH A O   1 
HETATM 1341 O O   . HOH B 2 .   ? -14.483 10.042  0.180   1.00 49.01 ? 218 HOH A O   1 
HETATM 1342 O O   . HOH B 2 .   ? 2.495   -10.223 -13.088 1.00 53.91 ? 219 HOH A O   1 
HETATM 1343 O O   . HOH B 2 .   ? 0.951   22.959  8.782   1.00 46.85 ? 220 HOH A O   1 
HETATM 1344 O O   . HOH B 2 .   ? 11.161  14.625  4.233   1.00 42.19 ? 221 HOH A O   1 
HETATM 1345 O O   . HOH B 2 .   ? 2.180   3.955   16.702  1.00 41.71 ? 222 HOH A O   1 
HETATM 1346 O O   . HOH B 2 .   ? 24.311  -8.186  -23.065 1.00 39.60 ? 223 HOH A O   1 
HETATM 1347 O O   . HOH B 2 .   ? -2.446  1.202   0.922   1.00 40.84 ? 224 HOH A O   1 
HETATM 1348 O O   . HOH B 2 .   ? -6.133  -6.103  6.770   1.00 37.68 ? 225 HOH A O   1 
HETATM 1349 O O   . HOH B 2 .   ? -0.392  1.810   -4.805  1.00 38.12 ? 226 HOH A O   1 
HETATM 1350 O O   . HOH B 2 .   ? 15.952  -9.934  -22.984 1.00 62.59 ? 227 HOH A O   1 
HETATM 1351 O O   . HOH B 2 .   ? 9.597   14.984  11.897  1.00 48.42 ? 228 HOH A O   1 
HETATM 1352 O O   . HOH B 2 .   ? 11.948  -13.643 -0.373  1.00 53.39 ? 229 HOH A O   1 
HETATM 1353 O O   . HOH B 2 .   ? -14.438 -5.980  -0.901  1.00 50.04 ? 230 HOH A O   1 
HETATM 1354 O O   . HOH B 2 .   ? 12.461  8.688   9.586   1.00 45.86 ? 231 HOH A O   1 
HETATM 1355 O O   . HOH B 2 .   ? 6.899   -8.312  8.988   1.00 41.34 ? 232 HOH A O   1 
HETATM 1356 O O   . HOH B 2 .   ? 10.942  7.543   -0.856  1.00 40.69 ? 233 HOH A O   1 
HETATM 1357 O O   . HOH B 2 .   ? -2.870  13.236  -8.772  1.00 47.52 ? 234 HOH A O   1 
HETATM 1358 O O   . HOH B 2 .   ? 12.713  -14.887 -8.352  1.00 49.87 ? 235 HOH A O   1 
HETATM 1359 O O   . HOH B 2 .   ? 0.530   -6.819  18.163  1.00 49.56 ? 236 HOH A O   1 
HETATM 1360 O O   . HOH B 2 .   ? -2.526  0.419   -1.744  1.00 37.04 ? 237 HOH A O   1 
HETATM 1361 O O   . HOH B 2 .   ? 21.201  0.545   -21.873 1.00 42.49 ? 238 HOH A O   1 
HETATM 1362 O O   . HOH B 2 .   ? 16.842  -9.519  8.810   1.00 58.89 ? 239 HOH A O   1 
HETATM 1363 O O   . HOH B 2 .   ? -10.332 14.749  2.097   1.00 47.67 ? 240 HOH A O   1 
HETATM 1364 O O   . HOH B 2 .   ? -18.462 1.819   12.493  1.00 42.11 ? 241 HOH A O   1 
HETATM 1365 O O   . HOH B 2 .   ? -2.741  -3.287  -12.283 1.00 56.43 ? 242 HOH A O   1 
HETATM 1366 O O   . HOH B 2 .   ? 13.252  11.244  -5.286  1.00 47.05 ? 243 HOH A O   1 
HETATM 1367 O O   . HOH B 2 .   ? 2.552   -8.779  17.006  1.00 59.34 ? 244 HOH A O   1 
HETATM 1368 O O   . HOH B 2 .   ? -13.316 -1.620  4.463   1.00 46.80 ? 245 HOH A O   1 
HETATM 1369 O O   . HOH B 2 .   ? -13.004 -0.499  1.740   1.00 55.11 ? 246 HOH A O   1 
HETATM 1370 O O   . HOH B 2 .   ? 1.654   3.182   -12.076 1.00 45.35 ? 247 HOH A O   1 
HETATM 1371 O O   . HOH B 2 .   ? 7.935   -3.215  -14.216 1.00 39.04 ? 248 HOH A O   1 
HETATM 1372 O O   . HOH B 2 .   ? -8.216  -16.023 -4.317  1.00 45.66 ? 249 HOH A O   1 
HETATM 1373 O O   . HOH B 2 .   ? 9.379   18.347  -1.252  1.00 39.90 ? 250 HOH A O   1 
HETATM 1374 O O   . HOH B 2 .   ? 9.299   -1.996  -12.046 1.00 39.06 ? 251 HOH A O   1 
HETATM 1375 O O   . HOH B 2 .   ? -2.993  -14.681 2.808   1.00 42.78 ? 252 HOH A O   1 
HETATM 1376 O O   . HOH B 2 .   ? 10.608  0.277   9.269   1.00 57.43 ? 253 HOH A O   1 
HETATM 1377 O O   . HOH B 2 .   ? 1.633   18.602  9.024   1.00 50.27 ? 254 HOH A O   1 
HETATM 1378 O O   . HOH B 2 .   ? 13.878  -3.715  10.040  1.00 62.21 ? 255 HOH A O   1 
HETATM 1379 O O   . HOH B 2 .   ? 14.338  3.953   1.441   1.00 51.64 ? 256 HOH A O   1 
HETATM 1380 O O   . HOH B 2 .   ? 10.455  -2.870  -9.594  1.00 32.15 ? 257 HOH A O   1 
HETATM 1381 O O   . HOH B 2 .   ? -2.972  -11.544 12.476  1.00 43.49 ? 258 HOH A O   1 
HETATM 1382 O O   . HOH B 2 .   ? -4.531  1.664   -3.059  1.00 45.29 ? 259 HOH A O   1 
HETATM 1383 O O   . HOH B 2 .   ? -1.780  6.717   -5.555  1.00 51.99 ? 260 HOH A O   1 
HETATM 1384 O O   . HOH B 2 .   ? 9.179   3.086   15.739  1.00 50.91 ? 261 HOH A O   1 
HETATM 1385 O O   . HOH B 2 .   ? 4.409   5.197   -14.637 1.00 57.46 ? 262 HOH A O   1 
HETATM 1386 O O   . HOH B 2 .   ? -5.219  -1.926  -12.583 1.00 53.04 ? 263 HOH A O   1 
HETATM 1387 O O   . HOH B 2 .   ? 14.625  -12.702 -0.681  1.00 56.02 ? 264 HOH A O   1 
HETATM 1388 O O   . HOH B 2 .   ? -5.036  -12.658 10.844  1.00 52.38 ? 265 HOH A O   1 
HETATM 1389 O O   . HOH B 2 .   ? -0.409  -17.775 0.949   1.00 58.48 ? 266 HOH A O   1 
HETATM 1390 O O   . HOH B 2 .   ? 11.765  17.413  -0.295  1.00 45.59 ? 267 HOH A O   1 
HETATM 1391 O O   . HOH B 2 .   ? -14.558 -5.883  10.509  1.00 54.11 ? 268 HOH A O   1 
HETATM 1392 O O   . HOH B 2 .   ? 17.645  -12.186 10.769  1.00 64.23 ? 269 HOH A O   1 
HETATM 1393 O O   . HOH B 2 .   ? -11.983 -7.925  9.311   1.00 62.36 ? 270 HOH A O   1 
HETATM 1394 O O   . HOH B 2 .   ? -5.304  -8.767  6.232   1.00 58.41 ? 271 HOH A O   1 
HETATM 1395 O O   . HOH B 2 .   ? -15.500 8.089   -3.826  1.00 62.07 ? 272 HOH A O   1 
HETATM 1396 O O   . HOH B 2 .   ? -7.787  -7.462  3.492   1.00 59.98 ? 273 HOH A O   1 
HETATM 1397 O O   . HOH B 2 .   ? -20.652 4.155   11.263  1.00 56.37 ? 274 HOH A O   1 
HETATM 1398 O O   . HOH B 2 .   ? 20.596  -7.641  -7.600  1.00 62.97 ? 275 HOH A O   1 
HETATM 1399 O O   . HOH B 2 .   ? -3.003  15.670  -7.139  1.00 59.66 ? 276 HOH A O   1 
HETATM 1400 O O   . HOH B 2 .   ? -0.814  13.701  9.460   1.00 53.91 ? 277 HOH A O   1 
HETATM 1401 O O   . HOH B 2 .   ? -20.271 9.734   4.132   1.00 65.45 ? 278 HOH A O   1 
HETATM 1402 O O   . HOH B 2 .   ? 12.433  10.020  2.744   1.00 50.56 ? 279 HOH A O   1 
HETATM 1403 O O   . HOH B 2 .   ? -13.015 13.627  2.153   1.00 55.01 ? 280 HOH A O   1 
HETATM 1404 O O   . HOH B 2 .   ? 17.012  -5.069  -24.536 1.00 55.83 ? 281 HOH A O   1 
HETATM 1405 O O   . HOH B 2 .   ? -16.785 -4.757  10.815  1.00 59.32 ? 282 HOH A O   1 
HETATM 1406 O O   . HOH B 2 .   ? 0.911   14.496  11.628  1.00 59.69 ? 283 HOH A O   1 
HETATM 1407 O O   . HOH B 2 .   ? -17.082 -5.215  6.999   1.00 65.54 ? 284 HOH A O   1 
HETATM 1408 O O   . HOH B 2 .   ? -1.688  -15.236 5.138   1.00 57.47 ? 285 HOH A O   1 
HETATM 1409 O O   . HOH B 2 .   ? -7.407  12.910  9.100   1.00 62.12 ? 286 HOH A O   1 
HETATM 1410 O O   . HOH B 2 .   ? 22.321  -9.153  -26.174 1.00 53.23 ? 287 HOH A O   1 
HETATM 1411 O O   . HOH B 2 .   ? -11.276 -10.043 11.025  1.00 56.37 ? 288 HOH A O   1 
HETATM 1412 O O   . HOH B 2 .   ? -11.995 6.098   -10.868 1.00 60.30 ? 289 HOH A O   1 
# 
